data_7WUE
#
_entry.id   7WUE
#
_cell.length_a   110.460
_cell.length_b   258.120
_cell.length_c   141.060
_cell.angle_alpha   90.000
_cell.angle_beta   90.000
_cell.angle_gamma   90.000
#
_symmetry.space_group_name_H-M   'C 2 2 21'
#
loop_
_entity.id
_entity.type
_entity.pdbx_description
1 polymer 'Spike protein S1'
2 polymer 'm31A7 Fab HEAVY CHAIN'
3 polymer 'm31A7 Fab LIGHT CHAIN'
4 branched 2-acetamido-2-deoxy-beta-D-glucopyranose-(1-4)-[alpha-L-fucopyranose-(1-6)]2-acetamido-2-deoxy-beta-D-glucopyranose
5 branched beta-D-mannopyranose-(1-4)-2-acetamido-2-deoxy-beta-D-glucopyranose-(1-4)-[alpha-L-fucopyranose-(1-6)]2-acetamido-2-deoxy-beta-D-glucopyranose
#
loop_
_entity_poly.entity_id
_entity_poly.type
_entity_poly.pdbx_seq_one_letter_code
_entity_poly.pdbx_strand_id
1 'polypeptide(L)'
;TNLCPFGEVFNATRFASVYAWNRKRISNCVADYSVLYNSASFSTFKCYGVSPTKLNDLCFTNVYADSFVIRGDEVRQIAP
GQTGKIADYNYKLPDDFTGCVIAWNSNNLDSKVGGNYNYLYRLFRKSNLKPFERDISTEIYQAGSTPCNGVEGFNCYFPL
QSYGFQPTNGVGYQPYRVVVLSFELLHAPATVCGP
;
A,B
2 'polypeptide(L)'
;MGWSLILLFLVAVATRVEVQLQQSGPEMVKPGASVKISCKTSGYTFTEYTIYWVKQSHGKSLEWLGGINPNIGDTTYNQK
FKGKATLTVDTSSSTAYMELRSLTSEDSAVYYCAREVYNYSFAYWGQGTLVTVSAASTTKGPSVFPLAPSSKSTSGGTAA
LGCLVKDYFPEPVTVSWNSGALTSGVHTFPAVLQSSGLYSLSSVVTVPSSSLGTQTYICNVNHKPSNTKVDKKAEPKSC
;
C,E
3 'polypeptide(L)'
;MRVPAQLLGLLLLWLPGARCDIVMSQSPSSLAVSVGEKVTMSCKSSQSLLYSSNQKNYLAWYQQKLGQTPKLLIYWASSR
ESGVPDRFTGSGSGTDFTLTISSVRAEDLAVYYCQQYYRYPLTFGVGTKLELKRTVAAPSVFIFPPSDEQLKSGTASVVC
LLNNFYPREAKVQWKVDNALQSGNSQESVTEQDSKDSTYSLSSTLTLSKADYEKHKVYACEVTHQGLSSPVTKSFNRGEC
;
D,F
#
loop_
_chem_comp.id
_chem_comp.type
_chem_comp.name
_chem_comp.formula
BMA D-saccharide, beta linking beta-D-mannopyranose 'C6 H12 O6'
FUC L-saccharide, alpha linking alpha-L-fucopyranose 'C6 H12 O5'
NAG D-saccharide, beta linking 2-acetamido-2-deoxy-beta-D-glucopyranose 'C8 H15 N O6'
#
# COMPACT_ATOMS: atom_id res chain seq x y z
N THR A 1 26.11 -31.41 -27.36
CA THR A 1 26.31 -30.07 -27.94
C THR A 1 26.24 -28.98 -26.86
N ASN A 2 26.88 -27.83 -27.12
CA ASN A 2 26.95 -26.74 -26.14
C ASN A 2 25.58 -26.28 -25.64
N LEU A 3 25.38 -26.44 -24.33
CA LEU A 3 24.14 -26.04 -23.69
C LEU A 3 24.30 -24.63 -23.10
N CYS A 4 23.35 -23.74 -23.45
CA CYS A 4 23.43 -22.35 -23.02
C CYS A 4 23.38 -22.28 -21.51
N PRO A 5 24.34 -21.66 -20.88
CA PRO A 5 24.49 -21.77 -19.43
C PRO A 5 23.49 -20.92 -18.71
N PHE A 6 22.40 -21.53 -18.29
CA PHE A 6 21.39 -20.84 -17.50
C PHE A 6 21.60 -21.12 -16.02
N GLY A 7 22.48 -22.04 -15.68
CA GLY A 7 22.72 -22.29 -14.27
C GLY A 7 23.36 -21.08 -13.61
N GLU A 8 24.25 -20.40 -14.32
CA GLU A 8 24.78 -19.14 -13.84
C GLU A 8 23.55 -18.27 -13.66
N VAL A 9 23.04 -17.79 -14.80
CA VAL A 9 21.91 -16.87 -14.86
C VAL A 9 20.86 -17.14 -13.79
N PHE A 10 20.57 -18.41 -13.48
CA PHE A 10 19.45 -18.66 -12.57
C PHE A 10 19.88 -19.00 -11.17
N ASN A 11 20.87 -19.87 -11.00
CA ASN A 11 21.26 -20.37 -9.67
C ASN A 11 22.59 -19.80 -9.16
N ALA A 12 22.69 -18.48 -9.08
CA ALA A 12 23.94 -17.82 -8.76
C ALA A 12 23.84 -17.24 -7.37
N THR A 13 24.98 -17.09 -6.70
CA THR A 13 24.87 -16.76 -5.29
C THR A 13 24.26 -15.38 -5.11
N ARG A 14 24.70 -14.40 -5.91
CA ARG A 14 24.33 -12.99 -5.76
C ARG A 14 23.69 -12.50 -7.05
N PHE A 15 22.63 -11.72 -6.93
CA PHE A 15 22.02 -11.00 -8.05
C PHE A 15 22.33 -9.51 -7.94
N ALA A 16 22.34 -8.81 -9.07
CA ALA A 16 22.60 -7.38 -9.05
C ALA A 16 21.36 -6.61 -8.64
N SER A 17 21.58 -5.39 -8.10
CA SER A 17 20.47 -4.54 -7.69
C SER A 17 19.75 -4.00 -8.91
N VAL A 18 18.43 -3.85 -8.80
CA VAL A 18 17.66 -3.62 -10.01
C VAL A 18 18.15 -2.40 -10.75
N TYR A 19 18.67 -1.40 -10.03
CA TYR A 19 19.08 -0.16 -10.69
C TYR A 19 20.25 -0.39 -11.61
N ALA A 20 21.22 -1.19 -11.18
CA ALA A 20 22.38 -1.58 -11.95
C ALA A 20 22.17 -2.95 -12.58
N TRP A 21 20.93 -3.19 -13.04
CA TRP A 21 20.50 -4.49 -13.50
C TRP A 21 21.53 -5.06 -14.46
N ASN A 22 21.63 -6.39 -14.40
CA ASN A 22 22.63 -7.20 -15.05
C ASN A 22 22.11 -7.85 -16.33
N ARG A 23 23.02 -8.06 -17.28
CA ARG A 23 22.66 -8.55 -18.61
C ARG A 23 23.83 -9.36 -19.14
N LYS A 24 23.62 -10.69 -19.28
CA LYS A 24 24.50 -11.60 -20.01
C LYS A 24 23.89 -11.92 -21.37
N ARG A 25 24.74 -12.01 -22.39
CA ARG A 25 24.33 -12.35 -23.76
C ARG A 25 24.54 -13.83 -24.03
N ILE A 26 23.46 -14.51 -24.38
CA ILE A 26 23.45 -15.95 -24.62
C ILE A 26 23.47 -16.16 -26.13
N SER A 27 24.54 -16.76 -26.67
CA SER A 27 24.61 -16.87 -28.12
C SER A 27 25.51 -18.04 -28.52
N ASN A 28 25.16 -18.65 -29.66
CA ASN A 28 25.74 -19.86 -30.21
C ASN A 28 25.60 -21.03 -29.25
N CYS A 29 24.39 -21.60 -29.18
CA CYS A 29 24.16 -22.85 -28.45
C CYS A 29 22.74 -23.35 -28.59
N VAL A 30 22.45 -24.44 -27.89
CA VAL A 30 21.10 -24.96 -27.71
C VAL A 30 20.75 -24.83 -26.25
N ALA A 31 19.54 -24.39 -25.97
CA ALA A 31 19.05 -24.37 -24.60
C ALA A 31 17.61 -24.82 -24.57
N ASP A 32 17.31 -25.77 -23.68
CA ASP A 32 15.92 -26.12 -23.41
C ASP A 32 15.26 -25.08 -22.51
N TYR A 33 14.31 -24.35 -23.10
CA TYR A 33 13.48 -23.43 -22.34
C TYR A 33 12.35 -24.13 -21.61
N SER A 34 12.13 -25.42 -21.86
CA SER A 34 11.14 -26.16 -21.09
C SER A 34 11.75 -26.82 -19.86
N VAL A 35 13.07 -26.78 -19.69
CA VAL A 35 13.65 -26.99 -18.37
C VAL A 35 13.20 -25.89 -17.41
N LEU A 36 12.96 -24.70 -17.92
CA LEU A 36 12.48 -23.61 -17.09
C LEU A 36 10.95 -23.68 -16.97
N TYR A 37 10.24 -23.66 -18.10
CA TYR A 37 8.78 -23.48 -18.06
C TYR A 37 8.08 -24.56 -17.26
N ASN A 38 8.65 -25.77 -17.25
CA ASN A 38 8.07 -26.85 -16.46
C ASN A 38 8.11 -26.55 -14.97
N SER A 39 9.11 -25.80 -14.53
CA SER A 39 9.61 -25.96 -13.16
C SER A 39 8.57 -25.53 -12.14
N ALA A 40 7.83 -24.45 -12.41
CA ALA A 40 6.96 -23.84 -11.41
C ALA A 40 7.73 -23.59 -10.11
N SER A 41 9.07 -23.64 -10.19
CA SER A 41 9.90 -22.88 -9.27
C SER A 41 9.41 -21.46 -9.18
N PHE A 42 8.82 -20.98 -10.26
CA PHE A 42 8.69 -19.56 -10.53
C PHE A 42 7.26 -19.13 -10.25
N SER A 43 7.13 -18.14 -9.37
CA SER A 43 5.84 -17.52 -9.09
C SER A 43 5.32 -16.71 -10.29
N THR A 44 6.19 -16.25 -11.19
CA THR A 44 5.74 -15.59 -12.40
C THR A 44 6.58 -16.06 -13.58
N PHE A 45 5.91 -16.37 -14.68
CA PHE A 45 6.51 -16.72 -15.97
C PHE A 45 5.63 -16.15 -17.08
N LYS A 46 5.26 -14.89 -16.93
CA LYS A 46 4.46 -14.25 -17.97
C LYS A 46 5.32 -14.09 -19.21
N CYS A 47 4.69 -14.20 -20.39
CA CYS A 47 5.40 -14.15 -21.66
C CYS A 47 4.75 -13.11 -22.55
N TYR A 48 5.56 -12.48 -23.39
CA TYR A 48 5.08 -11.37 -24.20
C TYR A 48 5.68 -11.51 -25.60
N GLY A 49 4.82 -11.53 -26.61
CA GLY A 49 5.30 -11.74 -27.96
C GLY A 49 5.26 -13.21 -28.32
N VAL A 50 6.17 -14.00 -27.76
CA VAL A 50 6.31 -15.43 -28.05
C VAL A 50 5.35 -16.25 -27.18
N SER A 51 5.50 -17.59 -27.19
CA SER A 51 4.75 -18.49 -26.32
C SER A 51 5.65 -19.54 -25.70
N PRO A 52 5.42 -19.90 -24.42
CA PRO A 52 6.30 -20.85 -23.74
C PRO A 52 6.04 -22.30 -24.12
N THR A 53 4.77 -22.58 -24.38
CA THR A 53 4.31 -23.92 -24.75
C THR A 53 4.88 -24.28 -26.11
N LYS A 54 5.88 -25.17 -26.11
CA LYS A 54 6.77 -25.38 -27.24
C LYS A 54 7.43 -24.05 -27.60
N LEU A 55 8.55 -23.77 -26.93
CA LEU A 55 9.40 -22.63 -27.22
C LEU A 55 10.77 -23.06 -27.71
N ASN A 56 11.19 -24.30 -27.43
CA ASN A 56 12.52 -24.81 -27.76
C ASN A 56 12.61 -25.35 -29.17
N ASP A 57 11.84 -24.77 -30.10
CA ASP A 57 11.83 -25.17 -31.50
C ASP A 57 12.22 -24.05 -32.44
N LEU A 58 12.12 -22.79 -32.01
CA LEU A 58 12.43 -21.62 -32.84
C LEU A 58 13.90 -21.27 -32.69
N CYS A 59 14.44 -20.62 -33.72
CA CYS A 59 15.81 -20.11 -33.70
C CYS A 59 15.78 -18.59 -33.68
N PHE A 60 16.81 -18.01 -33.04
CA PHE A 60 16.88 -16.57 -32.80
C PHE A 60 18.29 -16.04 -33.00
N THR A 61 18.36 -14.82 -33.55
CA THR A 61 19.62 -14.09 -33.70
C THR A 61 20.35 -13.97 -32.36
N ASN A 62 19.66 -13.41 -31.36
CA ASN A 62 20.24 -12.99 -30.08
C ASN A 62 19.28 -13.32 -28.94
N VAL A 63 19.84 -13.79 -27.83
CA VAL A 63 19.10 -14.01 -26.59
C VAL A 63 19.77 -13.27 -25.43
N TYR A 64 19.02 -12.38 -24.77
CA TYR A 64 19.49 -11.57 -23.64
C TYR A 64 18.74 -11.99 -22.39
N ALA A 65 19.47 -12.46 -21.39
CA ALA A 65 18.88 -12.88 -20.13
C ALA A 65 19.33 -11.90 -19.06
N ASP A 66 18.47 -10.95 -18.75
CA ASP A 66 18.76 -9.93 -17.76
C ASP A 66 18.23 -10.43 -16.43
N SER A 67 18.91 -10.05 -15.35
CA SER A 67 18.61 -10.58 -14.01
C SER A 67 18.92 -9.56 -12.91
N PHE A 68 18.08 -9.52 -11.87
CA PHE A 68 18.24 -8.57 -10.78
C PHE A 68 17.19 -8.84 -9.69
N VAL A 69 17.44 -8.31 -8.48
CA VAL A 69 16.49 -8.43 -7.39
C VAL A 69 15.63 -7.16 -7.28
N ILE A 70 14.32 -7.34 -7.35
CA ILE A 70 13.36 -6.25 -7.23
C ILE A 70 12.58 -6.65 -5.99
N ARG A 71 11.38 -6.12 -5.77
CA ARG A 71 10.57 -6.70 -4.72
C ARG A 71 9.23 -7.17 -5.26
N GLY A 72 8.52 -7.95 -4.44
CA GLY A 72 7.28 -8.57 -4.88
C GLY A 72 6.24 -7.58 -5.39
N ASP A 73 6.09 -6.45 -4.69
CA ASP A 73 5.17 -5.40 -5.11
C ASP A 73 5.43 -4.99 -6.53
N GLU A 74 6.69 -4.95 -6.92
CA GLU A 74 7.12 -4.35 -8.15
C GLU A 74 7.28 -5.35 -9.29
N VAL A 75 7.13 -6.66 -9.04
CA VAL A 75 7.31 -7.65 -10.11
C VAL A 75 6.42 -7.28 -11.29
N ARG A 76 5.23 -6.75 -10.98
CA ARG A 76 4.23 -6.40 -11.99
C ARG A 76 4.62 -5.21 -12.81
N GLN A 77 5.79 -4.64 -12.59
CA GLN A 77 6.32 -3.50 -13.32
C GLN A 77 7.36 -3.90 -14.34
N ILE A 78 7.66 -5.18 -14.47
CA ILE A 78 8.63 -5.59 -15.46
C ILE A 78 7.83 -6.16 -16.62
N ALA A 79 6.75 -5.47 -16.94
CA ALA A 79 5.94 -5.79 -18.08
C ALA A 79 6.24 -4.79 -19.19
N PRO A 80 5.72 -5.03 -20.40
CA PRO A 80 5.72 -3.96 -21.40
C PRO A 80 4.81 -2.83 -20.97
N GLY A 81 5.26 -1.59 -21.21
CA GLY A 81 4.48 -0.41 -20.94
C GLY A 81 4.01 -0.29 -19.51
N GLN A 82 4.93 -0.43 -18.57
CA GLN A 82 4.64 -0.24 -17.16
C GLN A 82 5.23 1.08 -16.69
N THR A 83 4.75 1.54 -15.53
CA THR A 83 5.22 2.78 -14.93
C THR A 83 5.28 2.62 -13.41
N GLY A 84 6.25 3.30 -12.82
CA GLY A 84 6.58 3.13 -11.41
C GLY A 84 8.06 3.41 -11.22
N LYS A 85 8.49 3.40 -9.96
CA LYS A 85 9.89 3.73 -9.70
C LYS A 85 10.84 2.84 -10.51
N ILE A 86 10.43 1.60 -10.83
CA ILE A 86 11.32 0.65 -11.51
C ILE A 86 11.27 0.81 -13.02
N ALA A 87 10.06 0.77 -13.61
CA ALA A 87 9.88 0.98 -15.05
C ALA A 87 10.27 2.39 -15.53
N ASP A 88 10.39 3.36 -14.61
CA ASP A 88 10.76 4.73 -14.94
C ASP A 88 12.24 4.99 -14.72
N TYR A 89 12.76 4.71 -13.52
CA TYR A 89 14.13 5.03 -13.20
C TYR A 89 15.03 3.80 -13.00
N ASN A 90 14.58 2.59 -13.34
CA ASN A 90 15.43 1.43 -13.04
C ASN A 90 15.62 0.39 -14.16
N TYR A 91 14.54 -0.22 -14.67
CA TYR A 91 14.61 -1.21 -15.76
C TYR A 91 13.33 -1.14 -16.59
N LYS A 92 13.48 -0.88 -17.89
CA LYS A 92 12.35 -0.63 -18.77
C LYS A 92 12.42 -1.59 -19.93
N LEU A 93 11.35 -2.35 -20.11
CA LEU A 93 10.97 -3.24 -21.21
C LEU A 93 10.19 -2.46 -22.26
N PRO A 94 10.33 -2.78 -23.51
CA PRO A 94 9.76 -1.91 -24.54
C PRO A 94 8.22 -2.01 -24.67
N ASP A 95 7.66 -1.24 -25.60
CA ASP A 95 6.31 -1.52 -26.06
C ASP A 95 6.24 -2.92 -26.61
N ASP A 96 7.15 -3.22 -27.54
CA ASP A 96 7.18 -4.39 -28.40
C ASP A 96 7.94 -5.53 -27.79
N PHE A 97 7.83 -5.76 -26.49
CA PHE A 97 8.61 -6.84 -25.90
C PHE A 97 8.29 -8.17 -26.59
N THR A 98 9.32 -9.00 -26.79
CA THR A 98 9.14 -10.34 -27.34
C THR A 98 10.04 -11.27 -26.52
N GLY A 99 9.53 -11.71 -25.39
CA GLY A 99 10.33 -12.53 -24.51
C GLY A 99 9.50 -13.05 -23.37
N CYS A 100 10.18 -13.42 -22.29
CA CYS A 100 9.47 -13.85 -21.11
C CYS A 100 10.17 -13.30 -19.89
N VAL A 101 9.40 -13.16 -18.80
CA VAL A 101 9.84 -12.49 -17.58
C VAL A 101 9.56 -13.43 -16.42
N ILE A 102 10.61 -13.99 -15.81
CA ILE A 102 10.52 -15.05 -14.80
C ILE A 102 10.96 -14.53 -13.44
N ALA A 103 10.21 -14.84 -12.39
CA ALA A 103 10.59 -14.40 -11.06
C ALA A 103 10.19 -15.43 -9.99
N TRP A 104 11.00 -15.54 -8.94
CA TRP A 104 10.64 -16.39 -7.82
C TRP A 104 10.96 -15.70 -6.50
N ASN A 105 10.41 -16.25 -5.42
CA ASN A 105 10.58 -15.61 -4.12
C ASN A 105 11.99 -15.82 -3.63
N SER A 106 12.48 -14.87 -2.85
CA SER A 106 13.91 -14.85 -2.57
C SER A 106 14.26 -14.64 -1.10
N ASN A 107 13.31 -14.79 -0.16
CA ASN A 107 13.67 -14.62 1.25
C ASN A 107 14.83 -15.47 1.72
N ASN A 108 14.79 -16.74 1.37
CA ASN A 108 15.74 -17.72 1.91
C ASN A 108 17.17 -17.23 1.75
N LEU A 109 17.46 -16.57 0.64
CA LEU A 109 18.81 -16.18 0.28
C LEU A 109 19.09 -14.71 0.57
N ASP A 110 18.20 -13.82 0.14
CA ASP A 110 18.45 -12.38 0.16
C ASP A 110 17.93 -11.62 1.37
N SER A 111 16.74 -11.92 1.87
CA SER A 111 16.40 -11.35 3.17
C SER A 111 17.52 -11.58 4.19
N LYS A 112 17.44 -10.90 5.33
CA LYS A 112 18.42 -11.04 6.41
C LYS A 112 17.80 -10.46 7.67
N VAL A 113 18.14 -11.01 8.84
CA VAL A 113 17.60 -10.48 10.09
C VAL A 113 18.36 -9.20 10.40
N GLY A 114 17.62 -8.12 10.63
CA GLY A 114 18.20 -6.79 10.69
C GLY A 114 18.29 -6.09 9.35
N GLY A 115 17.55 -6.55 8.35
CA GLY A 115 17.47 -5.86 7.09
C GLY A 115 18.65 -6.13 6.22
N ASN A 116 18.38 -6.41 4.94
CA ASN A 116 19.41 -6.50 3.91
C ASN A 116 19.42 -5.21 3.09
N TYR A 117 20.57 -4.56 3.08
CA TYR A 117 20.71 -3.21 2.57
C TYR A 117 21.54 -3.21 1.29
N ASN A 118 21.81 -4.38 0.75
CA ASN A 118 22.72 -4.51 -0.37
C ASN A 118 22.01 -4.35 -1.69
N TYR A 119 20.69 -4.53 -1.71
CA TYR A 119 19.96 -4.39 -2.95
C TYR A 119 19.42 -2.96 -3.03
N LEU A 120 19.73 -2.26 -4.12
CA LEU A 120 19.29 -0.87 -4.20
C LEU A 120 18.51 -0.60 -5.49
N TYR A 121 17.53 0.31 -5.37
CA TYR A 121 16.79 0.85 -6.51
C TYR A 121 16.92 2.37 -6.57
N ARG A 122 16.64 2.93 -7.73
CA ARG A 122 16.66 4.38 -7.88
C ARG A 122 15.35 5.00 -7.41
N LEU A 123 15.45 6.13 -6.68
CA LEU A 123 14.28 6.92 -6.29
C LEU A 123 13.92 7.97 -7.28
N PHE A 124 14.95 8.57 -7.85
CA PHE A 124 14.90 9.87 -8.49
C PHE A 124 15.69 9.84 -9.79
N ARG A 125 15.08 10.32 -10.86
CA ARG A 125 15.85 10.60 -12.06
C ARG A 125 15.15 11.71 -12.85
N LYS A 126 15.96 12.51 -13.56
CA LYS A 126 15.43 13.67 -14.29
C LYS A 126 14.28 13.24 -15.21
N SER A 127 14.57 12.43 -16.21
CA SER A 127 13.55 11.85 -17.08
C SER A 127 13.53 10.33 -16.95
N ASN A 128 12.53 9.72 -17.59
CA ASN A 128 12.35 8.29 -17.56
C ASN A 128 13.39 7.60 -18.45
N LEU A 129 13.46 6.29 -18.30
CA LEU A 129 14.44 5.47 -18.98
C LEU A 129 13.88 5.01 -20.30
N LYS A 130 14.71 5.04 -21.32
CA LYS A 130 14.42 4.39 -22.58
C LYS A 130 14.59 2.88 -22.41
N PRO A 131 13.80 2.07 -23.12
CA PRO A 131 13.84 0.62 -22.86
C PRO A 131 15.25 0.09 -22.89
N PHE A 132 15.54 -0.80 -21.95
CA PHE A 132 16.77 -1.57 -21.87
C PHE A 132 17.99 -0.69 -21.59
N GLU A 133 17.79 0.60 -21.30
CA GLU A 133 18.85 1.53 -20.89
C GLU A 133 19.25 1.23 -19.45
N ARG A 134 20.29 1.86 -18.91
CA ARG A 134 20.73 1.48 -17.56
C ARG A 134 21.63 2.53 -16.91
N ASP A 135 21.02 3.43 -16.11
CA ASP A 135 21.78 4.43 -15.38
C ASP A 135 22.36 3.80 -14.12
N ILE A 136 23.69 3.69 -14.11
CA ILE A 136 24.56 3.25 -13.02
C ILE A 136 25.06 4.47 -12.23
N SER A 137 24.41 5.62 -12.45
CA SER A 137 24.86 6.91 -11.95
C SER A 137 24.54 7.10 -10.47
N THR A 138 25.45 7.75 -9.75
CA THR A 138 25.16 8.05 -8.36
C THR A 138 25.36 9.53 -8.07
N GLU A 139 25.01 10.40 -9.01
CA GLU A 139 25.19 11.83 -8.80
C GLU A 139 23.95 12.42 -8.15
N ILE A 140 24.16 13.48 -7.36
CA ILE A 140 23.16 13.97 -6.42
C ILE A 140 21.95 14.47 -7.18
N TYR A 141 20.76 14.25 -6.63
CA TYR A 141 19.55 14.58 -7.37
C TYR A 141 19.17 16.03 -7.15
N GLN A 142 19.27 16.84 -8.22
CA GLN A 142 18.79 18.21 -8.23
C GLN A 142 17.27 18.24 -8.24
N ALA A 143 16.67 18.34 -7.06
CA ALA A 143 15.22 18.29 -7.01
C ALA A 143 14.57 19.58 -7.47
N GLY A 144 15.33 20.69 -7.51
CA GLY A 144 14.83 22.01 -7.86
C GLY A 144 15.84 22.90 -8.58
N SER A 145 15.68 24.22 -8.42
CA SER A 145 16.43 25.18 -9.23
C SER A 145 17.84 25.41 -8.73
N THR A 146 18.14 25.06 -7.50
CA THR A 146 19.45 25.36 -6.95
C THR A 146 20.48 24.30 -7.32
N PRO A 147 21.69 24.68 -7.69
CA PRO A 147 22.74 23.68 -7.87
C PRO A 147 23.19 23.08 -6.53
N CYS A 148 23.93 21.97 -6.63
CA CYS A 148 24.18 21.12 -5.47
C CYS A 148 25.63 21.08 -5.03
N ASN A 149 26.59 21.06 -5.97
CA ASN A 149 28.02 20.94 -5.66
C ASN A 149 28.35 19.69 -4.83
N GLY A 150 27.79 18.55 -5.23
CA GLY A 150 27.95 17.36 -4.43
C GLY A 150 27.68 17.51 -2.95
N VAL A 151 26.80 18.44 -2.58
CA VAL A 151 26.33 18.56 -1.20
C VAL A 151 24.83 18.35 -1.17
N GLU A 152 24.39 17.40 -0.37
CA GLU A 152 23.01 16.99 -0.40
C GLU A 152 22.33 17.52 0.85
N GLY A 153 21.14 18.05 0.69
CA GLY A 153 20.35 18.58 1.78
C GLY A 153 18.96 18.87 1.24
N PHE A 154 18.51 20.13 1.35
CA PHE A 154 17.24 20.52 0.74
C PHE A 154 17.36 20.42 -0.75
N ASN A 155 16.38 19.76 -1.36
CA ASN A 155 16.20 19.71 -2.80
C ASN A 155 17.45 19.17 -3.51
N CYS A 156 18.46 18.71 -2.73
CA CYS A 156 19.61 17.94 -3.20
C CYS A 156 19.62 16.61 -2.44
N TYR A 157 19.20 15.53 -3.12
CA TYR A 157 19.11 14.21 -2.52
C TYR A 157 20.04 13.25 -3.23
N PHE A 158 20.40 12.17 -2.50
CA PHE A 158 21.07 10.99 -3.03
C PHE A 158 20.05 10.09 -3.71
N PRO A 159 20.35 9.57 -4.90
CA PRO A 159 19.31 9.06 -5.80
C PRO A 159 18.86 7.63 -5.57
N LEU A 160 19.60 6.86 -4.77
CA LEU A 160 19.36 5.45 -4.53
C LEU A 160 18.82 5.25 -3.11
N GLN A 161 17.77 4.45 -2.97
CA GLN A 161 17.43 3.89 -1.66
C GLN A 161 17.72 2.39 -1.61
N SER A 162 17.90 1.90 -0.39
CA SER A 162 18.09 0.47 -0.22
C SER A 162 16.74 -0.19 0.06
N TYR A 163 16.63 -1.44 -0.38
CA TYR A 163 15.39 -2.18 -0.25
C TYR A 163 15.16 -2.67 1.18
N GLY A 164 16.22 -2.79 1.97
CA GLY A 164 16.10 -3.13 3.37
C GLY A 164 15.33 -4.41 3.64
N PHE A 165 15.78 -5.49 3.01
CA PHE A 165 15.03 -6.74 2.89
C PHE A 165 15.05 -7.53 4.21
N GLN A 166 13.87 -7.86 4.73
CA GLN A 166 13.81 -8.53 6.02
C GLN A 166 12.90 -9.75 5.93
N PRO A 167 13.30 -10.89 6.54
CA PRO A 167 12.67 -12.18 6.20
C PRO A 167 11.24 -12.32 6.65
N THR A 168 10.86 -11.75 7.80
CA THR A 168 9.47 -11.84 8.21
C THR A 168 8.61 -10.72 7.63
N ASN A 169 8.93 -10.24 6.43
CA ASN A 169 8.20 -9.11 5.87
C ASN A 169 6.92 -9.58 5.21
N GLY A 170 6.12 -8.62 4.79
CA GLY A 170 5.00 -9.01 3.96
C GLY A 170 5.61 -9.59 2.71
N VAL A 171 4.86 -10.47 2.04
CA VAL A 171 5.23 -10.90 0.70
C VAL A 171 5.62 -9.70 -0.15
N GLY A 172 4.92 -8.57 0.02
CA GLY A 172 5.13 -7.41 -0.82
C GLY A 172 6.52 -6.82 -0.73
N TYR A 173 7.10 -6.79 0.47
CA TYR A 173 8.42 -6.20 0.65
C TYR A 173 9.48 -7.28 0.82
N GLN A 174 9.30 -8.46 0.18
CA GLN A 174 10.17 -9.63 0.25
C GLN A 174 10.91 -9.79 -1.08
N PRO A 175 12.16 -10.22 -1.02
CA PRO A 175 13.03 -10.20 -2.22
C PRO A 175 12.42 -11.04 -3.34
N TYR A 176 12.53 -10.60 -4.59
CA TYR A 176 12.19 -11.50 -5.72
C TYR A 176 13.24 -11.46 -6.80
N ARG A 177 13.97 -12.57 -6.98
CA ARG A 177 14.90 -12.62 -8.09
C ARG A 177 14.15 -12.73 -9.42
N VAL A 178 14.69 -12.09 -10.47
CA VAL A 178 13.96 -11.89 -11.72
C VAL A 178 14.90 -12.10 -12.91
N VAL A 179 14.51 -12.98 -13.83
CA VAL A 179 15.27 -13.20 -15.05
C VAL A 179 14.38 -12.82 -16.24
N VAL A 180 14.89 -11.97 -17.11
CA VAL A 180 14.10 -11.39 -18.18
C VAL A 180 14.71 -11.87 -19.48
N LEU A 181 14.12 -12.94 -20.04
CA LEU A 181 14.60 -13.48 -21.30
C LEU A 181 13.97 -12.69 -22.43
N SER A 182 14.82 -11.94 -23.12
CA SER A 182 14.43 -11.15 -24.29
C SER A 182 14.94 -11.91 -25.51
N PHE A 183 14.02 -12.52 -26.27
CA PHE A 183 14.38 -13.21 -27.51
C PHE A 183 14.10 -12.22 -28.64
N GLU A 184 15.14 -11.80 -29.35
CA GLU A 184 14.93 -10.91 -30.48
C GLU A 184 15.58 -11.53 -31.71
N LEU A 185 14.94 -11.34 -32.88
CA LEU A 185 15.44 -11.94 -34.12
C LEU A 185 15.65 -10.84 -35.14
N LEU A 186 16.81 -10.85 -35.79
CA LEU A 186 17.23 -9.69 -36.56
C LEU A 186 17.39 -10.05 -38.04
N HIS A 187 18.26 -9.33 -38.73
CA HIS A 187 18.61 -9.66 -40.11
C HIS A 187 20.07 -10.11 -40.13
N ALA A 188 20.29 -11.24 -39.48
CA ALA A 188 21.58 -11.92 -39.47
C ALA A 188 21.33 -13.37 -39.10
N PRO A 189 22.28 -14.26 -39.40
CA PRO A 189 22.20 -15.66 -38.94
C PRO A 189 21.81 -15.83 -37.48
N ALA A 190 20.95 -16.82 -37.24
CA ALA A 190 20.49 -17.17 -35.92
C ALA A 190 21.55 -18.00 -35.18
N THR A 191 21.55 -17.93 -33.82
CA THR A 191 22.40 -18.82 -33.02
C THR A 191 21.85 -19.18 -31.63
N VAL A 192 20.54 -19.22 -31.43
CA VAL A 192 19.99 -20.08 -30.38
C VAL A 192 18.68 -20.70 -30.84
N CYS A 193 18.54 -22.02 -30.62
CA CYS A 193 17.41 -22.79 -31.11
C CYS A 193 16.78 -23.66 -30.02
N GLY A 194 17.52 -24.61 -29.48
CA GLY A 194 16.96 -25.62 -28.63
C GLY A 194 16.76 -26.91 -29.42
N PRO A 195 16.14 -27.93 -28.80
CA PRO A 195 15.82 -29.23 -29.42
C PRO A 195 15.36 -29.18 -30.89
N GLU B 18 -4.10 24.41 -15.38
CA GLU B 18 -3.78 25.78 -14.91
C GLU B 18 -3.25 25.80 -13.47
N VAL B 19 -1.98 26.15 -13.32
CA VAL B 19 -1.38 26.25 -11.99
C VAL B 19 -2.01 27.42 -11.24
N GLN B 20 -2.49 27.14 -10.04
CA GLN B 20 -3.04 28.18 -9.18
C GLN B 20 -2.68 27.94 -7.74
N LEU B 21 -2.24 29.00 -7.07
CA LEU B 21 -1.91 29.05 -5.65
C LEU B 21 -2.88 30.05 -5.02
N GLN B 22 -3.41 29.72 -3.85
CA GLN B 22 -4.46 30.54 -3.24
C GLN B 22 -4.21 30.70 -1.73
N GLN B 23 -3.85 31.92 -1.31
CA GLN B 23 -3.63 32.20 0.10
C GLN B 23 -4.93 32.48 0.84
N SER B 24 -4.90 33.17 1.97
CA SER B 24 -6.11 33.41 2.75
C SER B 24 -6.42 34.92 2.83
N GLY B 25 -7.48 35.24 3.57
CA GLY B 25 -7.85 36.61 3.77
C GLY B 25 -6.81 37.31 4.63
N PRO B 26 -6.61 38.62 4.42
CA PRO B 26 -5.65 39.35 5.25
C PRO B 26 -6.04 39.24 6.71
N GLU B 27 -5.06 39.40 7.59
CA GLU B 27 -5.29 39.09 9.00
C GLU B 27 -4.72 40.17 9.91
N MET B 28 -5.32 40.26 11.10
CA MET B 28 -4.90 41.19 12.14
C MET B 28 -4.69 40.43 13.44
N VAL B 29 -3.49 40.54 14.02
CA VAL B 29 -3.11 39.73 15.16
C VAL B 29 -2.61 40.61 16.29
N LYS B 30 -3.16 40.39 17.50
CA LYS B 30 -2.61 40.97 18.71
C LYS B 30 -1.11 40.69 18.78
N PRO B 31 -0.28 41.67 19.13
CA PRO B 31 1.18 41.47 19.05
C PRO B 31 1.62 40.33 19.95
N GLY B 32 2.72 39.68 19.53
CA GLY B 32 3.32 38.56 20.22
C GLY B 32 2.60 37.23 20.10
N ALA B 33 1.38 37.22 19.56
CA ALA B 33 0.62 36.00 19.35
C ALA B 33 0.89 35.48 17.94
N SER B 34 0.09 34.51 17.50
CA SER B 34 0.45 33.60 16.42
C SER B 34 -0.56 33.68 15.28
N VAL B 35 -0.14 33.23 14.09
CA VAL B 35 -0.99 33.25 12.90
C VAL B 35 -0.50 32.15 11.96
N LYS B 36 -1.40 31.68 11.09
CA LYS B 36 -1.04 30.69 10.08
C LYS B 36 -1.72 31.05 8.76
N ILE B 37 -0.89 31.25 7.73
CA ILE B 37 -1.34 31.61 6.38
C ILE B 37 -1.38 30.33 5.53
N SER B 38 -2.43 30.17 4.73
CA SER B 38 -2.56 28.98 3.90
C SER B 38 -2.05 29.23 2.46
N CYS B 39 -2.03 28.15 1.67
CA CYS B 39 -1.77 28.18 0.23
C CYS B 39 -2.36 26.92 -0.39
N LYS B 40 -3.46 27.07 -1.12
CA LYS B 40 -4.09 25.96 -1.84
C LYS B 40 -3.52 25.90 -3.24
N THR B 41 -2.69 24.91 -3.51
CA THR B 41 -2.22 24.67 -4.86
C THR B 41 -3.13 23.70 -5.60
N SER B 42 -3.04 23.72 -6.92
CA SER B 42 -4.05 23.12 -7.78
C SER B 42 -3.58 23.16 -9.22
N GLY B 43 -3.85 22.10 -9.96
CA GLY B 43 -3.46 22.04 -11.36
C GLY B 43 -2.07 21.52 -11.63
N TYR B 44 -1.54 20.66 -10.77
CA TYR B 44 -0.22 20.07 -10.96
C TYR B 44 -0.06 19.16 -9.77
N THR B 45 0.94 18.29 -9.80
CA THR B 45 1.07 17.30 -8.74
C THR B 45 1.78 17.91 -7.56
N PHE B 46 1.09 18.01 -6.43
CA PHE B 46 1.63 18.78 -5.31
C PHE B 46 3.00 18.28 -4.88
N THR B 47 3.22 16.98 -4.89
CA THR B 47 4.46 16.46 -4.36
C THR B 47 5.66 16.85 -5.21
N GLU B 48 5.45 17.14 -6.50
CA GLU B 48 6.56 17.27 -7.44
C GLU B 48 7.35 18.53 -7.19
N TYR B 49 6.68 19.67 -7.19
CA TYR B 49 7.30 20.99 -7.18
C TYR B 49 7.28 21.65 -5.79
N THR B 50 8.38 22.39 -5.51
CA THR B 50 8.70 22.99 -4.22
C THR B 50 8.00 24.35 -4.01
N ILE B 51 7.56 24.61 -2.78
CA ILE B 51 6.96 25.89 -2.38
C ILE B 51 7.96 26.76 -1.64
N TYR B 52 8.12 28.01 -2.09
CA TYR B 52 8.82 29.04 -1.33
C TYR B 52 7.82 30.05 -0.75
N TRP B 53 8.29 30.83 0.25
CA TRP B 53 7.50 31.93 0.79
C TRP B 53 8.30 33.22 0.82
N VAL B 54 7.66 34.33 0.40
CA VAL B 54 8.33 35.60 0.21
C VAL B 54 7.58 36.70 0.94
N LYS B 55 8.28 37.39 1.86
CA LYS B 55 7.76 38.54 2.59
C LYS B 55 8.13 39.82 1.87
N GLN B 56 7.13 40.65 1.54
CA GLN B 56 7.33 41.98 1.00
C GLN B 56 6.58 42.98 1.85
N SER B 57 7.30 43.68 2.69
CA SER B 57 6.69 44.59 3.63
C SER B 57 6.58 45.95 2.93
N HIS B 58 5.48 46.65 3.21
CA HIS B 58 5.09 47.82 2.41
C HIS B 58 6.20 48.86 2.30
N GLY B 59 6.44 49.29 1.06
CA GLY B 59 7.41 50.32 0.80
C GLY B 59 8.86 49.86 0.84
N LYS B 60 9.08 48.54 0.76
CA LYS B 60 10.43 48.03 0.78
C LYS B 60 10.56 47.03 -0.37
N SER B 61 11.59 46.18 -0.37
CA SER B 61 11.69 45.23 -1.45
C SER B 61 11.21 43.87 -0.95
N LEU B 62 11.64 42.81 -1.65
CA LEU B 62 11.28 41.41 -1.41
C LEU B 62 12.28 40.74 -0.48
N GLU B 63 11.81 39.73 0.24
CA GLU B 63 12.67 39.01 1.18
C GLU B 63 12.30 37.54 1.12
N TRP B 64 13.29 36.67 0.86
CA TRP B 64 13.04 35.23 0.89
C TRP B 64 13.02 34.75 2.32
N LEU B 65 12.07 33.89 2.66
CA LEU B 65 11.97 33.46 4.03
C LEU B 65 12.09 31.96 4.24
N GLY B 66 12.02 31.15 3.19
CA GLY B 66 12.28 29.73 3.35
C GLY B 66 11.67 28.91 2.22
N GLY B 67 11.80 27.59 2.36
CA GLY B 67 11.20 26.67 1.42
C GLY B 67 10.68 25.43 2.12
N ILE B 68 9.82 24.71 1.40
CA ILE B 68 9.33 23.40 1.81
C ILE B 68 9.24 22.51 0.57
N ASN B 69 9.50 21.22 0.72
CA ASN B 69 9.38 20.24 -0.39
C ASN B 69 8.30 19.26 0.01
N PRO B 70 7.11 19.29 -0.59
CA PRO B 70 5.97 18.60 0.04
C PRO B 70 6.14 17.08 0.13
N ASN B 71 6.68 16.45 -0.92
CA ASN B 71 7.01 15.03 -0.97
C ASN B 71 7.77 14.50 0.26
N ILE B 72 9.02 14.93 0.45
CA ILE B 72 9.84 14.50 1.58
C ILE B 72 9.63 15.35 2.83
N GLY B 73 8.90 16.46 2.74
CA GLY B 73 8.50 17.24 3.90
C GLY B 73 9.55 18.13 4.55
N ASP B 74 10.73 18.30 3.94
CA ASP B 74 11.83 19.01 4.56
C ASP B 74 11.80 20.50 4.16
N THR B 75 12.48 21.34 4.94
CA THR B 75 12.38 22.78 4.85
C THR B 75 13.77 23.38 4.93
N THR B 76 13.96 24.47 4.21
CA THR B 76 15.09 25.37 4.40
C THR B 76 14.57 26.72 4.84
N TYR B 77 15.36 27.43 5.66
CA TYR B 77 14.91 28.69 6.24
C TYR B 77 15.93 29.80 6.01
N ASN B 78 15.41 30.97 5.72
CA ASN B 78 16.20 32.19 5.83
C ASN B 78 16.66 32.38 7.27
N GLN B 79 17.98 32.53 7.46
CA GLN B 79 18.55 32.76 8.78
C GLN B 79 17.68 33.64 9.67
N LYS B 80 17.47 34.89 9.25
CA LYS B 80 16.82 35.92 10.05
C LYS B 80 15.32 35.70 10.25
N PHE B 81 14.73 34.63 9.71
CA PHE B 81 13.33 34.33 10.01
C PHE B 81 13.14 33.05 10.79
N LYS B 82 14.21 32.31 11.03
CA LYS B 82 14.03 30.98 11.57
C LYS B 82 13.55 31.08 13.02
N GLY B 83 12.81 30.05 13.43
CA GLY B 83 12.16 30.01 14.72
C GLY B 83 10.82 30.71 14.69
N LYS B 84 10.81 31.99 14.29
CA LYS B 84 9.61 32.81 14.30
C LYS B 84 8.67 32.53 13.11
N ALA B 85 9.04 31.61 12.21
CA ALA B 85 8.11 31.10 11.21
C ALA B 85 8.33 29.60 10.98
N THR B 86 7.27 28.90 10.56
CA THR B 86 7.34 27.45 10.40
C THR B 86 6.46 26.99 9.24
N LEU B 87 7.09 26.57 8.14
CA LEU B 87 6.38 26.04 6.97
C LEU B 87 6.04 24.55 7.15
N THR B 88 4.88 24.15 6.62
CA THR B 88 4.18 22.96 7.06
C THR B 88 3.04 22.52 6.14
N VAL B 89 3.34 21.66 5.16
CA VAL B 89 2.37 21.25 4.12
C VAL B 89 1.40 20.18 4.63
N ASP B 90 0.26 20.06 3.94
CA ASP B 90 -0.65 18.91 4.03
C ASP B 90 -0.78 18.17 2.69
N THR B 91 -0.44 16.87 2.70
CA THR B 91 -0.47 16.06 1.49
C THR B 91 -1.86 16.02 0.88
N SER B 92 -2.85 15.66 1.69
CA SER B 92 -4.17 15.34 1.19
C SER B 92 -4.84 16.54 0.53
N SER B 93 -4.92 17.65 1.28
CA SER B 93 -5.64 18.84 0.82
C SER B 93 -4.88 19.61 -0.24
N SER B 94 -3.57 19.34 -0.39
CA SER B 94 -2.70 19.98 -1.38
C SER B 94 -2.31 21.40 -1.00
N THR B 95 -2.14 21.66 0.30
CA THR B 95 -2.12 23.01 0.87
C THR B 95 -0.83 23.28 1.63
N ALA B 96 -0.11 24.33 1.25
CA ALA B 96 1.09 24.78 1.97
C ALA B 96 0.67 25.69 3.13
N TYR B 97 1.50 25.75 4.18
CA TYR B 97 1.17 26.60 5.31
C TYR B 97 2.41 27.33 5.79
N MET B 98 2.18 28.46 6.47
CA MET B 98 3.20 29.27 7.16
C MET B 98 2.65 29.85 8.46
N GLU B 99 3.42 29.71 9.53
CA GLU B 99 2.99 30.10 10.86
C GLU B 99 4.07 31.01 11.41
N LEU B 100 3.68 32.22 11.83
CA LEU B 100 4.57 33.14 12.53
C LEU B 100 4.22 33.14 14.00
N ARG B 101 5.20 32.86 14.85
CA ARG B 101 4.82 32.51 16.22
C ARG B 101 4.68 33.74 17.11
N SER B 102 5.65 34.66 17.06
CA SER B 102 5.60 35.86 17.89
C SER B 102 5.67 37.04 16.95
N LEU B 103 4.57 37.80 16.90
CA LEU B 103 4.35 38.84 15.91
C LEU B 103 4.74 40.18 16.53
N THR B 104 5.93 40.70 16.19
CA THR B 104 6.23 42.07 16.56
C THR B 104 5.56 43.00 15.54
N SER B 105 6.08 44.20 15.36
CA SER B 105 5.48 45.06 14.34
C SER B 105 6.26 45.00 13.03
N GLU B 106 7.53 44.59 13.07
CA GLU B 106 8.26 44.36 11.84
C GLU B 106 7.49 43.41 10.92
N ASP B 107 6.80 42.45 11.52
CA ASP B 107 6.00 41.43 10.85
C ASP B 107 4.80 42.00 10.14
N SER B 108 4.54 43.30 10.26
CA SER B 108 3.43 43.88 9.49
C SER B 108 3.88 43.96 8.04
N ALA B 109 3.36 43.07 7.19
CA ALA B 109 3.86 42.95 5.83
C ALA B 109 2.86 42.15 4.99
N VAL B 110 3.29 41.82 3.78
CA VAL B 110 2.53 41.01 2.84
C VAL B 110 3.38 39.80 2.48
N TYR B 111 2.97 38.63 2.97
CA TYR B 111 3.68 37.37 2.71
C TYR B 111 3.14 36.71 1.46
N TYR B 112 4.03 36.32 0.57
CA TYR B 112 3.65 35.64 -0.64
C TYR B 112 3.93 34.16 -0.50
N CYS B 113 3.15 33.33 -1.18
CA CYS B 113 3.51 31.93 -1.34
C CYS B 113 3.71 31.65 -2.82
N ALA B 114 4.86 31.10 -3.19
CA ALA B 114 5.13 30.87 -4.60
C ALA B 114 5.75 29.50 -4.83
N ARG B 115 5.39 28.90 -5.99
CA ARG B 115 5.87 27.60 -6.43
C ARG B 115 7.12 27.71 -7.30
N GLU B 116 7.67 26.58 -7.69
CA GLU B 116 9.00 26.57 -8.29
C GLU B 116 9.01 25.77 -9.58
N VAL B 117 10.10 25.95 -10.33
CA VAL B 117 10.41 25.20 -11.54
C VAL B 117 11.90 24.91 -11.48
N TYR B 118 12.35 23.89 -12.22
CA TYR B 118 13.78 23.54 -12.23
C TYR B 118 14.63 24.68 -12.79
N ASN B 119 14.02 25.55 -13.60
CA ASN B 119 14.75 26.64 -14.22
C ASN B 119 14.91 27.87 -13.33
N TYR B 120 13.93 28.17 -12.48
CA TYR B 120 14.04 29.40 -11.71
C TYR B 120 13.17 29.28 -10.46
N SER B 121 13.44 30.13 -9.49
CA SER B 121 12.98 29.79 -8.16
C SER B 121 11.51 30.11 -7.88
N PHE B 122 10.85 30.95 -8.66
CA PHE B 122 9.51 31.43 -8.26
C PHE B 122 8.69 31.62 -9.55
N ALA B 123 7.95 30.60 -9.93
CA ALA B 123 7.27 30.62 -11.23
C ALA B 123 5.81 31.01 -11.15
N TYR B 124 5.12 30.59 -10.10
CA TYR B 124 3.71 30.85 -9.94
C TYR B 124 3.54 31.49 -8.58
N TRP B 125 2.81 32.59 -8.50
CA TRP B 125 2.68 33.31 -7.26
C TRP B 125 1.24 33.29 -6.79
N GLY B 126 1.06 33.20 -5.48
CA GLY B 126 -0.27 33.28 -4.91
C GLY B 126 -0.71 34.72 -4.68
N GLN B 127 -1.97 34.86 -4.26
CA GLN B 127 -2.59 36.19 -4.18
C GLN B 127 -1.77 37.17 -3.34
N GLY B 128 -1.28 36.75 -2.19
CA GLY B 128 -0.83 37.65 -1.15
C GLY B 128 -1.81 37.68 0.01
N THR B 129 -1.32 37.50 1.23
CA THR B 129 -2.10 37.85 2.42
C THR B 129 -1.49 39.10 3.06
N LEU B 130 -2.33 39.90 3.72
CA LEU B 130 -1.87 41.06 4.46
C LEU B 130 -1.86 40.76 5.96
N VAL B 131 -0.73 41.04 6.58
CA VAL B 131 -0.57 40.84 8.01
C VAL B 131 -0.30 42.23 8.59
N THR B 132 -1.28 42.71 9.38
CA THR B 132 -1.21 43.92 10.19
C THR B 132 -1.18 43.47 11.64
N VAL B 133 -0.16 43.90 12.39
CA VAL B 133 0.03 43.43 13.77
C VAL B 133 -0.40 44.55 14.71
N SER B 134 -1.64 44.53 15.16
CA SER B 134 -2.22 45.64 15.89
C SER B 134 -2.79 45.19 17.23
N ALA B 135 -2.67 46.09 18.22
CA ALA B 135 -2.95 45.82 19.63
C ALA B 135 -4.47 45.87 19.84
N ALA B 136 -5.11 44.72 19.61
CA ALA B 136 -6.55 44.54 19.80
C ALA B 136 -7.36 45.70 19.21
N SER B 137 -6.81 46.33 18.17
CA SER B 137 -7.48 47.44 17.51
C SER B 137 -8.69 46.88 16.77
N THR B 138 -9.85 46.94 17.42
CA THR B 138 -11.08 46.31 16.94
C THR B 138 -11.32 46.56 15.45
N THR B 139 -11.65 45.51 14.72
CA THR B 139 -11.87 45.66 13.29
C THR B 139 -13.00 46.63 13.02
N LYS B 140 -12.71 47.73 12.35
CA LYS B 140 -13.70 48.77 12.13
C LYS B 140 -14.15 48.77 10.68
N GLY B 141 -15.44 48.48 10.47
CA GLY B 141 -16.07 48.66 9.17
C GLY B 141 -15.94 50.08 8.64
N PRO B 142 -15.64 50.22 7.36
CA PRO B 142 -15.47 51.55 6.78
C PRO B 142 -16.81 52.19 6.44
N SER B 143 -16.85 53.52 6.60
CA SER B 143 -17.98 54.32 6.19
C SER B 143 -17.71 54.87 4.79
N VAL B 144 -18.75 54.84 3.94
CA VAL B 144 -18.58 55.11 2.52
C VAL B 144 -19.49 56.26 2.11
N PHE B 145 -18.90 57.33 1.55
CA PHE B 145 -19.58 58.58 1.27
C PHE B 145 -19.44 59.01 -0.19
N PRO B 146 -20.53 59.50 -0.81
CA PRO B 146 -20.48 59.88 -2.24
C PRO B 146 -19.63 61.12 -2.49
N LEU B 147 -18.76 61.02 -3.50
CA LEU B 147 -18.06 62.19 -4.00
C LEU B 147 -18.79 62.74 -5.22
N ALA B 148 -20.01 63.29 -4.96
CA ALA B 148 -20.96 63.76 -5.97
C ALA B 148 -20.25 64.51 -7.10
N PRO B 149 -20.68 64.34 -8.35
CA PRO B 149 -19.86 64.77 -9.49
C PRO B 149 -19.66 66.28 -9.61
N SER B 150 -18.50 66.65 -10.15
CA SER B 150 -18.20 68.00 -10.59
C SER B 150 -17.81 67.92 -12.06
N SER B 151 -17.53 69.07 -12.69
CA SER B 151 -17.17 69.03 -14.08
C SER B 151 -15.95 69.92 -14.35
N LYS B 152 -15.16 69.53 -15.34
CA LYS B 152 -14.00 70.32 -15.75
C LYS B 152 -14.41 71.73 -16.16
N SER B 153 -15.29 71.82 -17.14
CA SER B 153 -15.75 73.08 -17.70
C SER B 153 -17.24 73.24 -17.41
N THR B 154 -17.81 74.35 -17.85
CA THR B 154 -19.24 74.48 -17.70
C THR B 154 -19.99 73.76 -18.79
N SER B 155 -19.47 73.77 -20.00
CA SER B 155 -20.11 73.16 -21.16
C SER B 155 -19.90 71.64 -21.24
N GLY B 156 -19.96 70.97 -20.09
CA GLY B 156 -19.72 69.55 -20.01
C GLY B 156 -18.26 69.18 -20.12
N GLY B 157 -17.78 68.93 -21.34
CA GLY B 157 -16.55 68.17 -21.54
C GLY B 157 -16.66 66.82 -20.87
N THR B 158 -15.85 66.60 -19.82
CA THR B 158 -15.85 65.40 -18.98
C THR B 158 -16.58 65.72 -17.65
N ALA B 159 -16.31 64.92 -16.61
CA ALA B 159 -16.96 64.95 -15.29
C ALA B 159 -16.24 63.96 -14.38
N ALA B 160 -16.17 64.26 -13.08
CA ALA B 160 -15.51 63.37 -12.13
C ALA B 160 -16.44 63.05 -10.96
N LEU B 161 -16.31 61.84 -10.41
CA LEU B 161 -17.16 61.31 -9.34
C LEU B 161 -16.41 60.18 -8.66
N GLY B 162 -16.88 59.79 -7.49
CA GLY B 162 -16.11 58.86 -6.70
C GLY B 162 -16.85 58.36 -5.47
N CYS B 163 -16.05 57.80 -4.56
CA CYS B 163 -16.49 57.19 -3.31
C CYS B 163 -15.41 57.47 -2.27
N LEU B 164 -15.84 57.88 -1.07
CA LEU B 164 -14.91 58.12 0.04
C LEU B 164 -15.08 57.00 1.06
N VAL B 165 -14.04 56.20 1.23
CA VAL B 165 -14.05 55.13 2.25
C VAL B 165 -13.30 55.69 3.45
N LYS B 166 -13.97 55.79 4.58
CA LYS B 166 -13.38 56.71 5.52
C LYS B 166 -12.86 56.04 6.77
N ASP B 167 -13.65 55.23 7.52
CA ASP B 167 -13.15 54.96 8.88
C ASP B 167 -12.99 53.47 9.20
N TYR B 168 -11.89 52.86 8.73
CA TYR B 168 -11.73 51.40 8.78
C TYR B 168 -10.34 50.98 9.23
N PHE B 169 -10.31 49.85 9.93
CA PHE B 169 -9.09 49.09 10.26
C PHE B 169 -9.25 47.58 10.09
N PRO B 170 -8.22 46.87 9.59
CA PRO B 170 -6.92 47.29 9.04
C PRO B 170 -6.92 47.41 7.53
N GLU B 171 -5.74 47.64 6.95
CA GLU B 171 -5.63 48.35 5.67
C GLU B 171 -6.43 47.81 4.48
N PRO B 172 -6.58 46.45 4.22
CA PRO B 172 -7.04 46.01 2.89
C PRO B 172 -8.50 46.36 2.63
N VAL B 173 -8.69 47.26 1.65
CA VAL B 173 -9.98 47.54 1.04
C VAL B 173 -9.87 47.38 -0.47
N THR B 174 -11.04 47.18 -1.06
CA THR B 174 -11.21 46.83 -2.47
C THR B 174 -12.45 47.53 -2.97
N VAL B 175 -12.30 48.31 -4.05
CA VAL B 175 -13.36 49.18 -4.53
C VAL B 175 -13.53 48.93 -6.02
N SER B 176 -14.73 48.52 -6.41
CA SER B 176 -15.07 48.35 -7.82
C SER B 176 -16.03 49.44 -8.28
N TRP B 177 -16.23 49.54 -9.59
CA TRP B 177 -17.21 50.48 -10.13
C TRP B 177 -18.19 49.72 -11.02
N ASN B 178 -19.44 49.60 -10.56
CA ASN B 178 -20.51 48.89 -11.27
C ASN B 178 -20.24 47.37 -11.34
N SER B 179 -19.96 46.79 -10.17
CA SER B 179 -19.67 45.34 -10.03
C SER B 179 -18.56 44.89 -10.95
N GLY B 180 -17.64 45.79 -11.31
CA GLY B 180 -16.56 45.47 -12.21
C GLY B 180 -16.76 45.94 -13.63
N ALA B 181 -17.96 46.39 -13.96
CA ALA B 181 -18.22 46.93 -15.29
C ALA B 181 -17.28 48.08 -15.63
N LEU B 182 -17.39 49.18 -14.89
CA LEU B 182 -16.63 50.37 -15.23
C LEU B 182 -15.16 50.17 -14.82
N THR B 183 -14.25 50.43 -15.74
CA THR B 183 -12.83 50.12 -15.50
C THR B 183 -11.84 51.11 -16.09
N SER B 184 -12.17 51.86 -17.13
CA SER B 184 -11.19 52.77 -17.70
C SER B 184 -11.34 54.12 -17.01
N GLY B 185 -10.20 54.77 -16.79
CA GLY B 185 -10.18 56.03 -16.08
C GLY B 185 -10.34 55.96 -14.58
N VAL B 186 -10.72 54.80 -14.00
CA VAL B 186 -10.93 54.73 -12.56
C VAL B 186 -9.60 54.98 -11.85
N HIS B 187 -9.66 55.74 -10.75
CA HIS B 187 -8.46 56.17 -10.00
C HIS B 187 -8.69 55.97 -8.52
N THR B 188 -8.10 54.90 -7.97
CA THR B 188 -8.22 54.57 -6.55
C THR B 188 -6.90 54.84 -5.84
N PHE B 189 -6.95 55.69 -4.80
CA PHE B 189 -5.77 56.27 -4.18
C PHE B 189 -5.33 55.45 -2.99
N PRO B 190 -4.02 55.36 -2.88
CA PRO B 190 -3.43 54.73 -1.70
C PRO B 190 -4.15 55.09 -0.41
N ALA B 191 -4.46 54.09 0.41
CA ALA B 191 -4.99 54.40 1.72
C ALA B 191 -3.96 55.25 2.46
N VAL B 192 -4.47 56.22 3.22
CA VAL B 192 -3.65 57.14 4.03
C VAL B 192 -4.10 57.04 5.49
N LEU B 193 -3.14 57.23 6.39
CA LEU B 193 -3.30 56.92 7.82
C LEU B 193 -3.67 58.19 8.57
N GLN B 194 -4.94 58.34 8.90
CA GLN B 194 -5.38 59.58 9.51
C GLN B 194 -5.16 59.55 11.02
N SER B 195 -4.88 60.74 11.57
CA SER B 195 -4.58 60.97 12.98
C SER B 195 -5.43 60.13 13.92
N SER B 196 -6.68 59.86 13.54
CA SER B 196 -7.57 59.04 14.36
C SER B 196 -7.07 57.62 14.54
N GLY B 197 -6.07 57.17 13.76
CA GLY B 197 -5.62 55.80 13.82
C GLY B 197 -6.18 54.88 12.75
N LEU B 198 -7.38 55.17 12.24
CA LEU B 198 -7.96 54.40 11.15
C LEU B 198 -7.44 54.88 9.79
N TYR B 199 -7.91 54.26 8.73
CA TYR B 199 -7.46 54.53 7.37
C TYR B 199 -8.58 55.21 6.59
N SER B 200 -8.20 56.09 5.67
CA SER B 200 -9.20 56.76 4.84
C SER B 200 -8.74 56.65 3.39
N LEU B 201 -9.70 56.43 2.48
CA LEU B 201 -9.39 56.13 1.10
C LEU B 201 -10.50 56.60 0.16
N SER B 202 -10.10 57.15 -1.00
CA SER B 202 -11.04 57.72 -1.97
C SER B 202 -10.78 57.12 -3.36
N SER B 203 -11.80 56.49 -3.93
CA SER B 203 -11.75 55.93 -5.28
C SER B 203 -12.61 56.82 -6.17
N VAL B 204 -11.99 57.38 -7.19
CA VAL B 204 -12.64 58.35 -8.05
C VAL B 204 -12.52 57.86 -9.48
N VAL B 205 -13.48 58.26 -10.32
CA VAL B 205 -13.53 57.85 -11.71
C VAL B 205 -13.95 59.04 -12.57
N THR B 206 -13.18 59.34 -13.61
CA THR B 206 -13.66 60.26 -14.63
C THR B 206 -14.71 59.59 -15.50
N VAL B 207 -15.65 60.38 -16.01
CA VAL B 207 -16.75 59.89 -16.84
C VAL B 207 -17.17 60.99 -17.81
N PRO B 208 -17.46 60.69 -19.06
CA PRO B 208 -18.11 61.67 -19.94
C PRO B 208 -19.33 62.32 -19.30
N SER B 209 -19.34 63.65 -19.23
CA SER B 209 -20.43 64.38 -18.57
C SER B 209 -21.78 64.11 -19.22
N SER B 210 -21.78 63.68 -20.48
CA SER B 210 -22.99 63.47 -21.28
C SER B 210 -23.88 62.37 -20.72
N SER B 211 -23.37 61.58 -19.79
CA SER B 211 -24.08 60.40 -19.31
C SER B 211 -24.66 60.57 -17.92
N LEU B 212 -24.34 61.68 -17.23
CA LEU B 212 -24.59 61.74 -15.80
C LEU B 212 -26.06 61.50 -15.44
N GLY B 213 -27.00 61.93 -16.27
CA GLY B 213 -28.40 61.61 -15.96
C GLY B 213 -28.85 60.20 -16.32
N THR B 214 -28.12 59.53 -17.21
CA THR B 214 -28.57 58.32 -17.90
C THR B 214 -28.22 57.04 -17.15
N GLN B 215 -26.93 56.67 -17.22
CA GLN B 215 -26.35 55.65 -16.35
C GLN B 215 -26.45 56.08 -14.90
N THR B 216 -26.66 55.11 -14.01
CA THR B 216 -26.31 55.37 -12.61
C THR B 216 -24.90 54.86 -12.36
N TYR B 217 -24.19 55.53 -11.46
CA TYR B 217 -22.80 55.20 -11.16
C TYR B 217 -22.67 54.75 -9.71
N ILE B 218 -22.25 53.49 -9.53
CA ILE B 218 -22.25 52.84 -8.23
C ILE B 218 -20.87 52.27 -7.96
N CYS B 219 -20.43 52.40 -6.73
CA CYS B 219 -19.17 51.83 -6.28
C CYS B 219 -19.45 50.79 -5.21
N ASN B 220 -18.67 49.71 -5.25
CA ASN B 220 -18.83 48.55 -4.37
C ASN B 220 -17.55 48.43 -3.55
N VAL B 221 -17.68 48.61 -2.23
CA VAL B 221 -16.56 48.59 -1.31
C VAL B 221 -16.68 47.32 -0.48
N ASN B 222 -15.59 46.57 -0.38
CA ASN B 222 -15.59 45.39 0.46
C ASN B 222 -14.44 45.50 1.45
N HIS B 223 -14.73 45.24 2.73
CA HIS B 223 -13.72 45.19 3.78
C HIS B 223 -13.74 43.80 4.39
N LYS B 224 -12.79 42.96 3.97
CA LYS B 224 -12.63 41.60 4.48
C LYS B 224 -12.53 41.59 6.01
N PRO B 225 -11.54 42.28 6.64
CA PRO B 225 -11.34 42.12 8.09
C PRO B 225 -12.54 42.49 8.95
N SER B 226 -13.65 42.86 8.32
CA SER B 226 -14.86 43.16 9.07
C SER B 226 -16.11 42.70 8.34
N ASN B 227 -15.97 41.98 7.22
CA ASN B 227 -17.10 41.49 6.41
C ASN B 227 -18.02 42.64 5.99
N THR B 228 -17.43 43.79 5.67
CA THR B 228 -18.18 44.98 5.30
C THR B 228 -18.24 45.06 3.77
N LYS B 229 -19.45 44.93 3.21
CA LYS B 229 -19.67 44.99 1.76
C LYS B 229 -20.84 45.93 1.54
N VAL B 230 -20.54 47.20 1.26
CA VAL B 230 -21.54 48.26 1.17
C VAL B 230 -21.48 48.88 -0.22
N ASP B 231 -22.65 49.31 -0.71
CA ASP B 231 -22.78 49.85 -2.06
C ASP B 231 -23.57 51.15 -2.04
N LYS B 232 -22.92 52.25 -2.41
CA LYS B 232 -23.49 53.60 -2.37
C LYS B 232 -23.21 54.34 -3.68
N LYS B 233 -24.13 55.24 -4.07
CA LYS B 233 -24.16 55.94 -5.37
C LYS B 233 -23.51 57.32 -5.40
N ALA B 234 -24.16 58.30 -6.04
CA ALA B 234 -23.57 59.65 -6.10
C ALA B 234 -24.63 60.73 -6.41
N GLU B 235 -25.18 61.33 -5.36
CA GLU B 235 -26.17 62.42 -5.47
C GLU B 235 -25.52 63.82 -5.45
N ASP C 21 26.97 35.11 3.22
CA ASP C 21 25.65 35.29 2.62
C ASP C 21 25.73 36.17 1.36
N ILE C 22 24.85 35.93 0.40
CA ILE C 22 25.12 36.33 -0.97
C ILE C 22 24.22 37.49 -1.41
N VAL C 23 24.72 38.72 -1.17
CA VAL C 23 23.90 39.95 -1.17
C VAL C 23 23.95 40.61 -2.54
N MET C 24 22.78 40.96 -3.07
CA MET C 24 22.67 41.44 -4.44
C MET C 24 22.85 42.95 -4.53
N SER C 25 23.57 43.41 -5.55
CA SER C 25 24.02 44.80 -5.70
C SER C 25 23.46 45.42 -6.98
N GLN C 26 22.26 46.01 -6.92
CA GLN C 26 21.76 46.65 -8.12
C GLN C 26 22.12 48.13 -8.16
N SER C 27 22.01 48.68 -9.37
CA SER C 27 22.05 50.09 -9.64
C SER C 27 21.10 50.37 -10.79
N PRO C 28 20.53 51.58 -10.84
CA PRO C 28 20.54 52.45 -9.67
C PRO C 28 19.14 52.57 -9.11
N SER C 29 19.01 52.84 -7.80
CA SER C 29 17.74 52.69 -7.08
C SER C 29 16.54 53.22 -7.86
N SER C 30 16.67 54.43 -8.44
CA SER C 30 15.64 55.02 -9.27
C SER C 30 16.16 55.26 -10.68
N LEU C 31 15.31 54.97 -11.65
CA LEU C 31 15.61 55.23 -13.04
C LEU C 31 14.33 55.71 -13.72
N ALA C 32 14.51 56.43 -14.83
CA ALA C 32 13.40 57.10 -15.50
C ALA C 32 13.87 57.77 -16.78
N VAL C 33 13.38 57.27 -17.92
CA VAL C 33 13.65 57.88 -19.21
C VAL C 33 12.41 57.67 -20.07
N SER C 34 12.31 58.47 -21.12
CA SER C 34 11.13 58.60 -21.95
C SER C 34 11.01 57.41 -22.90
N VAL C 35 9.79 57.23 -23.40
CA VAL C 35 9.48 56.17 -24.36
C VAL C 35 10.53 56.19 -25.48
N GLY C 36 10.73 55.06 -26.16
CA GLY C 36 11.90 54.89 -26.99
C GLY C 36 13.13 54.78 -26.11
N GLU C 37 14.22 55.48 -26.46
CA GLU C 37 15.48 55.47 -25.71
C GLU C 37 15.97 54.06 -25.37
N LYS C 38 16.54 53.87 -24.18
CA LYS C 38 17.15 52.61 -23.79
C LYS C 38 17.52 52.62 -22.31
N VAL C 39 16.70 51.99 -21.47
CA VAL C 39 17.08 51.77 -20.08
C VAL C 39 18.08 50.61 -20.01
N THR C 40 19.05 50.73 -19.09
CA THR C 40 20.07 49.69 -18.87
C THR C 40 20.45 49.69 -17.39
N MET C 41 19.84 48.79 -16.62
CA MET C 41 20.12 48.66 -15.19
C MET C 41 21.01 47.43 -14.94
N SER C 42 21.48 47.32 -13.72
CA SER C 42 22.56 46.40 -13.45
C SER C 42 22.32 45.66 -12.15
N CYS C 43 22.95 44.47 -12.06
CA CYS C 43 22.96 43.67 -10.83
C CYS C 43 24.32 42.98 -10.66
N LYS C 44 24.83 43.02 -9.42
CA LYS C 44 26.17 42.54 -9.07
C LYS C 44 26.07 41.70 -7.78
N SER C 45 27.06 40.84 -7.56
CA SER C 45 26.88 39.74 -6.62
C SER C 45 28.15 39.39 -5.88
N SER C 46 27.96 39.04 -4.61
CA SER C 46 29.05 38.73 -3.69
C SER C 46 29.96 37.66 -4.26
N GLN C 47 29.37 36.64 -4.89
CA GLN C 47 30.01 35.38 -5.26
C GLN C 47 29.73 35.05 -6.71
N SER C 48 30.75 34.57 -7.44
CA SER C 48 30.52 34.11 -8.81
C SER C 48 29.31 33.20 -8.89
N LEU C 49 28.27 33.66 -9.58
CA LEU C 49 27.09 32.80 -9.71
C LEU C 49 27.30 31.77 -10.83
N LEU C 50 28.54 31.29 -11.00
CA LEU C 50 28.92 30.27 -11.98
C LEU C 50 29.00 28.87 -11.36
N TYR C 51 28.16 27.97 -11.88
CA TYR C 51 28.26 26.54 -11.58
C TYR C 51 29.08 25.89 -12.68
N SER C 52 30.29 25.43 -12.32
CA SER C 52 31.29 24.98 -13.28
C SER C 52 30.97 23.63 -13.90
N SER C 53 29.99 22.92 -13.37
CA SER C 53 29.45 21.74 -14.02
C SER C 53 28.78 22.12 -15.34
N ASN C 54 27.62 22.77 -15.25
CA ASN C 54 26.79 23.08 -16.41
C ASN C 54 27.13 24.40 -17.11
N GLN C 55 27.90 25.29 -16.49
CA GLN C 55 28.31 26.60 -17.03
C GLN C 55 27.12 27.56 -17.21
N LYS C 56 26.16 27.51 -16.28
CA LYS C 56 25.09 28.48 -16.24
C LYS C 56 25.27 29.40 -15.04
N ASN C 57 24.64 30.58 -15.13
CA ASN C 57 24.71 31.60 -14.09
C ASN C 57 23.36 31.66 -13.38
N TYR C 58 23.37 31.53 -12.06
CA TYR C 58 22.12 31.24 -11.34
C TYR C 58 21.44 32.53 -10.86
N LEU C 59 20.93 33.31 -11.83
CA LEU C 59 20.41 34.66 -11.59
C LEU C 59 19.19 34.94 -12.46
N ALA C 60 18.05 35.25 -11.83
CA ALA C 60 16.83 35.60 -12.54
C ALA C 60 16.48 37.08 -12.37
N TRP C 61 15.50 37.54 -13.16
CA TRP C 61 15.02 38.93 -13.18
C TRP C 61 13.50 38.95 -13.11
N TYR C 62 12.95 39.58 -12.09
CA TYR C 62 11.50 39.67 -11.95
C TYR C 62 11.03 41.11 -12.23
N GLN C 63 9.80 41.23 -12.74
CA GLN C 63 9.16 42.51 -13.11
C GLN C 63 7.93 42.75 -12.24
N GLN C 64 8.13 43.30 -11.06
CA GLN C 64 6.99 43.68 -10.22
C GLN C 64 6.46 45.06 -10.63
N LYS C 65 5.44 45.06 -11.49
CA LYS C 65 4.53 46.17 -11.56
C LYS C 65 3.79 46.27 -10.24
N LEU C 66 3.35 47.47 -9.90
CA LEU C 66 2.78 47.72 -8.57
C LEU C 66 1.52 46.88 -8.34
N GLY C 67 1.22 46.62 -7.07
CA GLY C 67 0.01 45.92 -6.71
C GLY C 67 -0.13 44.55 -7.35
N GLN C 68 0.96 44.05 -7.94
CA GLN C 68 0.98 42.75 -8.60
C GLN C 68 2.10 41.90 -8.05
N THR C 69 1.80 40.63 -7.89
CA THR C 69 2.83 39.64 -7.62
C THR C 69 3.91 39.70 -8.70
N PRO C 70 5.20 39.56 -8.34
CA PRO C 70 6.27 39.60 -9.34
C PRO C 70 6.06 38.68 -10.52
N LYS C 71 6.83 38.90 -11.58
CA LYS C 71 6.72 38.17 -12.85
C LYS C 71 8.12 37.99 -13.39
N LEU C 72 8.49 36.76 -13.74
CA LEU C 72 9.85 36.47 -14.15
C LEU C 72 10.08 36.96 -15.58
N LEU C 73 11.13 37.76 -15.76
CA LEU C 73 11.53 38.20 -17.11
C LEU C 73 12.63 37.33 -17.71
N ILE C 74 13.76 37.23 -17.03
CA ILE C 74 14.92 36.50 -17.54
C ILE C 74 15.28 35.39 -16.55
N TYR C 75 15.57 34.18 -17.04
CA TYR C 75 16.09 33.13 -16.18
C TYR C 75 17.49 32.74 -16.62
N TRP C 76 18.22 32.11 -15.68
CA TRP C 76 19.62 31.72 -15.86
C TRP C 76 20.46 32.87 -16.42
N ALA C 77 20.17 34.08 -15.95
CA ALA C 77 20.86 35.33 -16.28
C ALA C 77 20.55 35.88 -17.67
N SER C 78 20.10 35.04 -18.61
CA SER C 78 20.25 35.40 -20.01
C SER C 78 19.28 34.72 -20.98
N SER C 79 17.99 34.59 -20.62
CA SER C 79 17.05 33.84 -21.46
C SER C 79 15.64 34.34 -21.23
N ARG C 80 15.08 35.08 -22.20
CA ARG C 80 13.68 35.47 -22.13
C ARG C 80 12.83 34.23 -21.86
N GLU C 81 11.91 34.34 -20.92
CA GLU C 81 11.00 33.22 -20.83
C GLU C 81 9.99 33.30 -21.95
N SER C 82 9.21 32.23 -22.11
CA SER C 82 8.15 32.22 -23.12
C SER C 82 7.23 33.42 -22.93
N GLY C 83 6.86 34.06 -24.04
CA GLY C 83 5.98 35.22 -24.00
C GLY C 83 6.65 36.54 -23.66
N VAL C 84 7.87 36.53 -23.18
CA VAL C 84 8.51 37.80 -22.83
C VAL C 84 9.03 38.45 -24.11
N PRO C 85 8.77 39.75 -24.29
CA PRO C 85 9.16 40.45 -25.53
C PRO C 85 10.67 40.64 -25.68
N ASP C 86 11.12 40.59 -26.94
CA ASP C 86 12.54 40.61 -27.26
C ASP C 86 13.22 41.94 -26.91
N ARG C 87 12.48 42.97 -26.53
CA ARG C 87 13.15 44.21 -26.14
C ARG C 87 13.80 44.09 -24.77
N PHE C 88 13.40 43.08 -23.99
CA PHE C 88 14.08 42.70 -22.76
C PHE C 88 15.17 41.68 -23.08
N THR C 89 16.36 41.88 -22.50
CA THR C 89 17.44 40.90 -22.61
C THR C 89 18.38 41.05 -21.41
N GLY C 90 18.67 39.92 -20.75
CA GLY C 90 19.68 39.89 -19.72
C GLY C 90 21.05 39.56 -20.30
N SER C 91 22.08 39.82 -19.50
CA SER C 91 23.44 39.63 -19.96
C SER C 91 24.35 39.57 -18.75
N GLY C 92 25.58 39.11 -18.97
CA GLY C 92 26.62 39.14 -17.96
C GLY C 92 26.97 37.75 -17.45
N SER C 93 27.87 37.74 -16.47
CA SER C 93 28.43 36.52 -15.90
C SER C 93 29.27 36.87 -14.69
N GLY C 94 29.37 35.91 -13.76
CA GLY C 94 30.23 36.08 -12.63
C GLY C 94 29.69 37.07 -11.62
N THR C 95 30.03 38.34 -11.77
CA THR C 95 29.53 39.35 -10.85
C THR C 95 28.61 40.39 -11.49
N ASP C 96 28.88 40.87 -12.71
CA ASP C 96 28.17 42.01 -13.29
C ASP C 96 27.12 41.59 -14.32
N PHE C 97 25.86 41.51 -13.90
CA PHE C 97 24.79 41.22 -14.86
C PHE C 97 24.04 42.50 -15.22
N THR C 98 23.27 42.44 -16.29
CA THR C 98 22.66 43.66 -16.82
C THR C 98 21.34 43.37 -17.51
N LEU C 99 20.29 44.09 -17.12
CA LEU C 99 19.01 44.07 -17.81
C LEU C 99 18.90 45.26 -18.75
N THR C 100 18.53 45.00 -20.01
CA THR C 100 18.48 46.03 -21.05
C THR C 100 17.14 46.02 -21.76
N ILE C 101 16.33 47.05 -21.55
CA ILE C 101 15.16 47.29 -22.37
C ILE C 101 15.62 48.21 -23.50
N SER C 102 15.66 47.68 -24.71
CA SER C 102 15.77 48.50 -25.91
C SER C 102 14.38 49.07 -26.20
N SER C 103 14.26 50.41 -26.19
CA SER C 103 13.01 51.07 -26.56
C SER C 103 11.89 50.84 -25.55
N VAL C 104 12.01 51.43 -24.35
CA VAL C 104 11.02 51.20 -23.32
C VAL C 104 9.63 51.55 -23.82
N ARG C 105 8.63 51.00 -23.18
CA ARG C 105 7.25 51.29 -23.52
C ARG C 105 6.61 52.03 -22.37
N ALA C 106 5.35 52.39 -22.54
CA ALA C 106 4.56 52.91 -21.44
C ALA C 106 4.36 51.84 -20.37
N GLU C 107 4.09 50.60 -20.79
CA GLU C 107 3.77 49.52 -19.86
C GLU C 107 4.96 49.12 -18.99
N ASP C 108 6.19 49.43 -19.41
CA ASP C 108 7.38 48.95 -18.71
C ASP C 108 7.68 49.75 -17.43
N LEU C 109 6.66 50.34 -16.81
CA LEU C 109 6.77 50.98 -15.50
C LEU C 109 6.56 49.96 -14.38
N ALA C 110 7.58 49.75 -13.55
CA ALA C 110 7.60 48.71 -12.52
C ALA C 110 8.97 48.69 -11.85
N VAL C 111 9.04 48.06 -10.68
CA VAL C 111 10.31 47.79 -10.02
C VAL C 111 10.87 46.47 -10.56
N TYR C 112 12.17 46.44 -10.85
CA TYR C 112 12.81 45.29 -11.49
C TYR C 112 13.84 44.69 -10.56
N TYR C 113 13.51 43.58 -9.91
CA TYR C 113 14.46 42.92 -9.00
C TYR C 113 15.30 41.91 -9.77
N CYS C 114 16.58 41.86 -9.44
CA CYS C 114 17.41 40.71 -9.76
C CYS C 114 17.41 39.81 -8.54
N GLN C 115 17.45 38.49 -8.78
CA GLN C 115 17.48 37.51 -7.70
C GLN C 115 18.37 36.35 -8.12
N GLN C 116 19.20 35.92 -7.17
CA GLN C 116 20.17 34.84 -7.37
C GLN C 116 19.68 33.55 -6.75
N TYR C 117 20.20 32.43 -7.27
CA TYR C 117 19.90 31.12 -6.70
C TYR C 117 20.97 30.11 -7.05
N TYR C 118 22.24 30.43 -6.77
CA TYR C 118 23.35 29.50 -6.86
C TYR C 118 23.73 28.96 -5.48
N ARG C 119 23.21 29.59 -4.42
CA ARG C 119 23.25 29.07 -3.07
C ARG C 119 21.93 29.43 -2.40
N TYR C 120 21.58 28.66 -1.40
CA TYR C 120 20.70 29.13 -0.35
C TYR C 120 21.55 29.87 0.68
N PRO C 121 21.03 30.93 1.30
CA PRO C 121 19.65 31.40 1.23
C PRO C 121 19.43 32.16 -0.07
N LEU C 122 18.21 32.11 -0.58
CA LEU C 122 17.86 32.82 -1.80
C LEU C 122 17.75 34.32 -1.49
N THR C 123 18.53 35.12 -2.20
CA THR C 123 18.59 36.55 -1.97
C THR C 123 18.00 37.29 -3.15
N PHE C 124 17.33 38.39 -2.85
CA PHE C 124 16.82 39.35 -3.80
C PHE C 124 17.74 40.57 -3.81
N GLY C 125 17.73 41.29 -4.94
CA GLY C 125 18.32 42.61 -5.01
C GLY C 125 17.48 43.67 -4.31
N VAL C 126 18.04 44.87 -4.23
CA VAL C 126 17.33 45.94 -3.53
C VAL C 126 16.17 46.49 -4.37
N GLY C 127 16.27 46.43 -5.70
CA GLY C 127 15.22 46.96 -6.56
C GLY C 127 15.65 48.14 -7.41
N THR C 128 15.34 48.09 -8.70
CA THR C 128 15.49 49.22 -9.60
C THR C 128 14.10 49.68 -10.03
N LYS C 129 13.74 50.91 -9.70
CA LYS C 129 12.44 51.42 -10.12
C LYS C 129 12.55 52.08 -11.50
N LEU C 130 11.56 51.83 -12.33
CA LEU C 130 11.48 52.48 -13.62
C LEU C 130 10.28 53.40 -13.50
N GLU C 131 10.54 54.69 -13.30
CA GLU C 131 9.58 55.74 -13.63
C GLU C 131 9.64 56.00 -15.13
N LEU C 132 8.68 56.76 -15.64
CA LEU C 132 8.65 57.00 -17.07
C LEU C 132 8.59 58.50 -17.36
N LYS C 133 9.45 58.98 -18.26
CA LYS C 133 9.42 60.37 -18.72
C LYS C 133 8.46 60.52 -19.90
N ARG C 134 7.57 61.50 -19.79
CA ARG C 134 6.50 61.79 -20.74
C ARG C 134 6.73 63.21 -21.27
N THR C 135 5.72 63.79 -21.91
CA THR C 135 5.75 65.21 -22.18
C THR C 135 4.86 65.94 -21.18
N VAL C 136 5.21 67.18 -20.87
CA VAL C 136 4.53 67.96 -19.83
C VAL C 136 3.03 68.03 -20.12
N ALA C 137 2.23 67.97 -19.05
CA ALA C 137 0.77 67.89 -19.17
C ALA C 137 0.12 68.40 -17.89
N ALA C 138 -0.90 69.25 -18.04
CA ALA C 138 -1.55 70.04 -17.01
C ALA C 138 -2.66 69.24 -16.35
N PRO C 139 -2.79 69.35 -15.04
CA PRO C 139 -3.88 68.67 -14.33
C PRO C 139 -5.28 69.07 -14.74
N SER C 140 -6.24 68.68 -13.90
CA SER C 140 -7.67 68.97 -14.07
C SER C 140 -8.29 68.99 -12.69
N VAL C 141 -8.87 70.10 -12.26
CA VAL C 141 -9.25 70.29 -10.86
C VAL C 141 -10.75 70.25 -10.68
N PHE C 142 -11.17 69.50 -9.67
CA PHE C 142 -12.57 69.20 -9.38
C PHE C 142 -12.70 69.25 -7.87
N ILE C 143 -13.78 69.81 -7.37
CA ILE C 143 -13.95 69.89 -5.94
C ILE C 143 -15.20 69.13 -5.56
N PHE C 144 -15.12 68.37 -4.48
CA PHE C 144 -16.26 67.59 -4.00
C PHE C 144 -16.64 68.12 -2.63
N PRO C 145 -17.84 68.68 -2.48
CA PRO C 145 -18.34 69.03 -1.15
C PRO C 145 -18.82 67.80 -0.41
N PRO C 146 -18.51 67.68 0.89
CA PRO C 146 -18.81 66.42 1.57
C PRO C 146 -20.30 66.18 1.61
N SER C 147 -20.66 64.90 1.55
CA SER C 147 -22.05 64.46 1.49
C SER C 147 -22.81 64.91 2.72
N ASP C 148 -24.15 64.89 2.60
CA ASP C 148 -24.93 65.13 3.79
C ASP C 148 -25.05 63.87 4.63
N GLU C 149 -24.89 62.69 4.01
CA GLU C 149 -24.86 61.46 4.78
C GLU C 149 -23.78 61.53 5.86
N GLN C 150 -22.64 62.16 5.54
CA GLN C 150 -21.53 62.40 6.46
C GLN C 150 -21.69 63.68 7.30
N LEU C 151 -22.43 64.67 6.80
CA LEU C 151 -22.61 65.89 7.57
C LEU C 151 -23.41 65.61 8.84
N LYS C 152 -24.56 64.95 8.71
CA LYS C 152 -25.37 64.69 9.90
C LYS C 152 -24.61 63.86 10.94
N SER C 153 -23.60 63.07 10.53
CA SER C 153 -22.93 62.22 11.51
C SER C 153 -21.89 63.01 12.32
N GLY C 154 -21.21 63.98 11.70
CA GLY C 154 -20.38 64.88 12.47
C GLY C 154 -18.98 65.25 11.99
N THR C 155 -18.71 65.14 10.69
CA THR C 155 -17.45 65.63 10.12
C THR C 155 -17.72 66.18 8.72
N ALA C 156 -16.69 66.80 8.14
CA ALA C 156 -16.80 67.36 6.80
C ALA C 156 -15.47 67.20 6.06
N SER C 157 -15.51 66.51 4.93
CA SER C 157 -14.33 66.18 4.14
C SER C 157 -14.50 66.76 2.74
N VAL C 158 -13.64 67.70 2.40
CA VAL C 158 -13.58 68.29 1.06
C VAL C 158 -12.48 67.56 0.28
N VAL C 159 -12.72 67.31 -1.01
CA VAL C 159 -11.76 66.57 -1.83
C VAL C 159 -11.44 67.38 -3.06
N CYS C 160 -10.16 67.36 -3.46
CA CYS C 160 -9.61 68.18 -4.56
C CYS C 160 -8.81 67.25 -5.44
N LEU C 161 -9.45 66.60 -6.39
CA LEU C 161 -8.74 65.72 -7.29
C LEU C 161 -7.88 66.53 -8.28
N LEU C 162 -6.80 65.91 -8.75
CA LEU C 162 -5.95 66.51 -9.79
C LEU C 162 -5.61 65.42 -10.81
N ASN C 163 -6.53 65.13 -11.71
CA ASN C 163 -6.45 63.97 -12.58
C ASN C 163 -5.49 64.18 -13.75
N ASN C 164 -4.71 63.15 -14.06
CA ASN C 164 -3.98 63.01 -15.32
C ASN C 164 -2.97 64.14 -15.58
N PHE C 165 -2.01 64.30 -14.68
CA PHE C 165 -0.98 65.31 -14.93
C PHE C 165 0.43 64.73 -14.88
N TYR C 166 1.30 65.30 -15.73
CA TYR C 166 2.74 65.01 -15.67
C TYR C 166 3.52 66.30 -15.93
N PRO C 167 4.54 66.65 -15.12
CA PRO C 167 5.22 65.96 -14.01
C PRO C 167 4.44 65.84 -12.67
N ARG C 168 4.97 65.06 -11.72
CA ARG C 168 4.26 64.72 -10.49
C ARG C 168 3.99 65.92 -9.59
N GLU C 169 4.75 67.00 -9.76
CA GLU C 169 4.86 68.04 -8.75
C GLU C 169 3.74 69.07 -8.88
N ALA C 170 3.03 69.32 -7.79
CA ALA C 170 1.87 70.20 -7.81
C ALA C 170 1.52 70.67 -6.40
N LYS C 171 1.52 72.00 -6.20
CA LYS C 171 1.25 72.63 -4.91
C LYS C 171 -0.26 72.84 -4.75
N VAL C 172 -0.88 72.15 -3.78
CA VAL C 172 -2.30 72.25 -3.48
C VAL C 172 -2.46 73.05 -2.19
N GLN C 173 -3.44 73.97 -2.16
CA GLN C 173 -3.60 74.94 -1.06
C GLN C 173 -5.07 75.24 -0.87
N TRP C 174 -5.58 75.01 0.34
CA TRP C 174 -6.98 75.27 0.64
C TRP C 174 -7.21 76.70 1.11
N LYS C 175 -8.40 77.22 0.83
CA LYS C 175 -8.82 78.55 1.29
C LYS C 175 -10.30 78.52 1.66
N VAL C 176 -10.61 78.85 2.90
CA VAL C 176 -11.98 78.96 3.35
C VAL C 176 -12.26 80.44 3.56
N ASP C 177 -12.93 81.07 2.57
CA ASP C 177 -13.18 82.51 2.55
C ASP C 177 -11.86 83.26 2.40
N ASN C 178 -11.09 82.84 1.41
CA ASN C 178 -9.74 83.31 1.16
C ASN C 178 -8.78 83.10 2.33
N ALA C 179 -9.20 82.45 3.40
CA ALA C 179 -8.32 82.09 4.51
C ALA C 179 -7.54 80.83 4.16
N LEU C 180 -6.21 80.93 3.99
CA LEU C 180 -5.40 79.72 3.87
C LEU C 180 -5.65 78.76 5.04
N GLN C 181 -5.94 77.51 4.71
CA GLN C 181 -5.97 76.49 5.72
C GLN C 181 -4.59 75.90 5.92
N SER C 182 -4.44 75.22 7.03
CA SER C 182 -3.17 74.60 7.38
C SER C 182 -3.47 73.50 8.39
N GLY C 183 -2.74 72.39 8.28
CA GLY C 183 -2.82 71.34 9.27
C GLY C 183 -4.15 70.65 9.39
N ASN C 184 -4.83 70.45 8.26
CA ASN C 184 -5.92 69.48 8.18
C ASN C 184 -6.19 69.16 6.72
N SER C 185 -5.10 69.05 5.95
CA SER C 185 -5.11 68.33 4.68
C SER C 185 -4.17 67.13 4.76
N GLN C 186 -4.53 66.09 4.03
CA GLN C 186 -3.62 65.02 3.61
C GLN C 186 -3.77 64.89 2.11
N GLU C 187 -2.70 64.45 1.45
CA GLU C 187 -2.74 64.21 0.02
C GLU C 187 -2.29 62.78 -0.27
N SER C 188 -2.82 62.18 -1.33
CA SER C 188 -2.49 60.79 -1.68
C SER C 188 -2.23 60.70 -3.18
N VAL C 189 -1.07 60.16 -3.55
CA VAL C 189 -0.59 60.19 -4.92
C VAL C 189 -0.78 58.82 -5.56
N THR C 190 -1.17 58.80 -6.82
CA THR C 190 -1.23 57.50 -7.48
C THR C 190 0.18 57.12 -7.92
N GLU C 191 0.27 55.92 -8.47
CA GLU C 191 1.40 55.59 -9.31
C GLU C 191 1.21 56.25 -10.66
N GLN C 192 2.31 56.57 -11.30
CA GLN C 192 2.29 56.85 -12.71
C GLN C 192 1.33 55.91 -13.45
N ASP C 193 0.61 56.44 -14.44
CA ASP C 193 -0.24 55.62 -15.28
C ASP C 193 0.59 54.71 -16.20
N SER C 194 0.00 53.60 -16.62
CA SER C 194 0.66 52.70 -17.55
C SER C 194 0.16 52.87 -18.98
N LYS C 195 -0.86 53.68 -19.23
CA LYS C 195 -1.32 53.92 -20.59
C LYS C 195 -0.90 55.26 -21.17
N ASP C 196 -0.86 56.37 -20.38
CA ASP C 196 -0.23 57.62 -20.85
C ASP C 196 0.50 58.39 -19.76
N SER C 197 1.03 57.69 -18.75
CA SER C 197 2.09 58.16 -17.89
C SER C 197 1.71 59.32 -16.99
N THR C 198 0.44 59.67 -16.93
CA THR C 198 -0.03 60.75 -16.07
C THR C 198 -0.10 60.31 -14.58
N TYR C 199 -0.38 61.27 -13.69
CA TYR C 199 -0.44 61.04 -12.25
C TYR C 199 -1.88 61.24 -11.74
N SER C 200 -2.02 61.44 -10.42
CA SER C 200 -3.29 61.81 -9.80
C SER C 200 -3.11 62.10 -8.29
N LEU C 201 -3.69 63.20 -7.79
CA LEU C 201 -3.42 63.59 -6.40
C LEU C 201 -4.71 63.86 -5.62
N SER C 202 -4.71 63.44 -4.35
CA SER C 202 -5.92 63.28 -3.57
C SER C 202 -5.91 64.14 -2.33
N SER C 203 -5.76 65.44 -2.52
CA SER C 203 -5.81 66.36 -1.39
C SER C 203 -7.19 66.34 -0.75
N THR C 204 -7.24 65.92 0.49
CA THR C 204 -8.47 65.85 1.25
C THR C 204 -8.36 66.84 2.40
N LEU C 205 -9.38 67.67 2.55
CA LEU C 205 -9.47 68.63 3.64
C LEU C 205 -10.53 68.15 4.62
N THR C 206 -10.20 68.10 5.90
CA THR C 206 -11.17 67.73 6.92
C THR C 206 -11.43 68.92 7.85
N LEU C 207 -12.69 69.08 8.22
CA LEU C 207 -13.14 70.05 9.21
C LEU C 207 -14.20 69.34 10.05
N SER C 208 -14.96 70.10 10.81
CA SER C 208 -16.02 69.53 11.64
C SER C 208 -17.34 70.16 11.28
N LYS C 209 -18.44 69.45 11.59
CA LYS C 209 -19.76 70.05 11.49
C LYS C 209 -19.79 71.41 12.19
N ALA C 210 -19.00 71.54 13.27
CA ALA C 210 -18.88 72.76 14.05
C ALA C 210 -18.06 73.83 13.33
N ASP C 211 -16.92 73.48 12.71
CA ASP C 211 -16.05 74.44 12.03
C ASP C 211 -16.49 74.72 10.59
N TYR C 212 -17.15 73.75 9.95
CA TYR C 212 -17.47 73.87 8.53
C TYR C 212 -18.64 74.82 8.33
N GLU C 213 -19.54 74.89 9.30
CA GLU C 213 -20.63 75.86 9.24
C GLU C 213 -20.28 77.18 9.91
N LYS C 214 -19.02 77.56 9.73
CA LYS C 214 -18.55 78.89 10.03
C LYS C 214 -18.23 79.67 8.76
N HIS C 215 -18.56 79.13 7.58
CA HIS C 215 -18.03 79.68 6.33
C HIS C 215 -18.94 79.33 5.16
N LYS C 216 -18.58 79.87 3.99
CA LYS C 216 -19.31 79.75 2.74
C LYS C 216 -18.39 79.22 1.64
N VAL C 217 -17.44 80.04 1.19
CA VAL C 217 -16.49 79.63 0.16
C VAL C 217 -15.59 78.52 0.70
N TYR C 218 -15.50 77.40 -0.04
CA TYR C 218 -14.40 76.43 0.09
C TYR C 218 -13.78 76.29 -1.29
N ALA C 219 -12.46 76.31 -1.35
CA ALA C 219 -11.81 76.22 -2.66
C ALA C 219 -10.46 75.56 -2.52
N CYS C 220 -9.89 75.22 -3.66
CA CYS C 220 -8.52 74.76 -3.69
C CYS C 220 -7.78 75.29 -4.91
N GLU C 221 -6.57 75.76 -4.66
CA GLU C 221 -5.75 76.47 -5.64
C GLU C 221 -4.65 75.54 -6.11
N VAL C 222 -4.51 75.40 -7.42
CA VAL C 222 -3.77 74.28 -7.99
C VAL C 222 -2.67 74.86 -8.90
N THR C 223 -1.47 75.04 -8.33
CA THR C 223 -0.27 75.40 -9.06
C THR C 223 0.33 74.20 -9.79
N HIS C 224 0.76 74.40 -11.02
CA HIS C 224 1.41 73.31 -11.73
C HIS C 224 2.22 73.89 -12.88
N GLN C 225 3.33 73.24 -13.19
CA GLN C 225 4.13 73.61 -14.35
C GLN C 225 3.41 73.42 -15.67
N GLY C 226 2.16 72.94 -15.69
CA GLY C 226 1.38 72.94 -16.92
C GLY C 226 0.40 74.09 -16.90
N LEU C 227 -0.25 74.25 -15.75
CA LEU C 227 -1.18 75.34 -15.49
C LEU C 227 -0.45 76.67 -15.43
N SER C 228 -0.29 77.31 -16.59
CA SER C 228 0.45 78.57 -16.68
C SER C 228 0.01 79.55 -15.60
N SER C 229 -1.30 79.83 -15.55
CA SER C 229 -1.91 80.56 -14.44
C SER C 229 -2.58 79.59 -13.45
N PRO C 230 -2.54 79.88 -12.14
CA PRO C 230 -3.21 79.00 -11.17
C PRO C 230 -4.69 78.80 -11.46
N VAL C 231 -5.22 77.65 -11.02
CA VAL C 231 -6.64 77.30 -11.16
C VAL C 231 -7.25 76.99 -9.79
N THR C 232 -8.51 77.42 -9.62
CA THR C 232 -9.28 77.33 -8.37
C THR C 232 -10.68 76.83 -8.66
N LYS C 233 -11.01 75.68 -8.10
CA LYS C 233 -12.37 75.16 -8.08
C LYS C 233 -12.96 75.46 -6.72
N SER C 234 -14.27 75.69 -6.66
CA SER C 234 -14.79 76.11 -5.36
C SER C 234 -16.30 76.00 -5.29
N PHE C 235 -16.81 75.98 -4.06
CA PHE C 235 -18.22 75.76 -3.81
C PHE C 235 -18.65 76.47 -2.54
N ASN C 236 -19.96 76.47 -2.33
CA ASN C 236 -20.64 77.27 -1.31
C ASN C 236 -21.37 76.32 -0.38
N ARG C 237 -21.01 76.32 0.92
CA ARG C 237 -21.73 75.46 1.85
C ARG C 237 -23.22 75.65 1.72
N GLY C 238 -23.90 74.70 1.10
CA GLY C 238 -25.30 74.90 0.83
C GLY C 238 -26.08 73.62 0.72
N GLU C 239 -27.23 73.73 0.04
CA GLU C 239 -28.23 72.66 -0.15
C GLU C 239 -27.81 71.23 0.25
N THR D 1 16.02 25.19 44.65
CA THR D 1 15.87 25.57 43.25
C THR D 1 16.65 24.58 42.37
N ASN D 2 15.94 23.70 41.64
CA ASN D 2 16.56 22.70 40.76
C ASN D 2 15.70 22.48 39.52
N LEU D 3 16.31 22.52 38.33
CA LEU D 3 15.56 22.19 37.13
C LEU D 3 15.67 20.72 36.75
N CYS D 4 14.53 20.18 36.35
CA CYS D 4 14.47 18.84 35.80
C CYS D 4 15.24 18.81 34.48
N PRO D 5 15.91 17.70 34.19
CA PRO D 5 17.05 17.72 33.28
C PRO D 5 16.64 17.54 31.84
N PHE D 6 15.45 18.03 31.48
CA PHE D 6 14.83 17.75 30.19
C PHE D 6 15.78 17.98 29.03
N GLY D 7 16.87 18.73 29.24
CA GLY D 7 17.91 18.85 28.22
C GLY D 7 18.39 17.51 27.69
N GLU D 8 18.86 16.63 28.59
CA GLU D 8 19.36 15.32 28.19
C GLU D 8 18.25 14.36 27.83
N VAL D 9 17.01 14.67 28.16
CA VAL D 9 15.91 13.80 27.77
C VAL D 9 15.45 14.07 26.35
N PHE D 10 15.64 15.27 25.85
CA PHE D 10 15.06 15.68 24.57
C PHE D 10 16.08 15.89 23.47
N ASN D 11 17.31 16.26 23.81
CA ASN D 11 18.27 16.59 22.78
C ASN D 11 19.46 15.64 22.84
N ALA D 12 19.28 14.47 23.45
CA ALA D 12 20.30 13.44 23.51
C ALA D 12 20.71 12.96 22.12
N THR D 13 22.00 12.66 21.94
CA THR D 13 22.49 12.29 20.62
C THR D 13 21.69 11.15 20.04
N ARG D 14 21.38 10.17 20.88
CA ARG D 14 20.77 8.93 20.46
C ARG D 14 19.57 8.67 21.35
N PHE D 15 18.46 8.20 20.76
CA PHE D 15 17.38 7.63 21.54
C PHE D 15 17.46 6.11 21.53
N ALA D 16 16.56 5.47 22.29
CA ALA D 16 16.51 4.01 22.38
C ALA D 16 15.46 3.45 21.43
N SER D 17 15.49 2.11 21.25
CA SER D 17 14.57 1.43 20.34
C SER D 17 13.28 1.11 21.08
N VAL D 18 12.16 1.19 20.34
CA VAL D 18 10.88 1.35 21.02
C VAL D 18 10.57 0.14 21.88
N TYR D 19 11.05 -1.04 21.53
CA TYR D 19 10.88 -2.17 22.42
C TYR D 19 11.74 -2.01 23.67
N ALA D 20 12.95 -1.48 23.52
CA ALA D 20 13.84 -1.17 24.64
C ALA D 20 13.60 0.23 25.22
N TRP D 21 12.35 0.69 25.29
CA TRP D 21 12.06 2.10 25.57
C TRP D 21 12.62 2.47 26.93
N ASN D 22 13.24 3.66 26.98
CA ASN D 22 13.93 4.16 28.15
C ASN D 22 12.94 4.70 29.15
N ARG D 23 13.37 4.75 30.41
CA ARG D 23 12.62 5.42 31.45
C ARG D 23 13.61 6.15 32.33
N LYS D 24 13.51 7.49 32.39
CA LYS D 24 14.23 8.30 33.38
C LYS D 24 13.25 8.74 34.46
N ARG D 25 13.67 8.60 35.71
CA ARG D 25 12.83 8.96 36.84
C ARG D 25 13.06 10.43 37.13
N ILE D 26 11.98 11.12 37.46
CA ILE D 26 11.98 12.56 37.58
C ILE D 26 11.38 12.93 38.93
N SER D 27 12.23 13.42 39.83
CA SER D 27 11.78 13.94 41.13
C SER D 27 12.85 14.88 41.69
N ASN D 28 12.40 15.75 42.59
CA ASN D 28 13.24 16.75 43.27
C ASN D 28 13.79 17.77 42.28
N CYS D 29 12.90 18.47 41.59
CA CYS D 29 13.28 19.56 40.71
C CYS D 29 12.00 20.30 40.33
N VAL D 30 12.16 21.49 39.76
CA VAL D 30 11.06 22.25 39.16
C VAL D 30 11.27 22.33 37.66
N ALA D 31 10.20 22.08 36.93
CA ALA D 31 10.23 22.16 35.48
C ALA D 31 8.94 22.81 35.02
N ASP D 32 9.03 23.55 33.92
CA ASP D 32 7.94 24.35 33.38
C ASP D 32 7.41 23.67 32.13
N TYR D 33 6.44 22.77 32.32
CA TYR D 33 5.83 22.05 31.20
C TYR D 33 5.26 23.01 30.17
N SER D 34 5.11 24.27 30.55
CA SER D 34 4.57 25.26 29.63
C SER D 34 5.58 25.67 28.55
N VAL D 35 6.88 25.54 28.82
CA VAL D 35 7.84 25.90 27.78
C VAL D 35 8.00 24.80 26.73
N LEU D 36 7.81 23.53 27.10
CA LEU D 36 7.80 22.47 26.10
C LEU D 36 6.75 22.72 25.04
N TYR D 37 5.55 23.15 25.44
CA TYR D 37 4.53 23.38 24.42
C TYR D 37 4.95 24.51 23.48
N ASN D 38 5.39 25.63 24.03
CA ASN D 38 5.72 26.82 23.23
C ASN D 38 7.07 26.71 22.52
N SER D 39 7.74 25.55 22.58
CA SER D 39 8.93 25.37 21.75
C SER D 39 8.58 25.46 20.27
N ALA D 40 7.33 25.14 19.91
CA ALA D 40 6.86 25.12 18.52
C ALA D 40 7.77 24.26 17.66
N SER D 41 8.30 23.21 18.28
CA SER D 41 9.23 22.27 17.68
C SER D 41 8.65 20.86 17.60
N PHE D 42 7.35 20.70 17.88
CA PHE D 42 6.74 19.39 18.05
C PHE D 42 5.61 19.19 17.04
N SER D 43 5.49 17.98 16.53
CA SER D 43 4.41 17.64 15.63
C SER D 43 3.24 17.01 16.37
N THR D 44 3.39 16.77 17.66
CA THR D 44 2.37 16.14 18.50
C THR D 44 2.54 16.63 19.92
N PHE D 45 1.52 17.31 20.46
CA PHE D 45 1.49 17.61 21.89
C PHE D 45 0.06 17.37 22.36
N LYS D 46 -0.28 16.11 22.49
CA LYS D 46 -1.54 15.71 23.09
C LYS D 46 -1.33 15.41 24.57
N CYS D 47 -2.33 15.78 25.37
CA CYS D 47 -2.27 15.53 26.80
C CYS D 47 -3.59 14.92 27.24
N TYR D 48 -3.49 13.82 27.98
CA TYR D 48 -4.62 13.06 28.50
C TYR D 48 -4.63 13.16 30.01
N GLY D 49 -5.80 13.41 30.56
CA GLY D 49 -5.92 13.76 31.97
C GLY D 49 -5.69 15.23 32.23
N VAL D 50 -4.42 15.64 32.32
CA VAL D 50 -4.10 17.03 32.57
C VAL D 50 -4.41 17.88 31.34
N SER D 51 -4.14 19.17 31.44
CA SER D 51 -4.20 20.12 30.34
C SER D 51 -2.86 20.85 30.32
N PRO D 52 -2.29 21.10 29.13
CA PRO D 52 -1.00 21.83 29.12
C PRO D 52 -1.14 23.19 29.76
N THR D 53 -2.18 23.92 29.37
CA THR D 53 -2.66 25.11 30.06
C THR D 53 -2.89 24.81 31.54
N LYS D 54 -2.11 25.49 32.40
CA LYS D 54 -2.14 25.35 33.85
C LYS D 54 -1.76 23.92 34.24
N LEU D 55 -0.46 23.70 34.41
CA LEU D 55 0.07 22.34 34.48
C LEU D 55 1.39 22.31 35.25
N ASN D 56 2.29 23.24 34.93
CA ASN D 56 3.54 23.34 35.68
C ASN D 56 3.29 23.63 37.15
N ASP D 57 2.25 24.41 37.46
CA ASP D 57 1.88 24.78 38.82
C ASP D 57 0.97 23.75 39.50
N LEU D 58 1.12 22.47 39.18
CA LEU D 58 0.66 21.36 40.01
C LEU D 58 1.86 20.49 40.36
N CYS D 59 1.67 19.56 41.30
CA CYS D 59 2.77 18.69 41.72
C CYS D 59 2.39 17.22 41.59
N PHE D 60 3.42 16.38 41.61
CA PHE D 60 3.29 14.96 41.32
C PHE D 60 4.28 14.21 42.19
N THR D 61 3.84 13.06 42.71
CA THR D 61 4.72 12.21 43.50
C THR D 61 6.02 11.95 42.76
N ASN D 62 5.90 11.50 41.51
CA ASN D 62 7.03 11.17 40.68
C ASN D 62 6.60 11.33 39.24
N VAL D 63 7.55 11.76 38.40
CA VAL D 63 7.28 11.99 36.99
C VAL D 63 8.12 11.03 36.17
N TYR D 64 7.53 10.50 35.10
CA TYR D 64 8.13 9.45 34.28
C TYR D 64 8.27 9.93 32.85
N ALA D 65 9.50 9.91 32.34
CA ALA D 65 9.84 10.44 31.03
C ALA D 65 10.44 9.34 30.17
N ASP D 66 9.64 8.81 29.25
CA ASP D 66 9.97 7.62 28.48
C ASP D 66 10.28 8.02 27.04
N SER D 67 11.47 7.68 26.59
CA SER D 67 11.83 8.08 25.24
C SER D 67 12.11 6.85 24.35
N PHE D 68 11.92 7.08 23.06
CA PHE D 68 12.15 6.08 22.01
C PHE D 68 11.87 6.71 20.66
N VAL D 69 12.03 5.91 19.62
CA VAL D 69 11.80 6.32 18.25
C VAL D 69 10.83 5.35 17.60
N ILE D 70 9.82 5.87 16.93
CA ILE D 70 8.99 4.98 16.12
C ILE D 70 8.95 5.61 14.73
N ARG D 71 7.76 5.85 14.19
CA ARG D 71 7.69 6.50 12.90
C ARG D 71 6.33 7.17 12.77
N GLY D 72 6.18 7.97 11.71
CA GLY D 72 5.01 8.84 11.59
C GLY D 72 3.70 8.06 11.56
N ASP D 73 3.68 6.92 10.89
CA ASP D 73 2.48 6.12 10.77
C ASP D 73 2.07 5.47 12.08
N GLU D 74 2.86 5.60 13.12
CA GLU D 74 2.63 4.80 14.28
C GLU D 74 2.57 5.65 15.52
N VAL D 75 2.82 6.95 15.41
CA VAL D 75 2.63 7.78 16.57
C VAL D 75 1.21 7.61 17.07
N ARG D 76 0.28 7.46 16.12
CA ARG D 76 -1.14 7.32 16.40
C ARG D 76 -1.41 6.33 17.51
N GLN D 77 -0.59 5.30 17.63
CA GLN D 77 -0.77 4.30 18.67
C GLN D 77 -0.30 4.75 20.05
N ILE D 78 0.53 5.80 20.14
CA ILE D 78 0.96 6.23 21.48
C ILE D 78 -0.13 7.12 22.07
N ALA D 79 -1.35 6.59 22.16
CA ALA D 79 -2.50 7.28 22.75
C ALA D 79 -3.27 6.25 23.54
N PRO D 80 -4.03 6.66 24.55
CA PRO D 80 -4.76 5.67 25.35
C PRO D 80 -5.70 4.84 24.48
N GLY D 81 -5.61 3.52 24.62
CA GLY D 81 -6.57 2.62 24.01
C GLY D 81 -6.37 2.33 22.54
N GLN D 82 -5.53 3.08 21.83
CA GLN D 82 -5.30 2.75 20.44
C GLN D 82 -4.53 1.43 20.34
N THR D 83 -4.62 0.79 19.15
CA THR D 83 -4.09 -0.56 18.93
C THR D 83 -3.25 -0.62 17.65
N GLY D 84 -2.44 -1.66 17.56
CA GLY D 84 -1.49 -1.80 16.46
C GLY D 84 -0.22 -2.46 16.92
N LYS D 85 0.70 -2.68 15.99
CA LYS D 85 1.92 -3.43 16.29
C LYS D 85 2.64 -2.82 17.49
N ILE D 86 2.78 -1.49 17.50
CA ILE D 86 3.56 -0.84 18.54
C ILE D 86 2.83 -0.90 19.89
N ALA D 87 1.57 -0.47 19.91
CA ALA D 87 0.84 -0.39 21.17
C ALA D 87 0.63 -1.77 21.77
N ASP D 88 0.62 -2.81 20.92
CA ASP D 88 0.30 -4.15 21.41
C ASP D 88 1.53 -4.90 21.89
N TYR D 89 2.66 -4.75 21.20
CA TYR D 89 3.87 -5.50 21.53
C TYR D 89 5.06 -4.65 21.99
N ASN D 90 4.99 -3.31 21.92
CA ASN D 90 6.12 -2.47 22.30
C ASN D 90 5.82 -1.51 23.44
N TYR D 91 4.89 -0.56 23.26
CA TYR D 91 4.64 0.48 24.27
C TYR D 91 3.14 0.67 24.45
N LYS D 92 2.60 0.16 25.57
CA LYS D 92 1.19 0.30 25.86
C LYS D 92 1.02 1.41 26.88
N LEU D 93 0.06 2.28 26.61
CA LEU D 93 -0.36 3.40 27.44
C LEU D 93 -1.67 3.02 28.13
N PRO D 94 -1.77 3.18 29.46
CA PRO D 94 -3.02 2.84 30.14
C PRO D 94 -4.17 3.76 29.73
N ASP D 95 -5.37 3.18 29.65
CA ASP D 95 -6.58 3.93 29.31
C ASP D 95 -6.85 5.04 30.31
N ASP D 96 -6.34 4.90 31.53
CA ASP D 96 -6.37 5.91 32.57
C ASP D 96 -5.05 6.69 32.62
N PHE D 97 -4.73 7.31 31.48
CA PHE D 97 -3.50 8.07 31.36
C PHE D 97 -3.75 9.51 31.81
N THR D 98 -3.02 9.91 32.84
CA THR D 98 -2.91 11.31 33.22
C THR D 98 -1.46 11.70 32.91
N GLY D 99 -1.26 12.18 31.69
CA GLY D 99 0.08 12.47 31.23
C GLY D 99 0.04 13.19 29.90
N CYS D 100 1.21 13.25 29.26
CA CYS D 100 1.38 14.00 28.03
C CYS D 100 2.28 13.23 27.07
N VAL D 101 2.02 13.39 25.77
CA VAL D 101 2.63 12.57 24.72
C VAL D 101 3.21 13.51 23.66
N ILE D 102 4.53 13.71 23.68
CA ILE D 102 5.22 14.65 22.80
C ILE D 102 6.01 13.86 21.76
N ALA D 103 5.99 14.33 20.52
CA ALA D 103 6.72 13.67 19.44
C ALA D 103 7.10 14.70 18.39
N TRP D 104 8.01 14.31 17.51
CA TRP D 104 8.49 15.25 16.51
C TRP D 104 9.39 14.53 15.51
N ASN D 105 9.43 15.06 14.29
CA ASN D 105 10.22 14.47 13.22
C ASN D 105 11.68 14.32 13.63
N SER D 106 12.29 13.19 13.25
CA SER D 106 13.70 12.88 13.53
C SER D 106 14.50 12.62 12.27
N ASN D 107 13.97 12.92 11.10
CA ASN D 107 14.48 12.38 9.84
C ASN D 107 15.92 12.84 9.61
N ASN D 108 16.48 13.62 10.54
CA ASN D 108 17.81 14.20 10.37
C ASN D 108 18.85 13.59 11.26
N LEU D 109 18.45 12.71 12.15
CA LEU D 109 19.34 12.26 13.22
C LEU D 109 19.23 10.75 13.29
N ASP D 110 18.04 10.23 13.03
CA ASP D 110 17.76 8.81 13.07
C ASP D 110 17.37 8.25 11.71
N SER D 111 17.53 9.03 10.68
CA SER D 111 17.46 8.53 9.33
C SER D 111 18.89 8.59 8.80
N LYS D 112 19.19 7.78 7.79
CA LYS D 112 20.57 7.61 7.32
C LYS D 112 20.55 6.93 5.95
N VAL D 113 21.24 7.49 4.94
CA VAL D 113 20.99 7.01 3.58
C VAL D 113 21.57 5.61 3.40
N GLY D 114 20.93 4.84 2.52
CA GLY D 114 21.16 3.42 2.58
C GLY D 114 20.57 2.76 3.80
N GLY D 115 19.63 3.45 4.48
CA GLY D 115 18.97 2.88 5.63
C GLY D 115 19.75 2.93 6.93
N ASN D 116 19.09 3.39 7.99
CA ASN D 116 19.58 3.21 9.35
C ASN D 116 18.77 2.07 9.95
N TYR D 117 19.49 1.10 10.50
CA TYR D 117 18.90 -0.11 11.05
C TYR D 117 18.88 -0.19 12.57
N ASN D 118 19.62 0.66 13.30
CA ASN D 118 19.80 0.47 14.74
C ASN D 118 18.48 0.54 15.53
N TYR D 119 17.40 1.03 14.95
CA TYR D 119 16.12 1.15 15.63
C TYR D 119 15.24 -0.05 15.29
N LEU D 120 14.95 -0.88 16.28
CA LEU D 120 14.15 -2.08 16.10
C LEU D 120 12.76 -1.96 16.73
N TYR D 121 11.84 -2.83 16.31
CA TYR D 121 10.49 -2.96 16.89
C TYR D 121 10.07 -4.43 16.95
N ARG D 122 9.23 -4.78 17.92
CA ARG D 122 8.67 -6.14 17.93
C ARG D 122 7.69 -6.32 16.81
N LEU D 123 7.78 -7.46 16.14
CA LEU D 123 6.78 -7.74 15.15
C LEU D 123 5.82 -8.81 15.64
N PHE D 124 6.28 -9.69 16.55
CA PHE D 124 5.60 -10.90 16.99
C PHE D 124 5.55 -11.00 18.51
N ARG D 125 4.37 -11.28 19.08
CA ARG D 125 4.37 -11.57 20.50
C ARG D 125 3.18 -12.46 20.87
N LYS D 126 3.40 -13.27 21.91
CA LYS D 126 2.44 -14.29 22.30
C LYS D 126 1.18 -13.70 22.94
N SER D 127 1.16 -12.40 23.22
CA SER D 127 0.08 -11.68 23.88
C SER D 127 0.38 -10.19 23.81
N ASN D 128 -0.61 -9.38 24.18
CA ASN D 128 -0.44 -7.95 24.24
C ASN D 128 0.15 -7.53 25.60
N LEU D 129 0.81 -6.38 25.62
CA LEU D 129 1.53 -5.92 26.81
C LEU D 129 0.59 -5.33 27.87
N LYS D 130 0.77 -5.75 29.13
CA LYS D 130 0.16 -5.01 30.23
C LYS D 130 0.72 -3.60 30.23
N PRO D 131 -0.12 -2.57 30.44
CA PRO D 131 0.35 -1.19 30.27
C PRO D 131 1.62 -0.85 31.06
N PHE D 132 2.45 0.01 30.45
CA PHE D 132 3.74 0.48 30.94
C PHE D 132 4.75 -0.64 31.18
N GLU D 133 4.47 -1.85 30.68
CA GLU D 133 5.35 -3.00 30.76
C GLU D 133 6.20 -3.07 29.50
N ARG D 134 7.46 -3.47 29.69
CA ARG D 134 8.44 -3.57 28.63
C ARG D 134 8.84 -5.02 28.44
N ASP D 135 8.91 -5.44 27.19
CA ASP D 135 9.34 -6.78 26.83
C ASP D 135 10.61 -6.67 26.00
N ILE D 136 11.69 -7.26 26.51
CA ILE D 136 13.02 -7.11 25.96
C ILE D 136 13.50 -8.41 25.31
N SER D 137 12.68 -9.47 25.35
CA SER D 137 13.10 -10.83 25.02
C SER D 137 13.39 -11.01 23.54
N THR D 138 14.42 -11.78 23.23
CA THR D 138 14.64 -12.17 21.84
C THR D 138 14.63 -13.67 21.63
N GLU D 139 13.74 -14.40 22.29
CA GLU D 139 13.68 -15.81 21.97
C GLU D 139 12.99 -15.97 20.63
N ILE D 140 13.31 -17.06 19.93
CA ILE D 140 12.68 -17.32 18.64
C ILE D 140 11.19 -17.47 18.85
N TYR D 141 10.39 -16.70 18.11
CA TYR D 141 8.94 -16.78 18.19
C TYR D 141 8.47 -18.12 17.62
N GLN D 142 7.24 -18.50 17.99
CA GLN D 142 6.64 -19.82 17.71
C GLN D 142 5.18 -19.65 17.30
N ALA D 143 4.92 -19.49 16.00
CA ALA D 143 3.54 -19.42 15.57
C ALA D 143 2.97 -20.76 15.17
N GLY D 144 3.84 -21.73 14.84
CA GLY D 144 3.41 -23.09 14.63
C GLY D 144 3.13 -23.81 15.95
N SER D 145 2.50 -24.97 15.82
CA SER D 145 2.36 -25.91 16.92
C SER D 145 3.58 -26.78 17.04
N THR D 146 4.44 -26.77 16.04
CA THR D 146 5.72 -27.41 16.18
C THR D 146 6.68 -26.50 16.94
N PRO D 147 7.37 -27.02 17.93
CA PRO D 147 8.36 -26.21 18.65
C PRO D 147 9.46 -25.67 17.76
N CYS D 148 10.34 -24.88 18.34
CA CYS D 148 11.47 -24.35 17.61
C CYS D 148 12.81 -24.84 18.11
N ASN D 149 12.95 -25.17 19.41
CA ASN D 149 14.17 -25.79 19.92
C ASN D 149 15.41 -24.89 19.79
N GLY D 150 15.24 -23.68 19.29
CA GLY D 150 16.39 -22.84 19.06
C GLY D 150 16.58 -22.48 17.60
N VAL D 151 16.43 -23.46 16.73
CA VAL D 151 16.57 -23.19 15.30
C VAL D 151 15.37 -22.38 14.83
N GLU D 152 15.62 -21.46 13.91
CA GLU D 152 14.55 -20.63 13.37
C GLU D 152 14.36 -20.98 11.90
N GLY D 153 13.11 -20.93 11.44
CA GLY D 153 12.72 -21.44 10.15
C GLY D 153 11.21 -21.31 10.00
N PHE D 154 10.54 -22.34 9.47
CA PHE D 154 9.10 -22.25 9.20
C PHE D 154 8.33 -22.10 10.50
N ASN D 155 7.36 -21.19 10.52
CA ASN D 155 6.66 -20.79 11.74
C ASN D 155 7.58 -20.68 12.95
N CYS D 156 8.85 -20.31 12.74
CA CYS D 156 9.79 -20.06 13.83
C CYS D 156 10.57 -18.81 13.44
N TYR D 157 10.10 -17.65 13.90
CA TYR D 157 10.56 -16.35 13.49
C TYR D 157 11.32 -15.61 14.60
N PHE D 158 12.30 -14.80 14.18
CA PHE D 158 12.97 -13.91 15.11
C PHE D 158 12.10 -12.67 15.34
N PRO D 159 11.80 -12.31 16.60
CA PRO D 159 10.58 -11.55 16.87
C PRO D 159 10.73 -10.08 16.62
N LEU D 160 11.94 -9.61 16.33
CA LEU D 160 12.25 -8.20 16.11
C LEU D 160 12.53 -7.95 14.64
N GLN D 161 11.99 -6.87 14.10
CA GLN D 161 12.48 -6.39 12.81
C GLN D 161 13.17 -5.07 13.06
N SER D 162 13.84 -4.57 12.04
CA SER D 162 14.41 -3.24 12.09
C SER D 162 13.51 -2.28 11.31
N TYR D 163 13.78 -0.99 11.52
CA TYR D 163 12.96 0.10 11.02
C TYR D 163 13.51 0.69 9.74
N GLY D 164 14.81 0.56 9.53
CA GLY D 164 15.40 0.85 8.24
C GLY D 164 15.01 2.20 7.71
N PHE D 165 15.55 3.26 8.31
CA PHE D 165 15.02 4.61 8.14
C PHE D 165 15.71 5.30 6.97
N GLN D 166 14.93 5.78 6.02
CA GLN D 166 15.70 6.27 4.90
C GLN D 166 15.33 7.70 4.54
N PRO D 167 16.33 8.56 4.28
CA PRO D 167 16.11 10.01 4.41
C PRO D 167 15.08 10.55 3.48
N THR D 168 14.99 9.99 2.27
CA THR D 168 14.13 10.50 1.21
C THR D 168 12.75 9.87 1.20
N ASN D 169 12.27 9.38 2.33
CA ASN D 169 10.97 8.72 2.35
C ASN D 169 9.84 9.66 2.72
N GLY D 170 8.63 9.23 2.39
CA GLY D 170 7.44 9.90 2.86
C GLY D 170 7.44 10.08 4.37
N VAL D 171 6.89 11.20 4.83
CA VAL D 171 6.97 11.53 6.23
C VAL D 171 6.22 10.53 7.10
N GLY D 172 5.43 9.65 6.49
CA GLY D 172 4.89 8.53 7.25
C GLY D 172 5.93 7.49 7.63
N TYR D 173 6.96 7.28 6.79
CA TYR D 173 7.97 6.27 7.01
C TYR D 173 9.22 6.81 7.68
N GLN D 174 9.08 7.86 8.46
CA GLN D 174 10.21 8.70 8.85
C GLN D 174 10.44 8.63 10.36
N PRO D 175 11.67 8.74 10.82
CA PRO D 175 11.92 8.60 12.25
C PRO D 175 11.15 9.63 13.06
N TYR D 176 10.64 9.22 14.20
CA TYR D 176 10.07 10.18 15.13
C TYR D 176 10.59 9.90 16.52
N ARG D 177 11.14 10.91 17.18
CA ARG D 177 11.42 10.71 18.59
C ARG D 177 10.16 11.02 19.37
N VAL D 178 10.03 10.39 20.55
CA VAL D 178 8.78 10.47 21.31
C VAL D 178 9.16 10.50 22.77
N VAL D 179 8.81 11.57 23.46
CA VAL D 179 8.97 11.66 24.91
C VAL D 179 7.59 11.57 25.52
N VAL D 180 7.37 10.53 26.33
CA VAL D 180 6.11 10.33 27.02
C VAL D 180 6.29 10.68 28.48
N LEU D 181 5.44 11.58 28.95
CA LEU D 181 5.45 12.06 30.32
C LEU D 181 4.28 11.42 31.06
N SER D 182 4.59 10.60 32.05
CA SER D 182 3.60 10.10 32.99
C SER D 182 3.70 10.93 34.26
N PHE D 183 2.59 11.57 34.65
CA PHE D 183 2.52 12.41 35.86
C PHE D 183 1.89 11.59 36.98
N GLU D 184 2.68 10.70 37.56
CA GLU D 184 2.15 9.82 38.58
C GLU D 184 1.91 10.61 39.87
N LEU D 185 0.69 10.52 40.40
CA LEU D 185 0.29 11.24 41.61
C LEU D 185 0.06 10.22 42.73
N LEU D 186 1.14 9.55 43.16
CA LEU D 186 1.04 8.47 44.15
C LEU D 186 0.87 9.01 45.57
N HIS D 187 1.78 8.65 46.49
CA HIS D 187 1.64 9.01 47.90
C HIS D 187 2.88 9.69 48.46
N ALA D 188 4.06 9.32 47.94
CA ALA D 188 5.31 9.84 48.47
C ALA D 188 5.37 11.36 48.35
N PRO D 189 6.22 12.02 49.18
CA PRO D 189 6.40 13.48 49.05
C PRO D 189 6.62 13.95 47.61
N ALA D 190 5.71 14.80 47.11
CA ALA D 190 5.74 15.23 45.72
C ALA D 190 6.70 16.41 45.55
N THR D 191 7.79 16.20 44.80
CA THR D 191 8.80 17.24 44.61
C THR D 191 9.08 17.43 43.12
N VAL D 192 8.08 17.19 42.28
CA VAL D 192 8.22 17.53 40.89
C VAL D 192 7.21 18.63 40.59
N CYS D 193 7.63 19.88 40.58
CA CYS D 193 6.63 20.93 40.42
C CYS D 193 7.08 21.96 39.40
N GLY D 194 6.41 23.10 39.37
CA GLY D 194 6.81 24.20 38.52
C GLY D 194 6.56 25.59 39.09
N PRO D 195 6.79 26.63 38.26
CA PRO D 195 6.50 28.02 38.61
C PRO D 195 5.13 28.26 39.26
N GLU E 18 -18.16 -19.58 12.09
CA GLU E 18 -17.35 -20.76 12.42
C GLU E 18 -16.28 -21.06 11.37
N VAL E 19 -15.25 -21.79 11.79
CA VAL E 19 -14.14 -22.11 10.90
C VAL E 19 -14.63 -23.16 9.91
N GLN E 20 -14.80 -22.76 8.66
CA GLN E 20 -15.35 -23.62 7.62
C GLN E 20 -14.36 -23.62 6.46
N LEU E 21 -13.79 -24.78 6.18
CA LEU E 21 -12.76 -24.92 5.13
C LEU E 21 -13.41 -25.66 3.97
N GLN E 22 -13.78 -24.91 2.94
CA GLN E 22 -14.65 -25.43 1.88
C GLN E 22 -13.75 -25.65 0.68
N GLN E 23 -13.43 -26.91 0.44
CA GLN E 23 -12.62 -27.29 -0.69
C GLN E 23 -13.49 -27.35 -1.93
N SER E 24 -12.87 -27.52 -3.09
CA SER E 24 -13.70 -27.83 -4.23
C SER E 24 -12.85 -28.31 -5.37
N GLY E 25 -13.39 -29.31 -6.08
CA GLY E 25 -12.97 -29.66 -7.41
C GLY E 25 -12.67 -31.14 -7.55
N PRO E 26 -13.71 -31.96 -7.78
CA PRO E 26 -13.42 -33.33 -8.24
C PRO E 26 -12.81 -33.21 -9.63
N GLU E 27 -11.60 -33.72 -9.81
CA GLU E 27 -10.89 -33.50 -11.07
C GLU E 27 -10.51 -34.81 -11.74
N MET E 28 -10.48 -34.75 -13.08
CA MET E 28 -10.09 -35.90 -13.90
C MET E 28 -8.94 -35.44 -14.83
N VAL E 29 -7.73 -35.51 -14.30
CA VAL E 29 -6.54 -35.07 -15.01
C VAL E 29 -6.05 -36.19 -15.91
N LYS E 30 -5.58 -35.83 -17.08
CA LYS E 30 -4.82 -36.73 -17.93
C LYS E 30 -3.34 -36.62 -17.60
N PRO E 31 -2.54 -37.68 -17.80
CA PRO E 31 -1.18 -37.70 -17.26
C PRO E 31 -0.34 -36.49 -17.66
N GLY E 32 0.64 -36.20 -16.82
CA GLY E 32 1.56 -35.10 -17.06
C GLY E 32 0.92 -33.73 -17.21
N ALA E 33 -0.35 -33.58 -16.81
CA ALA E 33 -1.00 -32.27 -16.85
C ALA E 33 -0.86 -31.54 -15.51
N SER E 34 -1.85 -30.75 -15.12
CA SER E 34 -1.71 -30.03 -13.87
C SER E 34 -3.09 -29.80 -13.28
N VAL E 35 -3.12 -29.22 -12.08
CA VAL E 35 -4.34 -29.13 -11.30
C VAL E 35 -4.12 -28.17 -10.14
N LYS E 36 -5.20 -27.52 -9.68
CA LYS E 36 -5.12 -26.45 -8.68
C LYS E 36 -6.31 -26.65 -7.74
N ILE E 37 -6.14 -27.45 -6.68
CA ILE E 37 -7.21 -27.51 -5.67
C ILE E 37 -7.22 -26.19 -4.88
N SER E 38 -8.30 -25.91 -4.17
CA SER E 38 -8.36 -24.65 -3.43
C SER E 38 -9.19 -24.73 -2.14
N CYS E 39 -8.71 -24.06 -1.08
CA CYS E 39 -9.43 -23.90 0.19
C CYS E 39 -9.98 -22.48 0.40
N LYS E 40 -11.31 -22.34 0.33
CA LYS E 40 -12.01 -21.11 0.70
C LYS E 40 -12.20 -21.12 2.22
N THR E 41 -11.23 -20.62 2.96
CA THR E 41 -11.38 -20.60 4.41
C THR E 41 -12.23 -19.41 4.85
N SER E 42 -12.81 -19.52 6.04
CA SER E 42 -13.76 -18.52 6.51
C SER E 42 -14.08 -18.75 7.98
N GLY E 43 -14.24 -17.65 8.72
CA GLY E 43 -14.57 -17.67 10.13
C GLY E 43 -13.41 -17.33 11.04
N TYR E 44 -12.20 -17.28 10.51
CA TYR E 44 -11.00 -17.04 11.29
C TYR E 44 -10.15 -16.06 10.51
N THR E 45 -9.43 -15.23 11.27
CA THR E 45 -8.57 -14.20 10.70
C THR E 45 -7.52 -14.86 9.81
N PHE E 46 -7.84 -14.99 8.52
CA PHE E 46 -7.12 -15.86 7.58
C PHE E 46 -5.60 -15.75 7.67
N THR E 47 -5.06 -14.65 8.21
CA THR E 47 -3.62 -14.51 8.20
C THR E 47 -2.98 -15.24 9.38
N GLU E 48 -3.76 -15.55 10.40
CA GLU E 48 -3.19 -15.92 11.70
C GLU E 48 -2.86 -17.39 11.82
N TYR E 49 -3.59 -18.27 11.16
CA TYR E 49 -3.39 -19.69 11.33
C TYR E 49 -2.93 -20.34 10.03
N THR E 50 -1.97 -21.24 10.14
CA THR E 50 -1.31 -21.77 8.95
C THR E 50 -2.21 -22.81 8.28
N ILE E 51 -1.78 -23.30 7.12
CA ILE E 51 -2.58 -24.24 6.37
C ILE E 51 -1.72 -25.38 5.86
N TYR E 52 -2.13 -26.61 6.19
CA TYR E 52 -1.46 -27.86 5.86
C TYR E 52 -2.29 -28.60 4.85
N TRP E 53 -1.62 -29.22 3.89
CA TRP E 53 -2.27 -30.10 2.93
C TRP E 53 -1.85 -31.54 3.22
N VAL E 54 -2.82 -32.43 3.35
CA VAL E 54 -2.58 -33.83 3.62
C VAL E 54 -3.24 -34.66 2.52
N LYS E 55 -2.47 -35.59 1.94
CA LYS E 55 -2.89 -36.47 0.86
C LYS E 55 -3.30 -37.84 1.40
N GLN E 56 -4.42 -38.36 0.90
CA GLN E 56 -5.02 -39.62 1.33
C GLN E 56 -5.11 -40.53 0.12
N SER E 57 -4.20 -41.49 0.02
CA SER E 57 -4.33 -42.53 -0.97
C SER E 57 -5.49 -43.45 -0.59
N HIS E 58 -6.13 -44.03 -1.59
CA HIS E 58 -7.33 -44.85 -1.37
C HIS E 58 -7.06 -45.99 -0.42
N GLY E 59 -7.58 -45.88 0.80
CA GLY E 59 -7.39 -46.88 1.83
C GLY E 59 -5.93 -47.15 2.10
N LYS E 60 -5.20 -46.08 2.39
CA LYS E 60 -3.81 -46.18 2.77
C LYS E 60 -3.60 -45.13 3.86
N SER E 61 -2.37 -45.00 4.34
CA SER E 61 -2.11 -44.09 5.43
C SER E 61 -2.28 -42.64 4.94
N LEU E 62 -2.39 -41.72 5.89
CA LEU E 62 -2.29 -40.32 5.57
C LEU E 62 -0.83 -39.98 5.26
N GLU E 63 -0.65 -39.10 4.29
CA GLU E 63 0.66 -38.63 3.85
C GLU E 63 0.60 -37.10 3.96
N TRP E 64 1.53 -36.52 4.71
CA TRP E 64 1.63 -35.06 4.79
C TRP E 64 2.51 -34.55 3.67
N LEU E 65 2.06 -33.48 3.01
CA LEU E 65 2.87 -32.96 1.92
C LEU E 65 3.40 -31.55 2.15
N GLY E 66 2.70 -30.70 2.90
CA GLY E 66 3.32 -29.44 3.23
C GLY E 66 2.35 -28.45 3.85
N GLY E 67 2.87 -27.26 4.08
CA GLY E 67 2.12 -26.23 4.76
C GLY E 67 2.64 -24.88 4.32
N ILE E 68 1.81 -23.86 4.54
CA ILE E 68 2.08 -22.49 4.14
C ILE E 68 1.72 -21.57 5.31
N ASN E 69 2.49 -20.49 5.46
CA ASN E 69 2.12 -19.41 6.35
C ASN E 69 1.49 -18.28 5.54
N PRO E 70 0.19 -18.02 5.66
CA PRO E 70 -0.43 -17.01 4.78
C PRO E 70 0.00 -15.59 5.09
N ASN E 71 0.49 -15.33 6.31
CA ASN E 71 0.83 -13.99 6.79
C ASN E 71 2.24 -13.56 6.41
N ILE E 72 3.13 -14.50 6.16
CA ILE E 72 4.50 -14.20 5.74
C ILE E 72 4.88 -14.90 4.43
N GLY E 73 4.14 -15.92 3.97
CA GLY E 73 4.29 -16.46 2.64
C GLY E 73 5.02 -17.79 2.57
N ASP E 74 5.90 -18.06 3.52
CA ASP E 74 6.82 -19.21 3.45
C ASP E 74 6.08 -20.53 3.43
N THR E 75 6.72 -21.53 2.85
CA THR E 75 6.14 -22.86 2.63
C THR E 75 7.12 -23.94 3.02
N THR E 76 6.62 -24.96 3.71
CA THR E 76 7.41 -26.15 4.02
C THR E 76 6.83 -27.39 3.37
N TYR E 77 7.70 -28.33 3.03
CA TYR E 77 7.28 -29.46 2.22
C TYR E 77 7.83 -30.79 2.76
N ASN E 78 7.05 -31.85 2.55
CA ASN E 78 7.54 -33.21 2.74
C ASN E 78 8.34 -33.61 1.52
N GLN E 79 9.64 -33.86 1.71
CA GLN E 79 10.59 -34.02 0.60
C GLN E 79 10.06 -34.75 -0.65
N LYS E 80 9.28 -35.81 -0.42
CA LYS E 80 8.77 -36.65 -1.50
C LYS E 80 7.87 -35.88 -2.48
N PHE E 81 7.13 -34.87 -1.99
CA PHE E 81 6.32 -34.05 -2.88
C PHE E 81 6.94 -32.70 -3.16
N LYS E 82 8.21 -32.51 -2.80
CA LYS E 82 8.84 -31.20 -2.95
C LYS E 82 8.69 -30.68 -4.38
N GLY E 83 8.94 -31.54 -5.36
CA GLY E 83 8.70 -31.14 -6.73
C GLY E 83 7.22 -31.08 -7.07
N LYS E 84 6.45 -32.07 -6.65
CA LYS E 84 5.10 -32.24 -7.20
C LYS E 84 4.25 -31.02 -6.94
N ALA E 85 4.21 -30.55 -5.70
CA ALA E 85 3.16 -29.66 -5.25
C ALA E 85 3.71 -28.30 -4.83
N THR E 86 2.93 -27.27 -5.16
CA THR E 86 3.30 -25.90 -4.91
C THR E 86 2.20 -25.18 -4.14
N LEU E 87 2.51 -24.85 -2.88
CA LEU E 87 1.57 -24.24 -1.96
C LEU E 87 1.56 -22.73 -2.19
N THR E 88 0.42 -22.22 -2.62
CA THR E 88 0.20 -20.82 -2.84
C THR E 88 -0.95 -20.40 -1.94
N VAL E 89 -1.33 -19.12 -2.04
CA VAL E 89 -2.40 -18.56 -1.23
C VAL E 89 -2.80 -17.23 -1.86
N ASP E 90 -4.08 -16.89 -1.81
CA ASP E 90 -4.49 -15.50 -2.01
C ASP E 90 -4.93 -14.90 -0.68
N THR E 91 -4.06 -14.07 -0.11
CA THR E 91 -4.29 -13.46 1.20
C THR E 91 -5.59 -12.66 1.26
N SER E 92 -6.21 -12.39 0.10
CA SER E 92 -7.26 -11.40 -0.08
C SER E 92 -8.65 -12.01 -0.10
N SER E 93 -8.84 -13.14 -0.78
CA SER E 93 -10.08 -13.89 -0.70
C SER E 93 -9.98 -15.06 0.28
N SER E 94 -8.94 -15.08 1.12
CA SER E 94 -8.83 -16.06 2.21
C SER E 94 -8.66 -17.49 1.69
N THR E 95 -7.95 -17.67 0.57
CA THR E 95 -7.88 -18.94 -0.14
C THR E 95 -6.48 -19.51 -0.16
N ALA E 96 -6.38 -20.83 0.02
CA ALA E 96 -5.14 -21.58 -0.13
C ALA E 96 -5.21 -22.48 -1.36
N TYR E 97 -4.12 -22.53 -2.14
CA TYR E 97 -4.13 -23.23 -3.41
C TYR E 97 -3.03 -24.28 -3.43
N MET E 98 -3.32 -25.42 -4.03
CA MET E 98 -2.33 -26.45 -4.24
C MET E 98 -2.28 -26.84 -5.71
N GLU E 99 -1.09 -26.73 -6.31
CA GLU E 99 -0.90 -27.03 -7.72
C GLU E 99 0.06 -28.21 -7.85
N LEU E 100 -0.41 -29.24 -8.57
CA LEU E 100 0.31 -30.46 -8.86
C LEU E 100 0.77 -30.48 -10.31
N ARG E 101 1.95 -31.03 -10.54
CA ARG E 101 2.55 -31.03 -11.86
C ARG E 101 2.91 -32.44 -12.30
N SER E 102 3.14 -32.55 -13.61
CA SER E 102 3.52 -33.79 -14.30
C SER E 102 2.81 -35.00 -13.70
N LEU E 103 1.48 -34.92 -13.72
CA LEU E 103 0.64 -35.83 -12.95
C LEU E 103 0.70 -37.24 -13.51
N THR E 104 0.89 -38.20 -12.63
CA THR E 104 0.81 -39.62 -12.96
C THR E 104 -0.27 -40.26 -12.12
N SER E 105 -0.42 -41.58 -12.27
CA SER E 105 -1.58 -42.25 -11.67
C SER E 105 -1.45 -42.39 -10.16
N GLU E 106 -0.25 -42.21 -9.63
CA GLU E 106 -0.03 -42.28 -8.19
C GLU E 106 -0.67 -41.08 -7.49
N ASP E 107 -0.46 -39.88 -8.03
CA ASP E 107 -0.91 -38.62 -7.43
C ASP E 107 -2.43 -38.55 -7.33
N SER E 108 -3.13 -39.63 -7.66
CA SER E 108 -4.57 -39.68 -7.54
C SER E 108 -4.96 -40.17 -6.15
N ALA E 109 -5.63 -39.30 -5.41
CA ALA E 109 -5.90 -39.43 -3.98
C ALA E 109 -6.97 -38.40 -3.66
N VAL E 110 -7.54 -38.53 -2.47
CA VAL E 110 -8.19 -37.39 -1.84
C VAL E 110 -7.09 -36.52 -1.25
N TYR E 111 -7.17 -35.22 -1.51
CA TYR E 111 -6.27 -34.22 -0.95
C TYR E 111 -7.06 -33.36 0.01
N TYR E 112 -6.64 -33.31 1.27
CA TYR E 112 -7.28 -32.42 2.23
C TYR E 112 -6.44 -31.16 2.45
N CYS E 113 -7.08 -30.09 2.94
CA CYS E 113 -6.33 -29.01 3.57
C CYS E 113 -6.82 -28.92 5.01
N ALA E 114 -5.98 -28.39 5.89
CA ALA E 114 -6.39 -28.29 7.29
C ALA E 114 -5.74 -27.10 7.96
N ARG E 115 -6.50 -26.47 8.86
CA ARG E 115 -6.02 -25.32 9.61
C ARG E 115 -5.39 -25.75 10.92
N GLU E 116 -4.30 -25.10 11.27
CA GLU E 116 -3.55 -25.39 12.48
C GLU E 116 -4.10 -24.61 13.68
N VAL E 117 -3.77 -25.12 14.88
CA VAL E 117 -3.99 -24.46 16.15
C VAL E 117 -2.66 -24.47 16.88
N TYR E 118 -2.51 -23.64 17.92
CA TYR E 118 -1.29 -23.71 18.72
C TYR E 118 -1.16 -25.04 19.49
N ASN E 119 -2.25 -25.80 19.66
CA ASN E 119 -2.20 -27.01 20.48
C ASN E 119 -1.72 -28.23 19.71
N TYR E 120 -2.18 -28.41 18.46
CA TYR E 120 -1.82 -29.55 17.62
C TYR E 120 -1.72 -29.06 16.17
N SER E 121 -1.70 -29.97 15.21
CA SER E 121 -1.40 -29.55 13.86
C SER E 121 -2.60 -29.51 12.92
N PHE E 122 -3.69 -30.20 13.22
CA PHE E 122 -4.77 -30.41 12.25
C PHE E 122 -6.12 -30.30 12.96
N ALA E 123 -6.78 -29.15 12.86
CA ALA E 123 -7.95 -28.84 13.68
C ALA E 123 -9.25 -28.74 12.91
N TYR E 124 -9.24 -28.14 11.74
CA TYR E 124 -10.42 -27.94 10.93
C TYR E 124 -10.05 -28.48 9.56
N TRP E 125 -10.90 -29.30 8.97
CA TRP E 125 -10.52 -29.99 7.74
C TRP E 125 -11.38 -29.50 6.58
N GLY E 126 -10.97 -29.90 5.39
CA GLY E 126 -11.73 -29.61 4.21
C GLY E 126 -12.43 -30.85 3.72
N GLN E 127 -13.50 -30.66 2.93
CA GLN E 127 -14.35 -31.74 2.44
C GLN E 127 -13.57 -32.91 1.86
N GLY E 128 -12.31 -32.70 1.56
CA GLY E 128 -11.61 -33.54 0.63
C GLY E 128 -11.83 -33.07 -0.79
N THR E 129 -11.04 -33.64 -1.70
CA THR E 129 -11.12 -33.33 -3.13
C THR E 129 -10.47 -34.49 -3.86
N LEU E 130 -11.20 -35.13 -4.78
CA LEU E 130 -10.65 -36.30 -5.45
C LEU E 130 -9.97 -35.87 -6.76
N VAL E 131 -8.66 -36.09 -6.82
CA VAL E 131 -7.87 -35.96 -8.03
C VAL E 131 -7.75 -37.35 -8.60
N THR E 132 -8.34 -37.61 -9.76
CA THR E 132 -8.20 -38.90 -10.41
C THR E 132 -7.35 -38.71 -11.65
N VAL E 133 -6.25 -39.46 -11.74
CA VAL E 133 -5.37 -39.36 -12.90
C VAL E 133 -5.45 -40.64 -13.71
N SER E 134 -6.33 -40.67 -14.71
CA SER E 134 -6.37 -41.79 -15.63
C SER E 134 -5.59 -41.46 -16.88
N ALA E 135 -5.38 -42.48 -17.71
CA ALA E 135 -4.75 -42.31 -19.01
C ALA E 135 -5.74 -41.66 -19.99
N ALA E 136 -6.19 -40.46 -19.62
CA ALA E 136 -7.08 -39.62 -20.43
C ALA E 136 -8.20 -40.46 -21.03
N SER E 137 -8.84 -41.23 -20.18
CA SER E 137 -9.75 -42.27 -20.62
C SER E 137 -11.09 -41.70 -21.03
N THR E 138 -11.52 -42.03 -22.25
CA THR E 138 -12.91 -41.82 -22.68
C THR E 138 -13.88 -42.14 -21.55
N THR E 139 -14.82 -41.22 -21.31
CA THR E 139 -15.91 -41.56 -20.40
C THR E 139 -16.80 -42.65 -21.03
N LYS E 140 -16.52 -43.91 -20.72
CA LYS E 140 -17.12 -45.07 -21.40
C LYS E 140 -18.23 -45.70 -20.56
N GLY E 141 -19.29 -46.13 -21.24
CA GLY E 141 -20.33 -46.92 -20.62
C GLY E 141 -19.84 -48.34 -20.44
N PRO E 142 -20.46 -49.08 -19.49
CA PRO E 142 -19.97 -50.43 -19.18
C PRO E 142 -20.76 -51.52 -19.89
N SER E 143 -20.08 -52.47 -20.53
CA SER E 143 -20.75 -53.64 -21.11
C SER E 143 -21.10 -54.61 -19.98
N VAL E 144 -22.40 -54.77 -19.72
CA VAL E 144 -22.90 -55.63 -18.64
C VAL E 144 -22.98 -57.05 -19.17
N PHE E 145 -22.43 -57.99 -18.40
CA PHE E 145 -22.43 -59.39 -18.80
C PHE E 145 -22.99 -60.22 -17.66
N PRO E 146 -23.87 -61.20 -17.93
CA PRO E 146 -24.52 -61.93 -16.84
C PRO E 146 -23.60 -62.99 -16.28
N LEU E 147 -23.74 -63.22 -14.97
CA LEU E 147 -23.02 -64.26 -14.28
C LEU E 147 -24.02 -65.29 -13.80
N ALA E 148 -23.77 -66.56 -14.12
CA ALA E 148 -24.76 -67.59 -13.82
C ALA E 148 -24.04 -68.92 -13.70
N PRO E 149 -24.52 -69.83 -12.82
CA PRO E 149 -23.85 -71.13 -12.60
C PRO E 149 -23.88 -72.04 -13.83
N SER E 150 -23.25 -73.20 -13.73
CA SER E 150 -23.30 -74.21 -14.79
C SER E 150 -23.97 -75.50 -14.35
N SER E 151 -23.48 -76.13 -13.27
CA SER E 151 -23.97 -77.42 -12.81
C SER E 151 -25.13 -77.24 -11.83
N LYS E 152 -25.51 -78.31 -11.12
CA LYS E 152 -26.60 -78.22 -10.19
C LYS E 152 -26.16 -77.46 -8.93
N SER E 153 -27.14 -77.08 -8.11
CA SER E 153 -26.87 -76.31 -6.89
C SER E 153 -26.87 -77.20 -5.65
N THR E 154 -26.02 -78.25 -5.70
CA THR E 154 -25.63 -78.97 -4.50
C THR E 154 -24.45 -78.29 -3.80
N SER E 155 -24.22 -77.00 -4.03
CA SER E 155 -23.09 -76.30 -3.41
C SER E 155 -23.22 -76.28 -1.89
N GLY E 156 -24.33 -75.74 -1.38
CA GLY E 156 -24.57 -75.73 0.05
C GLY E 156 -24.89 -74.36 0.60
N GLY E 157 -25.98 -74.25 1.31
CA GLY E 157 -26.46 -72.97 1.85
C GLY E 157 -27.40 -72.16 0.96
N THR E 158 -27.12 -72.12 -0.36
CA THR E 158 -27.86 -71.33 -1.35
C THR E 158 -27.29 -71.47 -2.78
N ALA E 159 -27.77 -70.66 -3.73
CA ALA E 159 -27.20 -70.49 -5.07
C ALA E 159 -26.80 -69.04 -5.28
N ALA E 160 -26.15 -68.72 -6.41
CA ALA E 160 -25.53 -67.39 -6.56
C ALA E 160 -25.52 -66.91 -8.00
N LEU E 161 -26.14 -65.75 -8.28
CA LEU E 161 -26.10 -65.12 -9.59
C LEU E 161 -25.61 -63.68 -9.44
N GLY E 162 -25.13 -63.11 -10.55
CA GLY E 162 -24.50 -61.81 -10.43
C GLY E 162 -24.37 -61.09 -11.75
N CYS E 163 -23.95 -59.83 -11.63
CA CYS E 163 -23.85 -58.90 -12.76
C CYS E 163 -22.42 -58.38 -12.88
N LEU E 164 -21.68 -58.88 -13.88
CA LEU E 164 -20.40 -58.29 -14.21
C LEU E 164 -20.64 -57.00 -15.00
N VAL E 165 -19.93 -55.94 -14.62
CA VAL E 165 -20.06 -54.61 -15.23
C VAL E 165 -18.66 -54.19 -15.67
N LYS E 166 -18.31 -54.41 -16.93
CA LYS E 166 -16.93 -54.38 -17.38
C LYS E 166 -16.63 -53.16 -18.25
N ASP E 167 -15.44 -52.57 -18.02
CA ASP E 167 -14.84 -51.56 -18.92
C ASP E 167 -15.61 -50.25 -18.96
N TYR E 168 -15.64 -49.55 -17.82
CA TYR E 168 -16.31 -48.26 -17.77
C TYR E 168 -15.33 -47.21 -17.26
N PHE E 169 -15.78 -45.95 -17.35
CA PHE E 169 -15.07 -44.79 -16.82
C PHE E 169 -16.03 -43.62 -16.75
N PRO E 170 -15.97 -42.80 -15.70
CA PRO E 170 -15.23 -42.85 -14.43
C PRO E 170 -16.03 -43.45 -13.30
N GLU E 171 -15.48 -43.42 -12.08
CA GLU E 171 -15.79 -44.45 -11.10
C GLU E 171 -17.27 -44.67 -10.79
N PRO E 172 -18.07 -43.65 -10.49
CA PRO E 172 -19.40 -43.94 -9.94
C PRO E 172 -20.27 -44.82 -10.83
N VAL E 173 -20.38 -46.11 -10.45
CA VAL E 173 -21.45 -47.02 -10.88
C VAL E 173 -22.36 -47.24 -9.67
N THR E 174 -23.63 -47.50 -9.94
CA THR E 174 -24.61 -47.85 -8.90
C THR E 174 -25.42 -49.04 -9.41
N VAL E 175 -25.37 -50.14 -8.66
CA VAL E 175 -26.05 -51.38 -9.00
C VAL E 175 -27.15 -51.62 -7.98
N SER E 176 -28.38 -51.80 -8.46
CA SER E 176 -29.49 -52.30 -7.67
C SER E 176 -30.10 -53.47 -8.42
N TRP E 177 -30.86 -54.29 -7.71
CA TRP E 177 -31.39 -55.54 -8.24
C TRP E 177 -32.91 -55.53 -8.17
N ASN E 178 -33.55 -56.03 -9.23
CA ASN E 178 -35.02 -56.07 -9.32
C ASN E 178 -35.63 -54.68 -9.15
N SER E 179 -34.99 -53.67 -9.75
CA SER E 179 -35.38 -52.25 -9.60
C SER E 179 -35.38 -51.79 -8.14
N GLY E 180 -34.40 -52.26 -7.37
CA GLY E 180 -34.27 -51.84 -5.99
C GLY E 180 -35.17 -52.57 -5.01
N ALA E 181 -35.40 -53.87 -5.22
CA ALA E 181 -36.27 -54.69 -4.37
C ALA E 181 -35.49 -55.74 -3.59
N LEU E 182 -34.63 -56.50 -4.26
CA LEU E 182 -33.87 -57.60 -3.68
C LEU E 182 -32.64 -57.02 -2.99
N THR E 183 -32.78 -56.71 -1.69
CA THR E 183 -31.75 -55.98 -0.95
C THR E 183 -31.02 -56.86 0.06
N SER E 184 -31.30 -58.15 0.10
CA SER E 184 -30.63 -59.04 1.02
C SER E 184 -29.88 -60.12 0.26
N GLY E 185 -28.79 -60.59 0.84
CA GLY E 185 -27.94 -61.56 0.17
C GLY E 185 -27.17 -61.05 -1.02
N VAL E 186 -27.52 -59.90 -1.56
CA VAL E 186 -26.75 -59.27 -2.63
C VAL E 186 -25.62 -58.46 -2.01
N HIS E 187 -24.43 -58.59 -2.58
CA HIS E 187 -23.27 -57.73 -2.35
C HIS E 187 -22.97 -56.95 -3.63
N THR E 188 -22.26 -55.83 -3.48
CA THR E 188 -21.61 -55.17 -4.61
C THR E 188 -20.17 -54.91 -4.23
N PHE E 189 -19.27 -55.15 -5.14
CA PHE E 189 -17.87 -55.10 -4.73
C PHE E 189 -17.23 -53.75 -5.01
N PRO E 190 -16.15 -53.42 -4.32
CA PRO E 190 -15.28 -52.32 -4.75
C PRO E 190 -14.76 -52.51 -6.18
N ALA E 191 -14.71 -51.42 -6.93
CA ALA E 191 -14.22 -51.47 -8.31
C ALA E 191 -12.71 -51.56 -8.36
N VAL E 192 -12.19 -52.38 -9.28
CA VAL E 192 -10.77 -52.46 -9.58
C VAL E 192 -10.48 -51.66 -10.85
N LEU E 193 -9.21 -51.65 -11.30
CA LEU E 193 -8.77 -50.85 -12.45
C LEU E 193 -7.87 -51.70 -13.33
N GLN E 194 -8.44 -52.24 -14.42
CA GLN E 194 -7.67 -53.06 -15.34
C GLN E 194 -6.49 -52.29 -15.91
N SER E 195 -5.49 -53.03 -16.37
CA SER E 195 -4.38 -52.45 -17.11
C SER E 195 -4.86 -51.61 -18.30
N SER E 196 -6.09 -51.85 -18.76
CA SER E 196 -6.76 -51.01 -19.74
C SER E 196 -7.18 -49.66 -19.18
N GLY E 197 -6.87 -49.38 -17.92
CA GLY E 197 -7.31 -48.12 -17.34
C GLY E 197 -8.80 -47.94 -17.30
N LEU E 198 -9.57 -49.04 -17.35
CA LEU E 198 -11.03 -49.01 -17.21
C LEU E 198 -11.46 -49.78 -15.97
N TYR E 199 -12.36 -49.19 -15.19
CA TYR E 199 -12.87 -49.86 -13.99
C TYR E 199 -13.85 -50.96 -14.40
N SER E 200 -13.89 -52.03 -13.59
CA SER E 200 -14.71 -53.23 -13.89
C SER E 200 -15.34 -53.75 -12.60
N LEU E 201 -16.48 -53.18 -12.21
CA LEU E 201 -17.17 -53.58 -10.98
C LEU E 201 -18.07 -54.81 -11.20
N SER E 202 -18.01 -55.75 -10.26
CA SER E 202 -18.93 -56.89 -10.24
C SER E 202 -19.85 -56.81 -9.03
N SER E 203 -21.11 -57.20 -9.23
CA SER E 203 -22.13 -57.16 -8.20
C SER E 203 -22.89 -58.48 -8.26
N VAL E 204 -23.06 -59.13 -7.11
CA VAL E 204 -23.54 -60.51 -7.08
C VAL E 204 -24.54 -60.69 -5.94
N VAL E 205 -25.51 -61.60 -6.14
CA VAL E 205 -26.53 -61.88 -5.15
C VAL E 205 -26.59 -63.39 -4.92
N THR E 206 -26.90 -63.76 -3.69
CA THR E 206 -27.16 -65.15 -3.33
C THR E 206 -28.66 -65.35 -3.18
N VAL E 207 -29.17 -66.40 -3.81
CA VAL E 207 -30.60 -66.71 -3.93
C VAL E 207 -30.85 -68.18 -3.56
N PRO E 208 -31.95 -68.49 -2.84
CA PRO E 208 -32.33 -69.91 -2.64
C PRO E 208 -32.36 -70.72 -3.92
N SER E 209 -31.56 -71.77 -4.00
CA SER E 209 -31.54 -72.59 -5.21
C SER E 209 -32.87 -73.29 -5.46
N SER E 210 -33.82 -73.19 -4.52
CA SER E 210 -35.18 -73.66 -4.74
C SER E 210 -35.87 -72.89 -5.87
N SER E 211 -35.41 -71.67 -6.17
CA SER E 211 -35.91 -70.89 -7.29
C SER E 211 -34.83 -70.70 -8.35
N LEU E 212 -34.22 -71.81 -8.76
CA LEU E 212 -33.37 -71.89 -9.95
C LEU E 212 -34.26 -72.24 -11.14
N GLY E 213 -34.92 -71.20 -11.67
CA GLY E 213 -35.89 -71.38 -12.73
C GLY E 213 -37.20 -70.67 -12.43
N THR E 214 -37.75 -70.89 -11.23
CA THR E 214 -39.07 -70.35 -10.85
C THR E 214 -39.02 -68.86 -10.49
N GLN E 215 -37.83 -68.26 -10.36
CA GLN E 215 -37.72 -66.84 -10.09
C GLN E 215 -36.68 -66.24 -11.05
N THR E 216 -36.87 -64.96 -11.38
CA THR E 216 -36.10 -64.28 -12.41
C THR E 216 -35.43 -63.03 -11.84
N TYR E 217 -34.13 -62.88 -12.11
CA TYR E 217 -33.25 -61.93 -11.43
C TYR E 217 -32.60 -60.98 -12.43
N ILE E 218 -33.05 -59.73 -12.44
CA ILE E 218 -32.51 -58.69 -13.30
C ILE E 218 -31.81 -57.67 -12.41
N CYS E 219 -30.76 -57.05 -12.97
CA CYS E 219 -29.88 -56.12 -12.27
C CYS E 219 -29.79 -54.80 -13.02
N ASN E 220 -29.73 -53.70 -12.25
CA ASN E 220 -29.83 -52.33 -12.76
C ASN E 220 -28.49 -51.65 -12.58
N VAL E 221 -27.82 -51.32 -13.67
CA VAL E 221 -26.59 -50.52 -13.64
C VAL E 221 -26.98 -49.07 -13.96
N ASN E 222 -26.50 -48.11 -13.15
CA ASN E 222 -26.79 -46.70 -13.43
C ASN E 222 -25.48 -45.89 -13.44
N HIS E 223 -24.66 -46.13 -14.46
CA HIS E 223 -23.45 -45.36 -14.68
C HIS E 223 -23.79 -43.92 -15.11
N LYS E 224 -23.90 -43.01 -14.14
CA LYS E 224 -24.33 -41.63 -14.40
C LYS E 224 -23.36 -40.77 -15.22
N PRO E 225 -22.02 -41.00 -15.16
CA PRO E 225 -21.12 -40.16 -15.97
C PRO E 225 -21.39 -40.20 -17.47
N SER E 226 -21.31 -41.39 -18.06
CA SER E 226 -21.60 -41.60 -19.48
C SER E 226 -23.09 -41.63 -19.79
N ASN E 227 -23.94 -41.33 -18.80
CA ASN E 227 -25.41 -41.37 -18.92
C ASN E 227 -25.89 -42.71 -19.48
N THR E 228 -25.50 -43.77 -18.78
CA THR E 228 -25.85 -45.12 -19.18
C THR E 228 -26.64 -45.78 -18.06
N LYS E 229 -27.81 -46.33 -18.41
CA LYS E 229 -28.69 -46.99 -17.44
C LYS E 229 -29.21 -48.25 -18.16
N VAL E 230 -28.50 -49.36 -17.93
CA VAL E 230 -28.69 -50.62 -18.65
C VAL E 230 -29.06 -51.72 -17.67
N ASP E 231 -30.11 -52.46 -18.02
CA ASP E 231 -30.58 -53.63 -17.27
C ASP E 231 -30.13 -54.90 -17.99
N LYS E 232 -30.01 -55.98 -17.21
CA LYS E 232 -29.59 -57.25 -17.77
C LYS E 232 -29.99 -58.33 -16.79
N LYS E 233 -30.54 -59.43 -17.31
CA LYS E 233 -31.00 -60.55 -16.50
C LYS E 233 -29.91 -61.60 -16.36
N ALA E 234 -29.74 -62.10 -15.13
CA ALA E 234 -28.76 -63.16 -14.84
C ALA E 234 -29.53 -64.48 -14.71
N GLU E 235 -29.54 -65.25 -15.79
CA GLU E 235 -30.28 -66.52 -15.97
C GLU E 235 -31.47 -66.73 -15.03
N ASP F 21 11.67 -38.03 7.88
CA ASP F 21 12.75 -37.71 8.82
C ASP F 21 12.57 -38.57 10.08
N ILE F 22 11.55 -38.25 10.87
CA ILE F 22 11.18 -38.97 12.09
C ILE F 22 9.89 -39.71 11.79
N VAL F 23 9.88 -41.04 11.99
CA VAL F 23 8.82 -41.91 11.45
C VAL F 23 8.09 -42.64 12.57
N MET F 24 6.76 -42.68 12.47
CA MET F 24 5.90 -43.26 13.49
C MET F 24 5.56 -44.70 13.16
N SER F 25 5.62 -45.57 14.17
CA SER F 25 5.40 -47.00 13.99
C SER F 25 4.20 -47.46 14.80
N GLN F 26 3.02 -47.39 14.19
CA GLN F 26 1.84 -47.82 14.90
C GLN F 26 1.79 -49.34 14.98
N SER F 27 1.14 -49.84 16.01
CA SER F 27 0.89 -51.28 16.07
C SER F 27 -0.33 -51.54 16.93
N PRO F 28 -1.16 -52.54 16.59
CA PRO F 28 -0.98 -53.31 15.37
C PRO F 28 -1.81 -52.75 14.22
N SER F 29 -1.60 -53.30 13.02
CA SER F 29 -2.22 -52.76 11.81
C SER F 29 -3.74 -52.85 11.88
N SER F 30 -4.25 -54.07 12.09
CA SER F 30 -5.66 -54.37 12.21
C SER F 30 -5.92 -54.90 13.60
N LEU F 31 -7.10 -54.63 14.14
CA LEU F 31 -7.40 -55.15 15.48
C LEU F 31 -8.91 -55.27 15.63
N ALA F 32 -9.43 -56.47 15.45
CA ALA F 32 -10.83 -56.75 15.67
C ALA F 32 -11.03 -57.16 17.12
N VAL F 33 -12.09 -56.66 17.74
CA VAL F 33 -12.21 -56.70 19.19
C VAL F 33 -13.68 -56.61 19.56
N SER F 34 -13.99 -56.98 20.80
CA SER F 34 -15.37 -57.10 21.27
C SER F 34 -15.75 -55.90 22.12
N VAL F 35 -17.06 -55.60 22.17
CA VAL F 35 -17.54 -54.34 22.77
C VAL F 35 -17.20 -54.29 24.27
N GLY F 36 -17.17 -53.07 24.82
CA GLY F 36 -17.00 -52.82 26.25
C GLY F 36 -15.62 -53.10 26.78
N GLU F 37 -14.69 -53.49 25.92
CA GLU F 37 -13.41 -54.05 26.30
C GLU F 37 -12.37 -53.00 26.66
N LYS F 38 -11.14 -53.30 26.28
CA LYS F 38 -9.96 -52.50 26.59
C LYS F 38 -8.96 -52.82 25.49
N VAL F 39 -8.86 -51.92 24.50
CA VAL F 39 -7.94 -52.10 23.40
C VAL F 39 -6.85 -51.04 23.54
N THR F 40 -5.67 -51.35 23.01
CA THR F 40 -4.53 -50.47 23.13
C THR F 40 -3.74 -50.46 21.83
N MET F 41 -3.61 -49.26 21.26
CA MET F 41 -2.73 -49.02 20.12
C MET F 41 -1.36 -48.54 20.58
N SER F 42 -0.32 -49.18 20.05
CA SER F 42 1.05 -48.81 20.31
C SER F 42 1.55 -47.86 19.19
N CYS F 43 2.23 -46.79 19.60
CA CYS F 43 2.86 -45.89 18.63
C CYS F 43 4.29 -45.60 19.11
N LYS F 44 5.27 -45.97 18.29
CA LYS F 44 6.68 -45.81 18.60
C LYS F 44 7.33 -44.90 17.56
N SER F 45 8.22 -43.99 18.01
CA SER F 45 8.84 -42.99 17.17
C SER F 45 10.36 -43.12 17.20
N SER F 46 10.99 -42.78 16.08
CA SER F 46 12.42 -43.02 15.91
C SER F 46 13.30 -42.01 16.62
N GLN F 47 12.73 -40.89 17.11
CA GLN F 47 13.39 -39.93 18.00
C GLN F 47 12.39 -39.54 19.07
N SER F 48 12.89 -38.98 20.17
CA SER F 48 11.98 -38.61 21.25
C SER F 48 11.20 -37.38 20.87
N LEU F 49 9.92 -37.39 21.21
CA LEU F 49 9.04 -36.25 20.99
C LEU F 49 8.92 -35.38 22.24
N LEU F 50 9.89 -35.44 23.15
CA LEU F 50 9.91 -34.58 24.33
C LEU F 50 10.72 -33.33 24.05
N TYR F 51 10.05 -32.19 24.14
CA TYR F 51 10.68 -30.88 24.19
C TYR F 51 11.06 -30.58 25.65
N SER F 52 12.32 -30.22 25.90
CA SER F 52 12.81 -30.15 27.28
C SER F 52 12.18 -29.01 28.11
N SER F 53 12.17 -27.79 27.59
CA SER F 53 11.21 -26.83 28.11
C SER F 53 9.79 -27.32 27.82
N ASN F 54 8.79 -26.75 28.51
CA ASN F 54 7.40 -27.23 28.36
C ASN F 54 7.24 -28.68 28.80
N GLN F 55 8.31 -29.49 28.76
CA GLN F 55 8.27 -30.91 29.12
C GLN F 55 7.05 -31.67 28.62
N LYS F 56 6.62 -31.35 27.40
CA LYS F 56 5.50 -32.01 26.75
C LYS F 56 5.97 -32.73 25.51
N ASN F 57 5.40 -33.91 25.26
CA ASN F 57 5.67 -34.63 24.03
C ASN F 57 4.71 -34.15 22.96
N TYR F 58 5.15 -34.19 21.70
CA TYR F 58 4.42 -33.54 20.62
C TYR F 58 3.78 -34.60 19.70
N LEU F 59 2.62 -35.10 20.13
CA LEU F 59 2.02 -36.28 19.54
C LEU F 59 0.50 -36.17 19.59
N ALA F 60 -0.14 -36.45 18.48
CA ALA F 60 -1.60 -36.43 18.46
C ALA F 60 -2.14 -37.83 18.18
N TRP F 61 -3.42 -37.96 18.40
CA TRP F 61 -4.14 -39.19 18.09
C TRP F 61 -5.38 -38.76 17.34
N TYR F 62 -5.47 -39.15 16.06
CA TYR F 62 -6.64 -38.84 15.24
C TYR F 62 -7.48 -40.08 14.98
N GLN F 63 -8.78 -39.87 14.88
CA GLN F 63 -9.75 -40.92 14.61
C GLN F 63 -10.44 -40.66 13.28
N GLN F 64 -10.24 -41.55 12.31
CA GLN F 64 -10.91 -41.39 11.02
C GLN F 64 -11.94 -42.50 10.79
N LYS F 65 -13.19 -42.11 10.59
CA LYS F 65 -14.24 -43.06 10.20
C LYS F 65 -14.19 -43.27 8.68
N LEU F 66 -15.30 -43.71 8.08
CA LEU F 66 -15.33 -43.89 6.62
C LEU F 66 -15.73 -42.59 5.94
N GLY F 67 -14.84 -42.08 5.09
CA GLY F 67 -15.14 -40.85 4.40
C GLY F 67 -14.98 -39.65 5.29
N GLN F 68 -15.24 -39.81 6.58
CA GLN F 68 -14.85 -38.80 7.57
C GLN F 68 -13.45 -38.24 7.29
N THR F 69 -13.38 -36.93 7.25
CA THR F 69 -12.12 -36.28 7.54
C THR F 69 -11.67 -36.81 8.89
N PRO F 70 -10.38 -36.90 9.17
CA PRO F 70 -9.95 -37.32 10.51
C PRO F 70 -10.39 -36.29 11.54
N LYS F 71 -10.24 -36.64 12.82
CA LYS F 71 -10.55 -35.73 13.93
C LYS F 71 -9.61 -35.97 15.11
N LEU F 72 -9.36 -34.92 15.87
CA LEU F 72 -8.40 -34.99 16.96
C LEU F 72 -9.03 -35.51 18.25
N LEU F 73 -8.36 -36.48 18.89
CA LEU F 73 -8.72 -36.92 20.23
C LEU F 73 -7.75 -36.43 21.28
N ILE F 74 -6.46 -36.77 21.16
CA ILE F 74 -5.42 -36.43 22.10
C ILE F 74 -4.46 -35.49 21.40
N TYR F 75 -4.09 -34.40 22.06
CA TYR F 75 -2.95 -33.58 21.66
C TYR F 75 -1.95 -33.50 22.80
N TRP F 76 -0.71 -33.19 22.47
CA TRP F 76 0.40 -33.22 23.42
C TRP F 76 0.52 -34.58 24.09
N ALA F 77 -0.10 -35.59 23.48
CA ALA F 77 0.11 -37.00 23.78
C ALA F 77 -0.72 -37.35 25.00
N SER F 78 -1.27 -36.35 25.69
CA SER F 78 -1.85 -36.64 27.00
C SER F 78 -3.27 -36.15 27.23
N SER F 79 -3.63 -34.94 26.79
CA SER F 79 -4.95 -34.39 27.10
C SER F 79 -5.91 -34.58 25.93
N ARG F 80 -7.15 -34.91 26.25
CA ARG F 80 -8.17 -35.13 25.22
C ARG F 80 -8.93 -33.83 24.99
N GLU F 81 -9.32 -33.59 23.75
CA GLU F 81 -9.99 -32.35 23.37
C GLU F 81 -11.38 -32.24 23.97
N SER F 82 -11.88 -31.00 24.12
CA SER F 82 -13.29 -30.76 24.45
C SER F 82 -14.22 -31.37 23.40
N GLY F 83 -14.79 -32.54 23.71
CA GLY F 83 -15.68 -33.24 22.81
C GLY F 83 -15.33 -34.70 22.74
N VAL F 84 -14.30 -35.11 23.47
CA VAL F 84 -13.79 -36.47 23.42
C VAL F 84 -14.24 -37.21 24.68
N PRO F 85 -14.84 -38.38 24.56
CA PRO F 85 -15.29 -39.11 25.75
C PRO F 85 -14.12 -39.76 26.48
N ASP F 86 -14.39 -40.18 27.72
CA ASP F 86 -13.32 -40.60 28.62
C ASP F 86 -12.84 -42.01 28.39
N ARG F 87 -13.43 -42.75 27.45
CA ARG F 87 -12.87 -44.05 27.06
C ARG F 87 -11.47 -43.89 26.50
N PHE F 88 -11.25 -42.78 25.77
CA PHE F 88 -9.97 -42.46 25.14
C PHE F 88 -9.08 -41.72 26.13
N THR F 89 -7.82 -42.15 26.21
CA THR F 89 -6.81 -41.47 27.01
C THR F 89 -5.46 -41.74 26.38
N GLY F 90 -4.68 -40.66 26.17
CA GLY F 90 -3.31 -40.80 25.74
C GLY F 90 -2.38 -41.09 26.89
N SER F 91 -1.19 -41.57 26.56
CA SER F 91 -0.19 -41.90 27.56
C SER F 91 1.15 -42.12 26.87
N GLY F 92 2.19 -42.23 27.70
CA GLY F 92 3.56 -42.39 27.27
C GLY F 92 4.32 -41.06 27.24
N SER F 93 5.64 -41.18 27.18
CA SER F 93 6.47 -40.06 26.77
C SER F 93 7.79 -40.64 26.28
N GLY F 94 8.53 -39.85 25.56
CA GLY F 94 9.72 -40.35 24.90
C GLY F 94 9.37 -40.88 23.52
N THR F 95 9.62 -42.16 23.28
CA THR F 95 9.42 -42.76 21.97
C THR F 95 8.32 -43.81 21.93
N ASP F 96 7.51 -43.94 22.99
CA ASP F 96 6.43 -44.92 23.07
C ASP F 96 5.19 -44.24 23.61
N PHE F 97 4.09 -44.34 22.88
CA PHE F 97 2.85 -43.75 23.33
C PHE F 97 1.71 -44.76 23.14
N THR F 98 0.57 -44.44 23.74
CA THR F 98 -0.53 -45.38 23.82
C THR F 98 -1.87 -44.65 23.79
N LEU F 99 -2.67 -44.93 22.77
CA LEU F 99 -4.08 -44.61 22.79
C LEU F 99 -4.85 -45.84 23.27
N THR F 100 -5.67 -45.67 24.29
CA THR F 100 -6.40 -46.79 24.88
C THR F 100 -7.88 -46.44 24.91
N ILE F 101 -8.71 -47.41 24.55
CA ILE F 101 -10.16 -47.25 24.62
C ILE F 101 -10.59 -47.99 25.88
N SER F 102 -11.41 -47.35 26.74
CA SER F 102 -11.71 -47.97 28.04
C SER F 102 -12.89 -48.94 28.02
N SER F 103 -13.76 -48.89 26.99
CA SER F 103 -14.90 -49.79 26.88
C SER F 103 -15.51 -49.62 25.51
N VAL F 104 -14.84 -50.15 24.48
CA VAL F 104 -15.16 -49.80 23.10
C VAL F 104 -16.66 -49.91 22.84
N ARG F 105 -17.18 -48.96 22.06
CA ARG F 105 -18.56 -48.95 21.59
C ARG F 105 -18.57 -49.44 20.15
N ALA F 106 -19.77 -49.58 19.58
CA ALA F 106 -19.85 -49.94 18.17
C ALA F 106 -19.49 -48.77 17.27
N GLU F 107 -19.78 -47.53 17.71
CA GLU F 107 -19.40 -46.35 16.94
C GLU F 107 -17.88 -46.17 16.88
N ASP F 108 -17.15 -46.53 17.95
CA ASP F 108 -15.69 -46.33 18.00
C ASP F 108 -14.93 -47.16 16.96
N LEU F 109 -15.61 -47.63 15.92
CA LEU F 109 -14.97 -48.45 14.89
C LEU F 109 -14.43 -47.54 13.81
N ALA F 110 -13.12 -47.51 13.66
CA ALA F 110 -12.47 -46.59 12.73
C ALA F 110 -10.97 -46.88 12.69
N VAL F 111 -10.28 -46.18 11.80
CA VAL F 111 -8.83 -46.21 11.73
C VAL F 111 -8.34 -45.14 12.67
N TYR F 112 -7.25 -45.40 13.39
CA TYR F 112 -6.74 -44.45 14.37
C TYR F 112 -5.27 -44.17 14.06
N TYR F 113 -4.95 -42.90 13.83
CA TYR F 113 -3.61 -42.49 13.46
C TYR F 113 -2.92 -41.75 14.58
N CYS F 114 -1.62 -42.00 14.71
CA CYS F 114 -0.76 -41.15 15.53
C CYS F 114 0.09 -40.32 14.58
N GLN F 115 0.20 -39.03 14.89
CA GLN F 115 0.99 -38.05 14.15
C GLN F 115 1.88 -37.32 15.13
N GLN F 116 3.15 -37.15 14.76
CA GLN F 116 4.10 -36.35 15.52
C GLN F 116 4.27 -34.94 14.95
N TYR F 117 4.51 -33.98 15.83
CA TYR F 117 4.86 -32.66 15.36
C TYR F 117 5.94 -32.03 16.24
N TYR F 118 7.05 -32.75 16.41
CA TYR F 118 8.21 -32.21 17.11
C TYR F 118 9.21 -31.56 16.16
N ARG F 119 9.21 -32.00 14.90
CA ARG F 119 10.14 -31.53 13.91
C ARG F 119 9.38 -31.55 12.59
N TYR F 120 9.72 -30.61 11.70
CA TYR F 120 9.26 -30.73 10.33
C TYR F 120 10.29 -31.53 9.55
N PRO F 121 9.91 -32.58 8.80
CA PRO F 121 8.61 -33.03 8.31
C PRO F 121 7.72 -33.62 9.39
N LEU F 122 6.44 -33.27 9.27
CA LEU F 122 5.38 -33.93 10.02
C LEU F 122 5.21 -35.35 9.49
N THR F 123 4.92 -36.29 10.39
CA THR F 123 4.84 -37.69 10.02
C THR F 123 3.62 -38.35 10.65
N PHE F 124 3.02 -39.28 9.89
CA PHE F 124 1.91 -40.15 10.32
C PHE F 124 2.36 -41.61 10.41
N GLY F 125 1.92 -42.32 11.45
CA GLY F 125 2.05 -43.77 11.46
C GLY F 125 1.11 -44.44 10.46
N VAL F 126 1.23 -45.76 10.32
CA VAL F 126 0.46 -46.45 9.27
C VAL F 126 -1.02 -46.51 9.56
N GLY F 127 -1.45 -46.29 10.80
CA GLY F 127 -2.85 -46.33 11.20
C GLY F 127 -3.27 -47.69 11.71
N THR F 128 -4.21 -47.68 12.68
CA THR F 128 -4.77 -48.89 13.30
C THR F 128 -6.27 -48.97 13.00
N LYS F 129 -6.68 -49.97 12.19
CA LYS F 129 -8.09 -50.17 11.88
C LYS F 129 -8.72 -51.10 12.91
N LEU F 130 -9.82 -50.64 13.50
CA LEU F 130 -10.56 -51.38 14.50
C LEU F 130 -11.73 -52.05 13.78
N GLU F 131 -11.63 -53.38 13.56
CA GLU F 131 -12.72 -54.19 13.04
C GLU F 131 -13.49 -54.83 14.20
N LEU F 132 -14.55 -55.57 13.87
CA LEU F 132 -15.50 -56.04 14.88
C LEU F 132 -15.36 -57.55 15.05
N LYS F 133 -15.67 -58.03 16.25
CA LYS F 133 -15.45 -59.44 16.63
C LYS F 133 -16.66 -60.29 16.24
N ARG F 134 -16.44 -61.23 15.33
CA ARG F 134 -17.42 -62.22 14.95
C ARG F 134 -16.82 -63.60 15.20
N THR F 135 -17.61 -64.64 15.05
CA THR F 135 -17.02 -65.94 15.22
C THR F 135 -16.44 -66.38 13.89
N VAL F 136 -15.51 -67.34 13.93
CA VAL F 136 -14.90 -67.83 12.71
C VAL F 136 -15.99 -68.24 11.72
N ALA F 137 -15.78 -67.95 10.44
CA ALA F 137 -16.79 -68.20 9.42
C ALA F 137 -16.11 -68.51 8.09
N ALA F 138 -16.75 -69.40 7.32
CA ALA F 138 -16.19 -70.01 6.13
C ALA F 138 -16.87 -69.55 4.84
N PRO F 139 -16.17 -69.61 3.70
CA PRO F 139 -16.64 -68.92 2.50
C PRO F 139 -17.47 -69.77 1.53
N SER F 140 -18.74 -69.39 1.34
CA SER F 140 -19.71 -70.16 0.56
C SER F 140 -19.38 -70.06 -0.93
N VAL F 141 -18.34 -70.80 -1.37
CA VAL F 141 -17.72 -70.56 -2.67
C VAL F 141 -18.68 -70.82 -3.83
N PHE F 142 -18.61 -69.97 -4.86
CA PHE F 142 -19.29 -70.20 -6.12
C PHE F 142 -18.32 -69.93 -7.27
N ILE F 143 -18.74 -70.34 -8.47
CA ILE F 143 -17.96 -70.15 -9.68
C ILE F 143 -18.92 -69.74 -10.80
N PHE F 144 -18.49 -68.79 -11.63
CA PHE F 144 -19.27 -68.28 -12.76
C PHE F 144 -18.47 -68.44 -14.05
N PRO F 145 -19.03 -69.06 -15.09
CA PRO F 145 -18.36 -69.08 -16.41
C PRO F 145 -18.64 -67.81 -17.21
N PRO F 146 -17.93 -67.62 -18.33
CA PRO F 146 -18.09 -66.37 -19.08
C PRO F 146 -19.27 -66.47 -20.06
N SER F 147 -20.13 -65.45 -20.04
CA SER F 147 -21.24 -65.37 -20.99
C SER F 147 -20.71 -65.20 -22.41
N ASP F 148 -21.30 -65.93 -23.36
CA ASP F 148 -20.86 -65.83 -24.75
C ASP F 148 -21.01 -64.41 -25.29
N GLU F 149 -22.01 -63.66 -24.81
CA GLU F 149 -22.10 -62.22 -25.07
C GLU F 149 -20.75 -61.54 -24.82
N GLN F 150 -20.16 -61.80 -23.65
CA GLN F 150 -18.82 -61.31 -23.32
C GLN F 150 -17.74 -61.91 -24.23
N LEU F 151 -17.94 -63.15 -24.72
CA LEU F 151 -16.98 -63.80 -25.62
C LEU F 151 -17.00 -63.20 -27.02
N LYS F 152 -18.17 -62.73 -27.49
CA LYS F 152 -18.22 -61.98 -28.73
C LYS F 152 -17.26 -60.79 -28.67
N SER F 153 -17.23 -60.11 -27.53
CA SER F 153 -16.39 -58.93 -27.36
C SER F 153 -14.92 -59.26 -27.52
N GLY F 154 -14.52 -60.51 -27.27
CA GLY F 154 -13.16 -60.94 -27.45
C GLY F 154 -12.38 -61.24 -26.18
N THR F 155 -13.03 -61.23 -25.01
CA THR F 155 -12.39 -61.51 -23.73
C THR F 155 -13.07 -62.74 -23.10
N ALA F 156 -12.70 -63.07 -21.86
CA ALA F 156 -13.27 -64.23 -21.17
C ALA F 156 -13.16 -63.97 -19.68
N SER F 157 -14.28 -63.66 -19.04
CA SER F 157 -14.28 -63.30 -17.63
C SER F 157 -14.66 -64.53 -16.80
N VAL F 158 -13.64 -65.28 -16.42
CA VAL F 158 -13.80 -66.38 -15.48
C VAL F 158 -13.83 -65.80 -14.07
N VAL F 159 -14.91 -66.08 -13.35
CA VAL F 159 -15.19 -65.42 -12.08
C VAL F 159 -15.01 -66.45 -10.96
N CYS F 160 -15.00 -65.96 -9.72
CA CYS F 160 -14.98 -66.80 -8.53
C CYS F 160 -15.32 -65.88 -7.35
N LEU F 161 -16.33 -66.26 -6.59
CA LEU F 161 -16.79 -65.51 -5.42
C LEU F 161 -16.54 -66.34 -4.16
N LEU F 162 -16.59 -65.67 -3.01
CA LEU F 162 -16.44 -66.28 -1.69
C LEU F 162 -17.26 -65.46 -0.71
N ASN F 163 -18.30 -66.03 -0.11
CA ASN F 163 -19.35 -65.23 0.51
C ASN F 163 -19.44 -65.44 2.01
N ASN F 164 -19.37 -64.32 2.76
CA ASN F 164 -19.83 -64.17 4.14
C ASN F 164 -19.00 -64.99 5.13
N PHE F 165 -17.77 -64.52 5.33
CA PHE F 165 -16.82 -65.26 6.14
C PHE F 165 -15.93 -64.28 6.87
N TYR F 166 -15.24 -64.80 7.88
CA TYR F 166 -14.52 -64.04 8.90
C TYR F 166 -13.55 -64.97 9.57
N PRO F 167 -12.34 -64.52 9.91
CA PRO F 167 -11.83 -63.19 9.58
C PRO F 167 -11.25 -63.12 8.15
N ARG F 168 -10.60 -62.00 7.82
CA ARG F 168 -10.45 -61.52 6.45
C ARG F 168 -9.50 -62.33 5.56
N GLU F 169 -8.56 -63.09 6.11
CA GLU F 169 -7.43 -63.64 5.36
C GLU F 169 -7.81 -64.91 4.59
N ALA F 170 -8.20 -64.73 3.33
CA ALA F 170 -8.49 -65.81 2.42
C ALA F 170 -7.34 -65.93 1.43
N LYS F 171 -7.61 -66.59 0.30
CA LYS F 171 -6.69 -66.70 -0.82
C LYS F 171 -7.37 -67.52 -1.91
N VAL F 172 -7.06 -67.19 -3.16
CA VAL F 172 -7.64 -67.86 -4.32
C VAL F 172 -6.50 -68.27 -5.26
N GLN F 173 -6.69 -69.42 -5.89
CA GLN F 173 -5.69 -70.10 -6.71
C GLN F 173 -6.34 -70.47 -8.04
N TRP F 174 -5.81 -69.92 -9.15
CA TRP F 174 -6.42 -70.07 -10.47
C TRP F 174 -5.63 -71.09 -11.29
N LYS F 175 -6.11 -72.33 -11.30
CA LYS F 175 -5.54 -73.42 -12.08
C LYS F 175 -6.43 -73.72 -13.27
N VAL F 176 -5.82 -73.92 -14.44
CA VAL F 176 -6.51 -74.28 -15.68
C VAL F 176 -5.80 -75.51 -16.27
N ASP F 177 -6.52 -76.64 -16.30
CA ASP F 177 -5.97 -77.96 -16.69
C ASP F 177 -4.77 -78.33 -15.82
N ASN F 178 -4.81 -77.88 -14.55
CA ASN F 178 -3.82 -78.07 -13.50
C ASN F 178 -2.55 -77.25 -13.67
N ALA F 179 -2.56 -76.24 -14.55
CA ALA F 179 -1.44 -75.32 -14.71
C ALA F 179 -1.73 -74.01 -13.99
N LEU F 180 -0.74 -73.50 -13.27
CA LEU F 180 -0.95 -72.39 -12.35
C LEU F 180 -0.93 -71.06 -13.10
N GLN F 181 -2.04 -70.33 -13.02
CA GLN F 181 -2.20 -69.07 -13.73
C GLN F 181 -2.12 -67.92 -12.74
N SER F 182 -1.03 -67.17 -12.82
CA SER F 182 -0.74 -66.09 -11.88
C SER F 182 -0.42 -64.81 -12.63
N GLY F 183 -0.78 -63.68 -12.05
CA GLY F 183 -0.66 -62.42 -12.74
C GLY F 183 -1.60 -62.30 -13.92
N ASN F 184 -2.83 -62.79 -13.77
CA ASN F 184 -3.87 -62.59 -14.77
C ASN F 184 -5.22 -62.48 -14.10
N SER F 185 -5.26 -62.26 -12.79
CA SER F 185 -6.48 -62.12 -12.03
C SER F 185 -6.33 -60.97 -11.04
N GLN F 186 -7.43 -60.31 -10.75
CA GLN F 186 -7.46 -59.27 -9.74
C GLN F 186 -8.63 -59.55 -8.82
N GLU F 187 -8.52 -59.09 -7.58
CA GLU F 187 -9.60 -59.31 -6.64
C GLU F 187 -10.02 -58.00 -6.00
N SER F 188 -11.10 -58.10 -5.23
CA SER F 188 -11.73 -56.95 -4.59
C SER F 188 -12.49 -57.51 -3.40
N VAL F 189 -12.20 -56.99 -2.20
CA VAL F 189 -12.88 -57.42 -0.99
C VAL F 189 -13.98 -56.43 -0.66
N THR F 190 -14.78 -56.73 0.35
CA THR F 190 -15.75 -55.79 0.88
C THR F 190 -15.22 -55.21 2.18
N GLU F 191 -15.91 -54.22 2.70
CA GLU F 191 -15.68 -53.92 4.10
C GLU F 191 -16.72 -54.67 4.92
N GLN F 192 -16.40 -54.89 6.19
CA GLN F 192 -17.19 -55.78 7.05
C GLN F 192 -18.67 -55.45 6.91
N ASP F 193 -19.52 -56.47 7.07
CA ASP F 193 -20.95 -56.24 6.90
C ASP F 193 -21.58 -55.89 8.25
N SER F 194 -22.51 -54.92 8.25
CA SER F 194 -23.03 -54.39 9.51
C SER F 194 -23.51 -55.48 10.43
N LYS F 195 -24.25 -56.45 9.87
CA LYS F 195 -24.87 -57.52 10.65
C LYS F 195 -23.93 -58.70 10.93
N ASP F 196 -23.77 -59.61 9.96
CA ASP F 196 -22.95 -60.81 10.20
C ASP F 196 -21.46 -60.52 10.27
N SER F 197 -21.00 -59.26 10.25
CA SER F 197 -19.60 -58.86 10.44
C SER F 197 -18.64 -59.82 9.76
N THR F 198 -18.99 -60.25 8.58
CA THR F 198 -18.09 -61.02 7.75
C THR F 198 -17.74 -60.17 6.54
N TYR F 199 -16.95 -60.75 5.66
CA TYR F 199 -16.46 -60.11 4.46
C TYR F 199 -17.12 -60.74 3.23
N SER F 200 -16.45 -60.70 2.08
CA SER F 200 -16.80 -61.37 0.84
C SER F 200 -15.69 -61.07 -0.15
N LEU F 201 -15.23 -62.07 -0.91
CA LEU F 201 -14.17 -61.88 -1.88
C LEU F 201 -14.66 -62.24 -3.27
N SER F 202 -14.31 -61.43 -4.27
CA SER F 202 -14.57 -61.76 -5.66
C SER F 202 -13.29 -61.63 -6.46
N SER F 203 -12.83 -62.74 -7.02
CA SER F 203 -11.61 -62.80 -7.81
C SER F 203 -12.00 -63.06 -9.25
N THR F 204 -11.48 -62.25 -10.18
CA THR F 204 -11.84 -62.39 -11.60
C THR F 204 -10.61 -62.65 -12.46
N LEU F 205 -10.71 -63.67 -13.31
CA LEU F 205 -9.64 -64.10 -14.19
C LEU F 205 -9.89 -63.59 -15.61
N THR F 206 -8.81 -63.20 -16.30
CA THR F 206 -8.90 -62.50 -17.59
C THR F 206 -8.16 -63.32 -18.63
N LEU F 207 -8.92 -63.99 -19.50
CA LEU F 207 -8.34 -64.69 -20.64
C LEU F 207 -8.77 -63.99 -21.93
N SER F 208 -8.19 -64.43 -23.04
CA SER F 208 -8.63 -64.04 -24.37
C SER F 208 -9.38 -65.21 -24.99
N LYS F 209 -10.53 -64.93 -25.61
CA LYS F 209 -11.35 -65.98 -26.22
C LYS F 209 -10.51 -66.94 -27.06
N ALA F 210 -9.36 -66.49 -27.56
CA ALA F 210 -8.42 -67.39 -28.19
C ALA F 210 -7.84 -68.36 -27.17
N ASP F 211 -7.36 -67.83 -26.03
CA ASP F 211 -6.78 -68.68 -25.01
C ASP F 211 -7.86 -69.51 -24.31
N TYR F 212 -8.98 -68.87 -23.99
CA TYR F 212 -10.03 -69.49 -23.20
C TYR F 212 -10.56 -70.78 -23.81
N GLU F 213 -10.40 -70.97 -25.12
CA GLU F 213 -10.85 -72.20 -25.74
C GLU F 213 -9.75 -73.23 -25.90
N LYS F 214 -8.47 -72.81 -25.82
CA LYS F 214 -7.33 -73.71 -25.90
C LYS F 214 -7.18 -74.63 -24.66
N HIS F 215 -8.16 -74.70 -23.76
CA HIS F 215 -8.09 -75.58 -22.59
C HIS F 215 -9.51 -76.00 -22.22
N LYS F 216 -9.63 -76.94 -21.26
CA LYS F 216 -10.93 -77.56 -20.96
C LYS F 216 -11.43 -77.39 -19.54
N VAL F 217 -10.58 -77.50 -18.52
CA VAL F 217 -10.99 -77.42 -17.12
C VAL F 217 -10.59 -76.06 -16.54
N TYR F 218 -11.49 -75.44 -15.77
CA TYR F 218 -11.28 -74.11 -15.19
C TYR F 218 -11.77 -74.12 -13.75
N ALA F 219 -10.85 -74.08 -12.79
CA ALA F 219 -11.26 -74.10 -11.39
C ALA F 219 -10.43 -73.14 -10.55
N CYS F 220 -11.09 -72.54 -9.56
CA CYS F 220 -10.46 -71.77 -8.50
C CYS F 220 -10.47 -72.59 -7.21
N GLU F 221 -9.42 -72.41 -6.40
CA GLU F 221 -9.20 -73.19 -5.18
C GLU F 221 -9.09 -72.26 -3.98
N VAL F 222 -10.15 -72.21 -3.17
CA VAL F 222 -10.26 -71.29 -2.05
C VAL F 222 -9.65 -71.89 -0.79
N THR F 223 -9.04 -71.05 0.04
CA THR F 223 -8.10 -71.58 1.01
C THR F 223 -8.31 -71.00 2.40
N HIS F 224 -9.51 -70.51 2.68
CA HIS F 224 -9.74 -69.76 3.92
C HIS F 224 -9.38 -70.56 5.18
N GLN F 225 -9.20 -69.81 6.27
CA GLN F 225 -8.87 -70.38 7.57
C GLN F 225 -9.84 -71.48 7.98
N GLY F 226 -11.14 -71.24 7.81
CA GLY F 226 -12.17 -72.06 8.43
C GLY F 226 -12.57 -73.35 7.73
N LEU F 227 -11.71 -73.81 6.84
CA LEU F 227 -11.97 -75.05 6.13
C LEU F 227 -11.20 -76.22 6.75
N SER F 228 -11.52 -77.41 6.26
CA SER F 228 -10.78 -78.64 6.49
C SER F 228 -9.73 -78.85 5.41
N SER F 229 -10.18 -78.77 4.17
CA SER F 229 -9.39 -78.88 2.95
C SER F 229 -9.75 -77.71 2.06
N PRO F 230 -8.95 -77.43 1.02
CA PRO F 230 -9.31 -76.38 0.05
C PRO F 230 -10.52 -76.79 -0.80
N VAL F 231 -11.49 -75.88 -0.92
CA VAL F 231 -12.62 -76.06 -1.82
C VAL F 231 -12.18 -75.85 -3.26
N THR F 232 -12.63 -76.73 -4.17
CA THR F 232 -12.31 -76.64 -5.61
C THR F 232 -13.64 -76.62 -6.40
N LYS F 233 -14.40 -75.53 -6.26
CA LYS F 233 -15.57 -75.31 -7.11
C LYS F 233 -15.11 -75.10 -8.56
N SER F 234 -15.82 -75.70 -9.51
CA SER F 234 -15.25 -75.89 -10.83
C SER F 234 -16.32 -76.07 -11.90
N PHE F 235 -15.93 -75.81 -13.16
CA PHE F 235 -16.75 -75.99 -14.35
C PHE F 235 -15.84 -76.36 -15.51
N ASN F 236 -16.43 -76.86 -16.58
CA ASN F 236 -15.71 -77.21 -17.81
C ASN F 236 -16.24 -76.40 -18.99
N ARG F 237 -15.36 -76.04 -19.92
CA ARG F 237 -15.78 -75.31 -21.12
C ARG F 237 -16.47 -76.25 -22.07
N GLY F 238 -17.79 -76.15 -22.19
CA GLY F 238 -18.56 -76.96 -23.13
C GLY F 238 -19.66 -77.79 -22.51
N GLU F 239 -19.79 -77.82 -21.18
CA GLU F 239 -20.78 -78.64 -20.48
C GLU F 239 -20.64 -80.13 -20.83
C1 NAG G . 19.00 -24.79 -10.63
C2 NAG G . 18.92 -25.42 -12.04
C3 NAG G . 17.99 -26.64 -12.06
C4 NAG G . 18.33 -27.63 -10.95
C5 NAG G . 18.29 -26.88 -9.63
C6 NAG G . 18.53 -27.77 -8.42
C7 NAG G . 19.02 -24.28 -14.23
C8 NAG G . 18.40 -23.21 -15.09
N2 NAG G . 18.49 -24.43 -13.02
O3 NAG G . 18.05 -27.26 -13.33
O4 NAG G . 17.39 -28.70 -10.82
O5 NAG G . 19.28 -25.84 -9.64
O6 NAG G . 19.90 -27.97 -8.11
O7 NAG G . 19.95 -24.97 -14.62
C1 NAG G . 17.73 -29.95 -11.42
C2 NAG G . 17.31 -31.12 -10.53
C3 NAG G . 17.38 -32.45 -11.29
C4 NAG G . 16.59 -32.36 -12.59
C5 NAG G . 17.09 -31.17 -13.40
C6 NAG G . 16.26 -30.90 -14.64
C7 NAG G . 17.62 -31.08 -8.09
C8 NAG G . 18.60 -31.23 -6.96
N2 NAG G . 18.12 -31.21 -9.33
O3 NAG G . 16.85 -33.50 -10.49
O4 NAG G . 16.73 -33.57 -13.33
O5 NAG G . 17.01 -29.98 -12.60
O6 NAG G . 15.10 -30.14 -14.32
O7 NAG G . 16.43 -30.83 -7.89
C1 FUC G . 19.92 -27.94 -6.66
C2 FUC G . 21.27 -28.58 -6.14
C3 FUC G . 22.43 -27.68 -6.53
C4 FUC G . 22.18 -26.18 -6.02
C5 FUC G . 20.79 -25.65 -6.55
C6 FUC G . 20.36 -24.25 -6.07
O2 FUC G . 21.46 -29.96 -6.54
O3 FUC G . 23.65 -28.20 -6.02
O4 FUC G . 22.20 -26.10 -4.59
O5 FUC G . 19.73 -26.57 -6.17
C1 NAG H . 13.33 25.47 -18.74
C2 NAG H . 12.19 26.06 -19.51
C3 NAG H . 11.98 25.28 -20.80
C4 NAG H . 13.26 25.39 -21.63
C5 NAG H . 14.43 24.86 -20.78
C6 NAG H . 15.79 24.98 -21.45
C7 NAG H . 10.36 27.25 -18.42
C8 NAG H . 9.12 27.15 -17.58
N2 NAG H . 10.97 26.11 -18.71
O3 NAG H . 10.85 25.76 -21.51
O4 NAG H . 13.18 24.64 -22.83
O5 NAG H . 14.52 25.54 -19.52
O6 NAG H . 16.41 23.71 -21.56
O7 NAG H . 10.77 28.34 -18.83
C1 NAG H . 12.53 25.08 -24.12
C2 NAG H . 12.14 26.54 -24.42
C3 NAG H . 11.41 26.56 -25.75
C4 NAG H . 12.19 25.83 -26.87
C5 NAG H . 13.20 24.73 -26.46
C6 NAG H . 14.50 24.83 -27.22
C7 NAG H . 11.14 28.48 -23.22
C8 NAG H . 10.26 28.89 -22.08
N2 NAG H . 11.31 27.15 -23.37
O3 NAG H . 11.13 27.91 -26.12
O4 NAG H . 11.28 25.26 -27.81
O5 NAG H . 13.55 24.68 -25.07
O6 NAG H . 15.09 23.56 -27.46
O7 NAG H . 11.66 29.29 -23.97
C1 BMA H . 11.23 23.80 -27.92
C2 BMA H . 9.75 23.29 -28.11
C3 BMA H . 9.72 21.74 -28.20
C4 BMA H . 10.64 21.22 -29.32
C5 BMA H . 12.09 21.75 -29.12
C6 BMA H . 13.03 21.33 -30.27
O2 BMA H . 9.20 23.80 -29.31
O3 BMA H . 8.39 21.18 -28.37
O4 BMA H . 10.63 19.78 -29.35
O5 BMA H . 12.08 23.24 -28.99
O6 BMA H . 14.37 21.79 -30.01
C1 FUC H . 17.78 23.74 -21.10
C2 FUC H . 18.34 22.40 -21.64
C3 FUC H . 19.52 22.56 -22.60
C4 FUC H . 20.52 23.58 -22.03
C5 FUC H . 19.82 24.94 -22.15
C6 FUC H . 20.64 26.17 -21.65
O2 FUC H . 17.26 21.66 -22.26
O3 FUC H . 20.20 21.30 -22.84
O4 FUC H . 20.87 23.26 -20.67
O5 FUC H . 18.49 24.97 -21.48
C1 NAG I . 16.47 21.15 23.71
C2 NAG I . 16.97 22.12 24.79
C3 NAG I . 17.69 23.36 24.21
C4 NAG I . 17.02 23.96 22.97
C5 NAG I . 16.47 22.96 21.99
C6 NAG I . 17.52 22.34 21.10
C7 NAG I . 15.13 21.63 26.38
C8 NAG I . 14.21 22.22 27.41
N2 NAG I . 15.96 22.49 25.78
O3 NAG I . 19.03 22.98 23.90
O4 NAG I . 16.12 25.03 23.24
O5 NAG I . 15.78 21.89 22.65
O6 NAG I . 18.20 23.33 20.32
O7 NAG I . 15.09 20.44 26.11
C1 NAG I . 17.02 26.09 22.75
C2 NAG I . 16.36 27.19 21.90
C3 NAG I . 17.47 28.04 21.29
C4 NAG I . 18.41 28.57 22.38
C5 NAG I . 18.81 27.55 23.47
C6 NAG I . 19.37 28.20 24.71
C7 NAG I . 14.33 27.23 20.48
C8 NAG I . 13.96 28.51 21.19
N2 NAG I . 15.49 26.65 20.87
O3 NAG I . 16.93 29.10 20.51
O4 NAG I . 19.61 29.01 21.76
O5 NAG I . 17.70 26.73 23.90
O6 NAG I . 19.94 27.26 25.60
O7 NAG I . 13.62 26.75 19.61
C1 FUC I . 19.42 22.84 19.70
C2 FUC I . 20.31 24.10 19.41
C3 FUC I . 21.05 24.57 20.68
C4 FUC I . 21.92 23.41 21.27
C5 FUC I . 20.97 22.27 21.65
C6 FUC I . 21.64 21.06 22.28
O2 FUC I . 19.55 25.15 18.84
O3 FUC I . 21.86 25.72 20.43
O4 FUC I . 22.92 22.94 20.35
O5 FUC I . 20.13 21.82 20.49
C1 NAG J . -5.44 -25.85 24.02
C2 NAG J . -6.99 -25.71 24.16
C3 NAG J . -7.35 -24.83 25.37
C4 NAG J . -6.62 -25.27 26.63
C5 NAG J . -5.12 -25.33 26.35
C6 NAG J . -4.26 -25.73 27.54
C7 NAG J . -7.75 -25.84 21.81
C8 NAG J . -8.39 -25.10 20.68
N2 NAG J . -7.58 -25.15 22.94
O3 NAG J . -8.76 -24.88 25.57
O4 NAG J . -6.87 -24.31 27.65
O5 NAG J . -4.87 -26.29 25.30
O6 NAG J . -2.90 -25.38 27.36
O7 NAG J . -7.39 -27.02 21.71
C1 NAG J . -7.60 -24.76 28.83
C2 NAG J . -8.66 -23.67 29.14
C3 NAG J . -9.40 -24.03 30.43
C4 NAG J . -9.96 -25.46 30.36
C5 NAG J . -8.86 -26.45 29.97
C6 NAG J . -9.34 -27.88 29.81
C7 NAG J . -8.21 -21.37 28.36
C8 NAG J . -7.45 -20.10 28.60
N2 NAG J . -8.04 -22.35 29.26
O3 NAG J . -10.44 -23.08 30.67
O4 NAG J . -10.50 -25.86 31.62
O5 NAG J . -8.26 -26.07 28.72
O6 NAG J . -9.96 -28.13 28.56
O7 NAG J . -8.94 -21.50 27.38
C1 BMA J . -11.92 -26.19 31.50
C2 BMA J . -12.29 -27.25 32.58
C3 BMA J . -13.80 -27.56 32.53
C4 BMA J . -14.67 -26.27 32.50
C5 BMA J . -14.15 -25.22 31.43
C6 BMA J . -14.86 -23.85 31.50
O2 BMA J . -12.03 -26.74 33.90
O3 BMA J . -14.20 -28.41 33.64
O4 BMA J . -16.03 -26.62 32.23
O5 BMA J . -12.74 -25.01 31.64
O6 BMA J . -14.13 -22.87 30.74
C1 FUC J . -2.53 -24.09 27.94
C2 FUC J . -0.97 -24.00 27.95
C3 FUC J . -0.41 -23.70 26.51
C4 FUC J . -1.09 -22.44 25.89
C5 FUC J . -2.62 -22.59 25.92
C6 FUC J . -3.36 -21.30 25.55
O2 FUC J . -0.37 -25.17 28.55
O3 FUC J . 1.04 -23.54 26.48
O4 FUC J . -0.71 -21.23 26.58
O5 FUC J . -3.11 -22.95 27.26
#